data_6WT1
# 
_entry.id   6WT1 
# 
_audit_conform.dict_name       mmcif_pdbx.dic 
_audit_conform.dict_version    5.380 
_audit_conform.dict_location   http://mmcif.pdb.org/dictionaries/ascii/mmcif_pdbx.dic 
# 
loop_
_database_2.database_id 
_database_2.database_code 
_database_2.pdbx_database_accession 
_database_2.pdbx_DOI 
PDB   6WT1         pdb_00006wt1 10.2210/pdb6wt1/pdb 
WWPDB D_1000248859 ?            ?                   
# 
_pdbx_database_status.status_code                     REL 
_pdbx_database_status.status_code_sf                  REL 
_pdbx_database_status.status_code_mr                  ? 
_pdbx_database_status.entry_id                        6WT1 
_pdbx_database_status.recvd_initial_deposition_date   2020-05-01 
_pdbx_database_status.SG_entry                        N 
_pdbx_database_status.deposit_site                    RCSB 
_pdbx_database_status.process_site                    RCSB 
_pdbx_database_status.status_code_cs                  ? 
_pdbx_database_status.status_code_nmr_data            ? 
_pdbx_database_status.methods_development_category    ? 
_pdbx_database_status.pdb_format_compatible           Y 
# 
loop_
_audit_author.name 
_audit_author.pdbx_ordinal 
_audit_author.identifier_ORCID 
'Simmons, C.R.'      1 0000-0002-2290-6132 
'MacCulloch, T.'     2 0000-0001-5875-3361 
'Stephanopoulos, N.' 3 0000-0001-7859-410X 
'Yan, H.'            4 0000-0001-7397-9852 
# 
_citation.abstract                  ? 
_citation.abstract_id_CAS           ? 
_citation.book_id_ISBN              ? 
_citation.book_publisher            ? 
_citation.book_publisher_city       ? 
_citation.book_title                ? 
_citation.coordinate_linkage        ? 
_citation.country                   UK 
_citation.database_id_Medline       ? 
_citation.details                   ? 
_citation.id                        primary 
_citation.journal_abbrev            'Nat Commun' 
_citation.journal_id_ASTM           ? 
_citation.journal_id_CSD            ? 
_citation.journal_id_ISSN           2041-1723 
_citation.journal_full              ? 
_citation.journal_issue             ? 
_citation.journal_volume            13 
_citation.language                  ? 
_citation.page_first                3112 
_citation.page_last                 3112 
_citation.title                     'The influence of Holliday junction sequence and dynamics on DNA crystal self-assembly.' 
_citation.year                      2022 
_citation.database_id_CSD           ? 
_citation.pdbx_database_id_DOI      10.1038/s41467-022-30779-6 
_citation.pdbx_database_id_PubMed   35662248 
_citation.unpublished_flag          ? 
# 
loop_
_citation_author.citation_id 
_citation_author.name 
_citation_author.ordinal 
_citation_author.identifier_ORCID 
primary 'Simmons, C.R.'      1  ?                   
primary 'MacCulloch, T.'     2  ?                   
primary 'Krepl, M.'          3  0000-0002-9833-4281 
primary 'Matthies, M.'       4  ?                   
primary 'Buchberger, A.'     5  ?                   
primary 'Crawford, I.'       6  ?                   
primary 'Sponer, J.'         7  0000-0001-6558-6186 
primary 'Sulc, P.'           8  0000-0003-1565-6769 
primary 'Stephanopoulos, N.' 9  0000-0001-7859-410X 
primary 'Yan, H.'            10 0000-0001-7397-9852 
# 
_cell.angle_alpha                  90.000 
_cell.angle_alpha_esd              ? 
_cell.angle_beta                   90.000 
_cell.angle_beta_esd               ? 
_cell.angle_gamma                  120.000 
_cell.angle_gamma_esd              ? 
_cell.entry_id                     6WT1 
_cell.details                      ? 
_cell.formula_units_Z              ? 
_cell.length_a                     68.652 
_cell.length_a_esd                 ? 
_cell.length_b                     68.652 
_cell.length_b_esd                 ? 
_cell.length_c                     58.140 
_cell.length_c_esd                 ? 
_cell.volume                       ? 
_cell.volume_esd                   ? 
_cell.Z_PDB                        3 
_cell.reciprocal_angle_alpha       ? 
_cell.reciprocal_angle_beta        ? 
_cell.reciprocal_angle_gamma       ? 
_cell.reciprocal_angle_alpha_esd   ? 
_cell.reciprocal_angle_beta_esd    ? 
_cell.reciprocal_angle_gamma_esd   ? 
_cell.reciprocal_length_a          ? 
_cell.reciprocal_length_b          ? 
_cell.reciprocal_length_c          ? 
_cell.reciprocal_length_a_esd      ? 
_cell.reciprocal_length_b_esd      ? 
_cell.reciprocal_length_c_esd      ? 
_cell.pdbx_unique_axis             ? 
# 
_symmetry.entry_id                         6WT1 
_symmetry.cell_setting                     ? 
_symmetry.Int_Tables_number                145 
_symmetry.space_group_name_Hall            ? 
_symmetry.space_group_name_H-M             'P 32' 
_symmetry.pdbx_full_space_group_name_H-M   ? 
# 
loop_
_entity.id 
_entity.type 
_entity.src_method 
_entity.pdbx_description 
_entity.formula_weight 
_entity.pdbx_number_of_molecules 
_entity.pdbx_ec 
_entity.pdbx_mutation 
_entity.pdbx_fragment 
_entity.details 
1 polymer     syn 
;DNA (5'-D(*GP*AP*GP*CP*AP*GP*AP*CP*AP*AP*GP*AP*CP*TP*GP*CP*AP*CP*TP*CP*A)-3')
;
6450.202 1 ? ? ? ? 
2 polymer     syn 
;DNA (5'-D(P*AP*GP*TP*CP*T)-3')
;
1495.023 1 ? ? ? ? 
3 polymer     syn 
;DNA (5'-D(*TP*CP*TP*GP*AP*GP*TP*GP*C)-3')
;
2746.809 1 ? ? ? ? 
4 polymer     syn 
;DNA (5'-D(P*TP*GP*TP*CP*TP*GP*C)-3')
;
2104.396 1 ? ? ? ? 
5 non-polymer syn 'MAGNESIUM ION'                                                                 24.305   2 ? ? ? ? 
# 
loop_
_entity_poly.entity_id 
_entity_poly.type 
_entity_poly.nstd_linkage 
_entity_poly.nstd_monomer 
_entity_poly.pdbx_seq_one_letter_code 
_entity_poly.pdbx_seq_one_letter_code_can 
_entity_poly.pdbx_strand_id 
_entity_poly.pdbx_target_identifier 
1 polydeoxyribonucleotide no no 
;(DG)(DA)(DG)(DC)(DA)(DG)(DA)(DC)(DA)(DA)(DG)(DA)(DC)(DT)(DG)(DC)(DA)(DC)(DT)(DC)
(DA)
;
GAGCAGACAAGACTGCACTCA A ? 
2 polydeoxyribonucleotide no no '(DA)(DG)(DT)(DC)(DT)'                                                                  AGTCT B ? 
3 polydeoxyribonucleotide no no '(DT)(DC)(DT)(DG)(DA)(DG)(DT)(DG)(DC)'                                                  TCTGAGTGC 
C ? 
4 polydeoxyribonucleotide no no '(DT)(DG)(DT)(DC)(DT)(DG)(DC)'                                                          TGTCTGC D 
? 
# 
loop_
_entity_poly_seq.entity_id 
_entity_poly_seq.num 
_entity_poly_seq.mon_id 
_entity_poly_seq.hetero 
1 1  DG n 
1 2  DA n 
1 3  DG n 
1 4  DC n 
1 5  DA n 
1 6  DG n 
1 7  DA n 
1 8  DC n 
1 9  DA n 
1 10 DA n 
1 11 DG n 
1 12 DA n 
1 13 DC n 
1 14 DT n 
1 15 DG n 
1 16 DC n 
1 17 DA n 
1 18 DC n 
1 19 DT n 
1 20 DC n 
1 21 DA n 
2 1  DA n 
2 2  DG n 
2 3  DT n 
2 4  DC n 
2 5  DT n 
3 1  DT n 
3 2  DC n 
3 3  DT n 
3 4  DG n 
3 5  DA n 
3 6  DG n 
3 7  DT n 
3 8  DG n 
3 9  DC n 
4 1  DT n 
4 2  DG n 
4 3  DT n 
4 4  DC n 
4 5  DT n 
4 6  DG n 
4 7  DC n 
# 
loop_
_pdbx_entity_src_syn.entity_id 
_pdbx_entity_src_syn.pdbx_src_id 
_pdbx_entity_src_syn.pdbx_alt_source_flag 
_pdbx_entity_src_syn.pdbx_beg_seq_num 
_pdbx_entity_src_syn.pdbx_end_seq_num 
_pdbx_entity_src_syn.organism_scientific 
_pdbx_entity_src_syn.organism_common_name 
_pdbx_entity_src_syn.ncbi_taxonomy_id 
_pdbx_entity_src_syn.details 
1 1 sample 1 21 'synthetic construct' ? 32630 ? 
2 1 sample 1 5  'synthetic construct' ? 32630 ? 
3 1 sample 1 9  'synthetic construct' ? 32630 ? 
4 1 sample 1 7  'synthetic construct' ? 32630 ? 
# 
loop_
_struct_ref.id 
_struct_ref.db_name 
_struct_ref.db_code 
_struct_ref.pdbx_db_accession 
_struct_ref.pdbx_db_isoform 
_struct_ref.entity_id 
_struct_ref.pdbx_seq_one_letter_code 
_struct_ref.pdbx_align_begin 
1 PDB 6WT1 6WT1 ? 1 ? 1 
2 PDB 6WT1 6WT1 ? 2 ? 1 
3 PDB 6WT1 6WT1 ? 3 ? 1 
4 PDB 6WT1 6WT1 ? 4 ? 1 
# 
loop_
_struct_ref_seq.align_id 
_struct_ref_seq.ref_id 
_struct_ref_seq.pdbx_PDB_id_code 
_struct_ref_seq.pdbx_strand_id 
_struct_ref_seq.seq_align_beg 
_struct_ref_seq.pdbx_seq_align_beg_ins_code 
_struct_ref_seq.seq_align_end 
_struct_ref_seq.pdbx_seq_align_end_ins_code 
_struct_ref_seq.pdbx_db_accession 
_struct_ref_seq.db_align_beg 
_struct_ref_seq.pdbx_db_align_beg_ins_code 
_struct_ref_seq.db_align_end 
_struct_ref_seq.pdbx_db_align_end_ins_code 
_struct_ref_seq.pdbx_auth_seq_align_beg 
_struct_ref_seq.pdbx_auth_seq_align_end 
1 1 6WT1 A 1 ? 21 ? 6WT1 1  ? 21 ? 1  21 
2 2 6WT1 B 1 ? 5  ? 6WT1 1  ? 5  ? 1  5  
3 3 6WT1 C 1 ? 9  ? 6WT1 1  ? 9  ? 1  9  
4 4 6WT1 D 1 ? 7  ? 6WT1 10 ? 16 ? 10 16 
# 
loop_
_chem_comp.id 
_chem_comp.type 
_chem_comp.mon_nstd_flag 
_chem_comp.name 
_chem_comp.pdbx_synonyms 
_chem_comp.formula 
_chem_comp.formula_weight 
DA 'DNA linking' y "2'-DEOXYADENOSINE-5'-MONOPHOSPHATE" ? 'C10 H14 N5 O6 P' 331.222 
DC 'DNA linking' y "2'-DEOXYCYTIDINE-5'-MONOPHOSPHATE"  ? 'C9 H14 N3 O7 P'  307.197 
DG 'DNA linking' y "2'-DEOXYGUANOSINE-5'-MONOPHOSPHATE" ? 'C10 H14 N5 O7 P' 347.221 
DT 'DNA linking' y "THYMIDINE-5'-MONOPHOSPHATE"         ? 'C10 H15 N2 O8 P' 322.208 
MG non-polymer   . 'MAGNESIUM ION'                      ? 'Mg 2'            24.305  
# 
_exptl.absorpt_coefficient_mu     ? 
_exptl.absorpt_correction_T_max   ? 
_exptl.absorpt_correction_T_min   ? 
_exptl.absorpt_correction_type    ? 
_exptl.absorpt_process_details    ? 
_exptl.entry_id                   6WT1 
_exptl.crystals_number            1 
_exptl.details                    ? 
_exptl.method                     'X-RAY DIFFRACTION' 
_exptl.method_details             ? 
# 
_exptl_crystal.colour                      ? 
_exptl_crystal.density_diffrn              ? 
_exptl_crystal.density_Matthews            6.18 
_exptl_crystal.density_method              ? 
_exptl_crystal.density_percent_sol         80.10 
_exptl_crystal.description                 ? 
_exptl_crystal.F_000                       ? 
_exptl_crystal.id                          1 
_exptl_crystal.preparation                 ? 
_exptl_crystal.size_max                    ? 
_exptl_crystal.size_mid                    ? 
_exptl_crystal.size_min                    ? 
_exptl_crystal.size_rad                    ? 
_exptl_crystal.colour_lustre               ? 
_exptl_crystal.colour_modifier             ? 
_exptl_crystal.colour_primary              ? 
_exptl_crystal.density_meas                ? 
_exptl_crystal.density_meas_esd            ? 
_exptl_crystal.density_meas_gt             ? 
_exptl_crystal.density_meas_lt             ? 
_exptl_crystal.density_meas_temp           ? 
_exptl_crystal.density_meas_temp_esd       ? 
_exptl_crystal.density_meas_temp_gt        ? 
_exptl_crystal.density_meas_temp_lt        ? 
_exptl_crystal.pdbx_crystal_image_url      ? 
_exptl_crystal.pdbx_crystal_image_format   ? 
_exptl_crystal.pdbx_mosaicity              ? 
_exptl_crystal.pdbx_mosaicity_esd          ? 
# 
_exptl_crystal_grow.apparatus       ? 
_exptl_crystal_grow.atmosphere      ? 
_exptl_crystal_grow.crystal_id      1 
_exptl_crystal_grow.details         ? 
_exptl_crystal_grow.method          'VAPOR DIFFUSION, SITTING DROP' 
_exptl_crystal_grow.method_ref      ? 
_exptl_crystal_grow.pH              ? 
_exptl_crystal_grow.pressure        ? 
_exptl_crystal_grow.pressure_esd    ? 
_exptl_crystal_grow.seeding         ? 
_exptl_crystal_grow.seeding_ref     ? 
_exptl_crystal_grow.temp            298 
_exptl_crystal_grow.temp_details    'temperature gradient generated from 60 to 25 C at 0.3 degrees per hour' 
_exptl_crystal_grow.temp_esd        ? 
_exptl_crystal_grow.time            ? 
_exptl_crystal_grow.pdbx_details    
;0.5 mL of 0.05 M HEPES pH 7.5 with, 20 mM MgCl2, 1.0 mM spermine, and 5% PEG 8000
was added to the reservoir with 2 uL added to the drop containing 4 uL of DNA
;
_exptl_crystal_grow.pdbx_pH_range   ? 
# 
_diffrn.ambient_environment              ? 
_diffrn.ambient_temp                     100 
_diffrn.ambient_temp_details             ? 
_diffrn.ambient_temp_esd                 ? 
_diffrn.crystal_id                       1 
_diffrn.crystal_support                  ? 
_diffrn.crystal_treatment                ? 
_diffrn.details                          ? 
_diffrn.id                               1 
_diffrn.ambient_pressure                 ? 
_diffrn.ambient_pressure_esd             ? 
_diffrn.ambient_pressure_gt              ? 
_diffrn.ambient_pressure_lt              ? 
_diffrn.ambient_temp_gt                  ? 
_diffrn.ambient_temp_lt                  ? 
_diffrn.pdbx_serial_crystal_experiment   N 
# 
_diffrn_detector.details                      ? 
_diffrn_detector.detector                     PIXEL 
_diffrn_detector.diffrn_id                    1 
_diffrn_detector.type                         'DECTRIS PILATUS3 6M' 
_diffrn_detector.area_resol_mean              ? 
_diffrn_detector.dtime                        ? 
_diffrn_detector.pdbx_frames_total            ? 
_diffrn_detector.pdbx_collection_time_total   ? 
_diffrn_detector.pdbx_collection_date         2019-08-15 
_diffrn_detector.pdbx_frequency               ? 
# 
_diffrn_radiation.collimation                      ? 
_diffrn_radiation.diffrn_id                        1 
_diffrn_radiation.filter_edge                      ? 
_diffrn_radiation.inhomogeneity                    ? 
_diffrn_radiation.monochromator                    ? 
_diffrn_radiation.polarisn_norm                    ? 
_diffrn_radiation.polarisn_ratio                   ? 
_diffrn_radiation.probe                            ? 
_diffrn_radiation.type                             ? 
_diffrn_radiation.xray_symbol                      ? 
_diffrn_radiation.wavelength_id                    1 
_diffrn_radiation.pdbx_monochromatic_or_laue_m_l   M 
_diffrn_radiation.pdbx_wavelength_list             ? 
_diffrn_radiation.pdbx_wavelength                  ? 
_diffrn_radiation.pdbx_diffrn_protocol             'SINGLE WAVELENGTH' 
_diffrn_radiation.pdbx_analyzer                    ? 
_diffrn_radiation.pdbx_scattering_type             x-ray 
# 
_diffrn_radiation_wavelength.id           1 
_diffrn_radiation_wavelength.wavelength   .92 
_diffrn_radiation_wavelength.wt           1.0 
# 
_diffrn_source.current                     ? 
_diffrn_source.details                     ? 
_diffrn_source.diffrn_id                   1 
_diffrn_source.power                       ? 
_diffrn_source.size                        ? 
_diffrn_source.source                      SYNCHROTRON 
_diffrn_source.target                      ? 
_diffrn_source.type                        'ALS BEAMLINE 5.0.2' 
_diffrn_source.voltage                     ? 
_diffrn_source.take-off_angle              ? 
_diffrn_source.pdbx_wavelength_list        .92 
_diffrn_source.pdbx_wavelength             ? 
_diffrn_source.pdbx_synchrotron_beamline   5.0.2 
_diffrn_source.pdbx_synchrotron_site       ALS 
# 
_reflns.B_iso_Wilson_estimate            ? 
_reflns.entry_id                         6WT1 
_reflns.data_reduction_details           ? 
_reflns.data_reduction_method            ? 
_reflns.d_resolution_high                3.100 
_reflns.d_resolution_low                 50.000 
_reflns.details                          ? 
_reflns.limit_h_max                      ? 
_reflns.limit_h_min                      ? 
_reflns.limit_k_max                      ? 
_reflns.limit_k_min                      ? 
_reflns.limit_l_max                      ? 
_reflns.limit_l_min                      ? 
_reflns.number_all                       ? 
_reflns.number_obs                       4640 
_reflns.observed_criterion               ? 
_reflns.observed_criterion_F_max         ? 
_reflns.observed_criterion_F_min         ? 
_reflns.observed_criterion_I_max         ? 
_reflns.observed_criterion_I_min         ? 
_reflns.observed_criterion_sigma_F       ? 
_reflns.observed_criterion_sigma_I       ? 
_reflns.percent_possible_obs             84.300 
_reflns.R_free_details                   ? 
_reflns.Rmerge_F_all                     ? 
_reflns.Rmerge_F_obs                     ? 
_reflns.Friedel_coverage                 ? 
_reflns.number_gt                        ? 
_reflns.threshold_expression             ? 
_reflns.pdbx_redundancy                  9.300 
_reflns.pdbx_Rmerge_I_obs                0.162 
_reflns.pdbx_Rmerge_I_all                ? 
_reflns.pdbx_Rsym_value                  ? 
_reflns.pdbx_netI_over_av_sigmaI         ? 
_reflns.pdbx_netI_over_sigmaI            4.700 
_reflns.pdbx_res_netI_over_av_sigmaI_2   ? 
_reflns.pdbx_res_netI_over_sigmaI_2      ? 
_reflns.pdbx_chi_squared                 1.997 
_reflns.pdbx_scaling_rejects             ? 
_reflns.pdbx_d_res_high_opt              ? 
_reflns.pdbx_d_res_low_opt               ? 
_reflns.pdbx_d_res_opt_method            ? 
_reflns.phase_calculation_details        ? 
_reflns.pdbx_Rrim_I_all                  0.170 
_reflns.pdbx_Rpim_I_all                  0.053 
_reflns.pdbx_d_opt                       ? 
_reflns.pdbx_number_measured_all         ? 
_reflns.pdbx_diffrn_id                   1 
_reflns.pdbx_ordinal                     1 
_reflns.pdbx_CC_half                     1 
_reflns.pdbx_CC_star                     ? 
_reflns.pdbx_R_split                     ? 
# 
loop_
_reflns_shell.d_res_high 
_reflns_shell.d_res_low 
_reflns_shell.meanI_over_sigI_all 
_reflns_shell.meanI_over_sigI_obs 
_reflns_shell.number_measured_all 
_reflns_shell.number_measured_obs 
_reflns_shell.number_possible 
_reflns_shell.number_unique_all 
_reflns_shell.number_unique_obs 
_reflns_shell.percent_possible_all 
_reflns_shell.percent_possible_obs 
_reflns_shell.Rmerge_F_all 
_reflns_shell.Rmerge_F_obs 
_reflns_shell.Rmerge_I_all 
_reflns_shell.Rmerge_I_obs 
_reflns_shell.meanI_over_sigI_gt 
_reflns_shell.meanI_over_uI_all 
_reflns_shell.meanI_over_uI_gt 
_reflns_shell.number_measured_gt 
_reflns_shell.number_unique_gt 
_reflns_shell.percent_possible_gt 
_reflns_shell.Rmerge_F_gt 
_reflns_shell.Rmerge_I_gt 
_reflns_shell.pdbx_redundancy 
_reflns_shell.pdbx_Rsym_value 
_reflns_shell.pdbx_chi_squared 
_reflns_shell.pdbx_netI_over_sigmaI_all 
_reflns_shell.pdbx_netI_over_sigmaI_obs 
_reflns_shell.pdbx_Rrim_I_all 
_reflns_shell.pdbx_Rpim_I_all 
_reflns_shell.pdbx_rejects 
_reflns_shell.pdbx_ordinal 
_reflns_shell.pdbx_diffrn_id 
_reflns_shell.pdbx_CC_half 
_reflns_shell.pdbx_CC_star 
_reflns_shell.pdbx_R_split 
3.100 3.150  ? ? ? ? ? ? 121 51.300  ? ? ? ? 0.504 ? ? ? ? ? ? ? ? 7.100  ? 0.573  ? ? 0.538 0.182 ? 1  1 0.943 ? ? 
3.150 3.210  ? ? ? ? ? ? 168 53.200  ? ? ? ? 0.216 ? ? ? ? ? ? ? ? 7.400  ? 0.984  ? ? 0.230 0.075 ? 2  1 0.986 ? ? 
3.210 3.270  ? ? ? ? ? ? 161 62.200  ? ? ? ? 0.160 ? ? ? ? ? ? ? ? 7.700  ? 1.299  ? ? 0.169 0.054 ? 3  1 0.993 ? ? 
3.270 3.340  ? ? ? ? ? ? 163 58.800  ? ? ? ? 0.382 ? ? ? ? ? ? ? ? 7.600  ? 0.535  ? ? 0.408 0.138 ? 4  1 0.971 ? ? 
3.340 3.410  ? ? ? ? ? ? 195 67.000  ? ? ? ? 0.228 ? ? ? ? ? ? ? ? 8.000  ? 0.767  ? ? 0.241 0.079 ? 5  1 0.991 ? ? 
3.410 3.490  ? ? ? ? ? ? 181 72.400  ? ? ? ? 0.324 ? ? ? ? ? ? ? ? 7.500  ? 0.740  ? ? 0.345 0.116 ? 6  1 0.986 ? ? 
3.490 3.580  ? ? ? ? ? ? 219 72.500  ? ? ? ? 0.279 ? ? ? ? ? ? ? ? 8.600  ? 0.708  ? ? 0.296 0.097 ? 7  1 0.983 ? ? 
3.580 3.680  ? ? ? ? ? ? 200 76.600  ? ? ? ? 0.638 ? ? ? ? ? ? ? ? 8.400  ? 0.889  ? ? 0.676 0.221 ? 8  1 0.924 ? ? 
3.680 3.780  ? ? ? ? ? ? 235 85.500  ? ? ? ? 0.602 ? ? ? ? ? ? ? ? 9.100  ? 0.496  ? ? 0.637 0.204 ? 9  1 0.941 ? ? 
3.780 3.910  ? ? ? ? ? ? 239 87.900  ? ? ? ? 0.467 ? ? ? ? ? ? ? ? 9.200  ? 0.668  ? ? 0.493 0.156 ? 10 1 0.954 ? ? 
3.910 4.040  ? ? ? ? ? ? 276 98.200  ? ? ? ? 0.336 ? ? ? ? ? ? ? ? 9.200  ? 0.611  ? ? 0.355 0.113 ? 11 1 0.974 ? ? 
4.040 4.210  ? ? ? ? ? ? 269 100.000 ? ? ? ? 0.309 ? ? ? ? ? ? ? ? 9.600  ? 0.658  ? ? 0.327 0.104 ? 12 1 0.982 ? ? 
4.210 4.400  ? ? ? ? ? ? 282 100.000 ? ? ? ? 0.313 ? ? ? ? ? ? ? ? 10.100 ? 0.584  ? ? 0.330 0.104 ? 13 1 0.976 ? ? 
4.400 4.630  ? ? ? ? ? ? 272 100.000 ? ? ? ? 0.277 ? ? ? ? ? ? ? ? 9.500  ? 0.620  ? ? 0.293 0.095 ? 14 1 0.985 ? ? 
4.630 4.920  ? ? ? ? ? ? 284 100.000 ? ? ? ? 0.210 ? ? ? ? ? ? ? ? 10.000 ? 0.753  ? ? 0.221 0.069 ? 15 1 0.991 ? ? 
4.920 5.300  ? ? ? ? ? ? 278 100.000 ? ? ? ? 0.153 ? ? ? ? ? ? ? ? 10.900 ? 0.868  ? ? 0.160 0.048 ? 16 1 0.994 ? ? 
5.300 5.830  ? ? ? ? ? ? 267 100.000 ? ? ? ? 0.128 ? ? ? ? ? ? ? ? 10.800 ? 1.011  ? ? 0.135 0.041 ? 17 1 0.995 ? ? 
5.830 6.670  ? ? ? ? ? ? 277 100.000 ? ? ? ? 0.107 ? ? ? ? ? ? ? ? 10.100 ? 1.064  ? ? 0.113 0.036 ? 18 1 0.994 ? ? 
6.670 8.400  ? ? ? ? ? ? 276 100.000 ? ? ? ? 0.078 ? ? ? ? ? ? ? ? 10.300 ? 1.879  ? ? 0.082 0.025 ? 19 1 0.997 ? ? 
8.400 50.000 ? ? ? ? ? ? 277 100.000 ? ? ? ? 0.156 ? ? ? ? ? ? ? ? 10.500 ? 17.824 ? ? 0.164 0.051 ? 20 1 0.990 ? ? 
# 
_refine.aniso_B[1][1]                            0.3200 
_refine.aniso_B[1][2]                            0.1600 
_refine.aniso_B[1][3]                            0.0000 
_refine.aniso_B[2][2]                            0.3200 
_refine.aniso_B[2][3]                            0.0000 
_refine.aniso_B[3][3]                            -1.0400 
_refine.B_iso_max                                286.520 
_refine.B_iso_mean                               128.7250 
_refine.B_iso_min                                39.310 
_refine.correlation_coeff_Fo_to_Fc               0.9740 
_refine.correlation_coeff_Fo_to_Fc_free          0.9650 
_refine.details                                  
'HYDROGENS HAVE BEEN ADDED IN THE RIDING POSITIONS U VALUES      : REFINED INDIVIDUALLY' 
_refine.diff_density_max                         ? 
_refine.diff_density_max_esd                     ? 
_refine.diff_density_min                         ? 
_refine.diff_density_min_esd                     ? 
_refine.diff_density_rms                         ? 
_refine.diff_density_rms_esd                     ? 
_refine.entry_id                                 6WT1 
_refine.pdbx_refine_id                           'X-RAY DIFFRACTION' 
_refine.ls_abs_structure_details                 ? 
_refine.ls_abs_structure_Flack                   ? 
_refine.ls_abs_structure_Flack_esd               ? 
_refine.ls_abs_structure_Rogers                  ? 
_refine.ls_abs_structure_Rogers_esd              ? 
_refine.ls_d_res_high                            3.1100 
_refine.ls_d_res_low                             50.00 
_refine.ls_extinction_coef                       ? 
_refine.ls_extinction_coef_esd                   ? 
_refine.ls_extinction_expression                 ? 
_refine.ls_extinction_method                     ? 
_refine.ls_goodness_of_fit_all                   ? 
_refine.ls_goodness_of_fit_all_esd               ? 
_refine.ls_goodness_of_fit_obs                   ? 
_refine.ls_goodness_of_fit_obs_esd               ? 
_refine.ls_hydrogen_treatment                    ? 
_refine.ls_matrix_type                           ? 
_refine.ls_number_constraints                    ? 
_refine.ls_number_parameters                     ? 
_refine.ls_number_reflns_all                     ? 
_refine.ls_number_reflns_obs                     4315 
_refine.ls_number_reflns_R_free                  242 
_refine.ls_number_reflns_R_work                  ? 
_refine.ls_number_restraints                     ? 
_refine.ls_percent_reflns_obs                    83.1100 
_refine.ls_percent_reflns_R_free                 5.3000 
_refine.ls_R_factor_all                          ? 
_refine.ls_R_factor_obs                          0.2196 
_refine.ls_R_factor_R_free                       0.2554 
_refine.ls_R_factor_R_free_error                 ? 
_refine.ls_R_factor_R_free_error_details         ? 
_refine.ls_R_factor_R_work                       0.2178 
_refine.ls_R_Fsqd_factor_obs                     ? 
_refine.ls_R_I_factor_obs                        ? 
_refine.ls_redundancy_reflns_all                 ? 
_refine.ls_redundancy_reflns_obs                 ? 
_refine.ls_restrained_S_all                      ? 
_refine.ls_restrained_S_obs                      ? 
_refine.ls_shift_over_esd_max                    ? 
_refine.ls_shift_over_esd_mean                   ? 
_refine.ls_structure_factor_coef                 ? 
_refine.ls_weighting_details                     ? 
_refine.ls_weighting_scheme                      ? 
_refine.ls_wR_factor_all                         ? 
_refine.ls_wR_factor_obs                         ? 
_refine.ls_wR_factor_R_free                      ? 
_refine.ls_wR_factor_R_work                      ? 
_refine.occupancy_max                            ? 
_refine.occupancy_min                            ? 
_refine.solvent_model_details                    ? 
_refine.solvent_model_param_bsol                 ? 
_refine.solvent_model_param_ksol                 ? 
_refine.pdbx_R_complete                          ? 
_refine.ls_R_factor_gt                           ? 
_refine.ls_goodness_of_fit_gt                    ? 
_refine.ls_goodness_of_fit_ref                   ? 
_refine.ls_shift_over_su_max                     ? 
_refine.ls_shift_over_su_max_lt                  ? 
_refine.ls_shift_over_su_mean                    ? 
_refine.ls_shift_over_su_mean_lt                 ? 
_refine.pdbx_ls_sigma_I                          ? 
_refine.pdbx_ls_sigma_F                          0.000 
_refine.pdbx_ls_sigma_Fsqd                       ? 
_refine.pdbx_data_cutoff_high_absF               ? 
_refine.pdbx_data_cutoff_high_rms_absF           ? 
_refine.pdbx_data_cutoff_low_absF                ? 
_refine.pdbx_isotropic_thermal_model             ? 
_refine.pdbx_ls_cross_valid_method               THROUGHOUT 
_refine.pdbx_method_to_determine_struct          'MOLECULAR REPLACEMENT' 
_refine.pdbx_starting_model                      5KEK 
_refine.pdbx_stereochemistry_target_values       ? 
_refine.pdbx_R_Free_selection_details            RANDOM 
_refine.pdbx_stereochem_target_val_spec_case     ? 
_refine.pdbx_overall_ESU_R                       0.7220 
_refine.pdbx_overall_ESU_R_Free                  0.3840 
_refine.pdbx_solvent_vdw_probe_radii             1.2000 
_refine.pdbx_solvent_ion_probe_radii             0.8000 
_refine.pdbx_solvent_shrinkage_radii             0.8000 
_refine.pdbx_real_space_R                        ? 
_refine.pdbx_density_correlation                 ? 
_refine.pdbx_pd_number_of_powder_patterns        ? 
_refine.pdbx_pd_number_of_points                 ? 
_refine.pdbx_pd_meas_number_of_points            ? 
_refine.pdbx_pd_proc_ls_prof_R_factor            ? 
_refine.pdbx_pd_proc_ls_prof_wR_factor           ? 
_refine.pdbx_pd_Marquardt_correlation_coeff      ? 
_refine.pdbx_pd_Fsqrd_R_factor                   ? 
_refine.pdbx_pd_ls_matrix_band_width             ? 
_refine.pdbx_overall_phase_error                 ? 
_refine.pdbx_overall_SU_R_free_Cruickshank_DPI   ? 
_refine.pdbx_overall_SU_R_free_Blow_DPI          ? 
_refine.pdbx_overall_SU_R_Blow_DPI               ? 
_refine.pdbx_TLS_residual_ADP_flag               ? 
_refine.pdbx_diffrn_id                           1 
_refine.overall_SU_B                             18.5530 
_refine.overall_SU_ML                            0.3180 
_refine.overall_SU_R_Cruickshank_DPI             ? 
_refine.overall_SU_R_free                        ? 
_refine.overall_FOM_free_R_set                   ? 
_refine.overall_FOM_work_R_set                   ? 
_refine.pdbx_average_fsc_overall                 ? 
_refine.pdbx_average_fsc_work                    ? 
_refine.pdbx_average_fsc_free                    ? 
# 
_refine_hist.pdbx_refine_id                   'X-RAY DIFFRACTION' 
_refine_hist.cycle_id                         final 
_refine_hist.details                          ? 
_refine_hist.d_res_high                       3.1100 
_refine_hist.d_res_low                        50.00 
_refine_hist.number_atoms_solvent             0 
_refine_hist.number_atoms_total               857 
_refine_hist.number_reflns_all                ? 
_refine_hist.number_reflns_obs                ? 
_refine_hist.number_reflns_R_free             ? 
_refine_hist.number_reflns_R_work             ? 
_refine_hist.R_factor_all                     ? 
_refine_hist.R_factor_obs                     ? 
_refine_hist.R_factor_R_free                  ? 
_refine_hist.R_factor_R_work                  ? 
_refine_hist.pdbx_number_residues_total       42 
_refine_hist.pdbx_B_iso_mean_ligand           71.48 
_refine_hist.pdbx_B_iso_mean_solvent          ? 
_refine_hist.pdbx_number_atoms_protein        0 
_refine_hist.pdbx_number_atoms_nucleic_acid   855 
_refine_hist.pdbx_number_atoms_ligand         2 
_refine_hist.pdbx_number_atoms_lipid          ? 
_refine_hist.pdbx_number_atoms_carb           ? 
_refine_hist.pdbx_pseudo_atom_details         ? 
# 
_refine_ls_shell.pdbx_refine_id                   'X-RAY DIFFRACTION' 
_refine_ls_shell.d_res_high                       3.1130 
_refine_ls_shell.d_res_low                        3.1940 
_refine_ls_shell.number_reflns_all                195 
_refine_ls_shell.number_reflns_obs                ? 
_refine_ls_shell.number_reflns_R_free             9 
_refine_ls_shell.number_reflns_R_work             186 
_refine_ls_shell.percent_reflns_obs               49.8700 
_refine_ls_shell.percent_reflns_R_free            ? 
_refine_ls_shell.R_factor_all                     ? 
_refine_ls_shell.R_factor_obs                     ? 
_refine_ls_shell.R_factor_R_free                  0.2070 
_refine_ls_shell.R_factor_R_free_error            0.0000 
_refine_ls_shell.R_factor_R_work                  0.2950 
_refine_ls_shell.redundancy_reflns_all            ? 
_refine_ls_shell.redundancy_reflns_obs            ? 
_refine_ls_shell.wR_factor_all                    ? 
_refine_ls_shell.wR_factor_obs                    ? 
_refine_ls_shell.wR_factor_R_free                 ? 
_refine_ls_shell.wR_factor_R_work                 ? 
_refine_ls_shell.pdbx_R_complete                  ? 
_refine_ls_shell.pdbx_total_number_of_bins_used   20 
_refine_ls_shell.pdbx_phase_error                 ? 
_refine_ls_shell.pdbx_fsc_work                    ? 
_refine_ls_shell.pdbx_fsc_free                    ? 
# 
_struct.entry_id                     6WT1 
_struct.title                        
'Self-assembly of a 3D DNA crystal lattice (4x5 duplex version) containing the J29 immobile Holliday junction' 
_struct.pdbx_model_details           ? 
_struct.pdbx_formula_weight          ? 
_struct.pdbx_formula_weight_method   ? 
_struct.pdbx_model_type_details      ? 
_struct.pdbx_CASP_flag               N 
# 
_struct_keywords.entry_id        6WT1 
_struct_keywords.text            
'Structural DNA nanotechnology, immobile Holliday junctions, 3D DNA self-assembly, designer DNA crystals, DNA' 
_struct_keywords.pdbx_keywords   DNA 
# 
loop_
_struct_asym.id 
_struct_asym.pdbx_blank_PDB_chainid_flag 
_struct_asym.pdbx_modified 
_struct_asym.entity_id 
_struct_asym.details 
A N N 1 ? 
B N N 2 ? 
C N N 3 ? 
D N N 4 ? 
E N N 5 ? 
F N N 5 ? 
# 
loop_
_struct_conn.id 
_struct_conn.conn_type_id 
_struct_conn.pdbx_leaving_atom_flag 
_struct_conn.pdbx_PDB_id 
_struct_conn.ptnr1_label_asym_id 
_struct_conn.ptnr1_label_comp_id 
_struct_conn.ptnr1_label_seq_id 
_struct_conn.ptnr1_label_atom_id 
_struct_conn.pdbx_ptnr1_label_alt_id 
_struct_conn.pdbx_ptnr1_PDB_ins_code 
_struct_conn.pdbx_ptnr1_standard_comp_id 
_struct_conn.ptnr1_symmetry 
_struct_conn.ptnr2_label_asym_id 
_struct_conn.ptnr2_label_comp_id 
_struct_conn.ptnr2_label_seq_id 
_struct_conn.ptnr2_label_atom_id 
_struct_conn.pdbx_ptnr2_label_alt_id 
_struct_conn.pdbx_ptnr2_PDB_ins_code 
_struct_conn.ptnr1_auth_asym_id 
_struct_conn.ptnr1_auth_comp_id 
_struct_conn.ptnr1_auth_seq_id 
_struct_conn.ptnr2_auth_asym_id 
_struct_conn.ptnr2_auth_comp_id 
_struct_conn.ptnr2_auth_seq_id 
_struct_conn.ptnr2_symmetry 
_struct_conn.pdbx_ptnr3_label_atom_id 
_struct_conn.pdbx_ptnr3_label_seq_id 
_struct_conn.pdbx_ptnr3_label_comp_id 
_struct_conn.pdbx_ptnr3_label_asym_id 
_struct_conn.pdbx_ptnr3_label_alt_id 
_struct_conn.pdbx_ptnr3_PDB_ins_code 
_struct_conn.details 
_struct_conn.pdbx_dist_value 
_struct_conn.pdbx_value_order 
_struct_conn.pdbx_role 
hydrog1  hydrog ? ? A DG 3  N1 ? ? ? 1_555 D DC 7 N3 ? ? A DG 3  D DC 16 1_555 ? ? ? ? ? ? WATSON-CRICK ? ? ? 
hydrog2  hydrog ? ? A DG 3  N2 ? ? ? 1_555 D DC 7 O2 ? ? A DG 3  D DC 16 1_555 ? ? ? ? ? ? WATSON-CRICK ? ? ? 
hydrog3  hydrog ? ? A DG 3  O6 ? ? ? 1_555 D DC 7 N4 ? ? A DG 3  D DC 16 1_555 ? ? ? ? ? ? WATSON-CRICK ? ? ? 
hydrog4  hydrog ? ? A DC 4  N3 ? ? ? 1_555 D DG 6 N1 ? ? A DC 4  D DG 15 1_555 ? ? ? ? ? ? WATSON-CRICK ? ? ? 
hydrog5  hydrog ? ? A DC 4  N4 ? ? ? 1_555 D DG 6 O6 ? ? A DC 4  D DG 15 1_555 ? ? ? ? ? ? WATSON-CRICK ? ? ? 
hydrog6  hydrog ? ? A DC 4  O2 ? ? ? 1_555 D DG 6 N2 ? ? A DC 4  D DG 15 1_555 ? ? ? ? ? ? WATSON-CRICK ? ? ? 
hydrog7  hydrog ? ? A DG 6  N1 ? ? ? 1_555 D DC 4 N3 ? ? A DG 6  D DC 13 1_555 ? ? ? ? ? ? WATSON-CRICK ? ? ? 
hydrog8  hydrog ? ? A DG 6  N2 ? ? ? 1_555 D DC 4 O2 ? ? A DG 6  D DC 13 1_555 ? ? ? ? ? ? WATSON-CRICK ? ? ? 
hydrog9  hydrog ? ? A DG 6  O6 ? ? ? 1_555 D DC 4 N4 ? ? A DG 6  D DC 13 1_555 ? ? ? ? ? ? WATSON-CRICK ? ? ? 
hydrog10 hydrog ? ? A DA 7  N1 ? ? ? 1_555 D DT 3 N3 ? ? A DA 7  D DT 12 1_555 ? ? ? ? ? ? WATSON-CRICK ? ? ? 
hydrog11 hydrog ? ? A DA 7  N6 ? ? ? 1_555 D DT 3 O4 ? ? A DA 7  D DT 12 1_555 ? ? ? ? ? ? WATSON-CRICK ? ? ? 
hydrog12 hydrog ? ? A DC 8  N3 ? ? ? 1_555 D DG 2 N1 ? ? A DC 8  D DG 11 1_555 ? ? ? ? ? ? WATSON-CRICK ? ? ? 
hydrog13 hydrog ? ? A DC 8  N4 ? ? ? 1_555 D DG 2 O6 ? ? A DC 8  D DG 11 1_555 ? ? ? ? ? ? WATSON-CRICK ? ? ? 
hydrog14 hydrog ? ? A DC 8  O2 ? ? ? 1_555 D DG 2 N2 ? ? A DC 8  D DG 11 1_555 ? ? ? ? ? ? WATSON-CRICK ? ? ? 
hydrog15 hydrog ? ? A DA 9  N1 ? ? ? 1_555 D DT 1 N3 ? ? A DA 9  D DT 10 1_555 ? ? ? ? ? ? WATSON-CRICK ? ? ? 
hydrog16 hydrog ? ? A DA 9  N6 ? ? ? 1_555 D DT 1 O4 ? ? A DA 9  D DT 10 1_555 ? ? ? ? ? ? WATSON-CRICK ? ? ? 
hydrog17 hydrog ? ? A DA 10 N1 ? ? ? 1_555 B DT 5 N3 ? ? A DA 10 B DT 5  1_555 ? ? ? ? ? ? WATSON-CRICK ? ? ? 
hydrog18 hydrog ? ? A DA 10 N6 ? ? ? 1_555 B DT 5 O4 ? ? A DA 10 B DT 5  1_555 ? ? ? ? ? ? WATSON-CRICK ? ? ? 
hydrog19 hydrog ? ? A DG 11 N1 ? ? ? 1_555 B DC 4 N3 ? ? A DG 11 B DC 4  1_555 ? ? ? ? ? ? WATSON-CRICK ? ? ? 
hydrog20 hydrog ? ? A DG 11 N2 ? ? ? 1_555 B DC 4 O2 ? ? A DG 11 B DC 4  1_555 ? ? ? ? ? ? WATSON-CRICK ? ? ? 
hydrog21 hydrog ? ? A DG 11 O6 ? ? ? 1_555 B DC 4 N4 ? ? A DG 11 B DC 4  1_555 ? ? ? ? ? ? WATSON-CRICK ? ? ? 
hydrog22 hydrog ? ? A DA 12 N1 ? ? ? 1_555 B DT 3 N3 ? ? A DA 12 B DT 3  1_555 ? ? ? ? ? ? WATSON-CRICK ? ? ? 
hydrog23 hydrog ? ? A DA 12 N6 ? ? ? 1_555 B DT 3 O4 ? ? A DA 12 B DT 3  1_555 ? ? ? ? ? ? WATSON-CRICK ? ? ? 
hydrog24 hydrog ? ? A DC 13 N3 ? ? ? 1_555 B DG 2 N1 ? ? A DC 13 B DG 2  1_555 ? ? ? ? ? ? WATSON-CRICK ? ? ? 
hydrog25 hydrog ? ? A DC 13 N4 ? ? ? 1_555 B DG 2 O6 ? ? A DC 13 B DG 2  1_555 ? ? ? ? ? ? WATSON-CRICK ? ? ? 
hydrog26 hydrog ? ? A DC 13 O2 ? ? ? 1_555 B DG 2 N2 ? ? A DC 13 B DG 2  1_555 ? ? ? ? ? ? WATSON-CRICK ? ? ? 
hydrog27 hydrog ? ? A DT 14 N3 ? ? ? 1_555 B DA 1 N1 ? ? A DT 14 B DA 1  1_555 ? ? ? ? ? ? WATSON-CRICK ? ? ? 
hydrog28 hydrog ? ? A DT 14 O4 ? ? ? 1_555 B DA 1 N6 ? ? A DT 14 B DA 1  1_555 ? ? ? ? ? ? WATSON-CRICK ? ? ? 
hydrog29 hydrog ? ? A DG 15 N1 ? ? ? 1_555 C DC 9 N3 ? ? A DG 15 C DC 9  1_555 ? ? ? ? ? ? WATSON-CRICK ? ? ? 
hydrog30 hydrog ? ? A DG 15 N2 ? ? ? 1_555 C DC 9 O2 ? ? A DG 15 C DC 9  1_555 ? ? ? ? ? ? WATSON-CRICK ? ? ? 
hydrog31 hydrog ? ? A DG 15 O6 ? ? ? 1_555 C DC 9 N4 ? ? A DG 15 C DC 9  1_555 ? ? ? ? ? ? WATSON-CRICK ? ? ? 
hydrog32 hydrog ? ? A DC 16 N3 ? ? ? 1_555 C DG 8 N1 ? ? A DC 16 C DG 8  1_555 ? ? ? ? ? ? WATSON-CRICK ? ? ? 
hydrog33 hydrog ? ? A DC 16 N4 ? ? ? 1_555 C DG 8 O6 ? ? A DC 16 C DG 8  1_555 ? ? ? ? ? ? WATSON-CRICK ? ? ? 
hydrog34 hydrog ? ? A DC 16 O2 ? ? ? 1_555 C DG 8 N2 ? ? A DC 16 C DG 8  1_555 ? ? ? ? ? ? WATSON-CRICK ? ? ? 
hydrog35 hydrog ? ? A DA 17 N1 ? ? ? 1_555 C DT 7 N3 ? ? A DA 17 C DT 7  1_555 ? ? ? ? ? ? WATSON-CRICK ? ? ? 
hydrog36 hydrog ? ? A DA 17 N6 ? ? ? 1_555 C DT 7 O4 ? ? A DA 17 C DT 7  1_555 ? ? ? ? ? ? WATSON-CRICK ? ? ? 
hydrog37 hydrog ? ? A DC 18 N3 ? ? ? 1_555 C DG 6 N1 ? ? A DC 18 C DG 6  1_555 ? ? ? ? ? ? WATSON-CRICK ? ? ? 
hydrog38 hydrog ? ? A DC 18 N4 ? ? ? 1_555 C DG 6 O6 ? ? A DC 18 C DG 6  1_555 ? ? ? ? ? ? WATSON-CRICK ? ? ? 
hydrog39 hydrog ? ? A DC 18 O2 ? ? ? 1_555 C DG 6 N2 ? ? A DC 18 C DG 6  1_555 ? ? ? ? ? ? WATSON-CRICK ? ? ? 
hydrog40 hydrog ? ? A DT 19 N3 ? ? ? 1_555 C DA 5 N1 ? ? A DT 19 C DA 5  1_555 ? ? ? ? ? ? WATSON-CRICK ? ? ? 
hydrog41 hydrog ? ? A DT 19 O4 ? ? ? 1_555 C DA 5 N6 ? ? A DT 19 C DA 5  1_555 ? ? ? ? ? ? WATSON-CRICK ? ? ? 
hydrog42 hydrog ? ? A DC 20 N3 ? ? ? 1_555 C DG 4 N1 ? ? A DC 20 C DG 4  1_555 ? ? ? ? ? ? WATSON-CRICK ? ? ? 
hydrog43 hydrog ? ? A DC 20 N4 ? ? ? 1_555 C DG 4 O6 ? ? A DC 20 C DG 4  1_555 ? ? ? ? ? ? WATSON-CRICK ? ? ? 
hydrog44 hydrog ? ? A DC 20 O2 ? ? ? 1_555 C DG 4 N2 ? ? A DC 20 C DG 4  1_555 ? ? ? ? ? ? WATSON-CRICK ? ? ? 
hydrog45 hydrog ? ? A DA 21 N1 ? ? ? 1_555 C DT 3 N3 ? ? A DA 21 C DT 3  1_555 ? ? ? ? ? ? WATSON-CRICK ? ? ? 
hydrog46 hydrog ? ? A DA 21 N6 ? ? ? 1_555 C DT 3 O4 ? ? A DA 21 C DT 3  1_555 ? ? ? ? ? ? WATSON-CRICK ? ? ? 
# 
_struct_conn_type.id          hydrog 
_struct_conn_type.criteria    ? 
_struct_conn_type.reference   ? 
# 
loop_
_struct_site.id 
_struct_site.pdbx_evidence_code 
_struct_site.pdbx_auth_asym_id 
_struct_site.pdbx_auth_comp_id 
_struct_site.pdbx_auth_seq_id 
_struct_site.pdbx_auth_ins_code 
_struct_site.pdbx_num_residues 
_struct_site.details 
AC1 Software B MG 101 ? 2 'binding site for residue MG B 101' 
AC2 Software D MG 101 ? 1 'binding site for residue MG D 101' 
# 
loop_
_struct_site_gen.id 
_struct_site_gen.site_id 
_struct_site_gen.pdbx_num_res 
_struct_site_gen.label_comp_id 
_struct_site_gen.label_asym_id 
_struct_site_gen.label_seq_id 
_struct_site_gen.pdbx_auth_ins_code 
_struct_site_gen.auth_comp_id 
_struct_site_gen.auth_asym_id 
_struct_site_gen.auth_seq_id 
_struct_site_gen.label_atom_id 
_struct_site_gen.label_alt_id 
_struct_site_gen.symmetry 
_struct_site_gen.details 
1 AC1 2 DA B 1 ? DA B 1  . ? 1_555 ? 
2 AC1 2 DG B 2 ? DG B 2  . ? 1_555 ? 
3 AC2 1 DG D 2 ? DG D 11 . ? 1_555 ? 
# 
_atom_sites.entry_id                    6WT1 
_atom_sites.Cartn_transf_matrix[1][1]   ? 
_atom_sites.Cartn_transf_matrix[1][2]   ? 
_atom_sites.Cartn_transf_matrix[1][3]   ? 
_atom_sites.Cartn_transf_matrix[2][1]   ? 
_atom_sites.Cartn_transf_matrix[2][2]   ? 
_atom_sites.Cartn_transf_matrix[2][3]   ? 
_atom_sites.Cartn_transf_matrix[3][1]   ? 
_atom_sites.Cartn_transf_matrix[3][2]   ? 
_atom_sites.Cartn_transf_matrix[3][3]   ? 
_atom_sites.Cartn_transf_vector[1]      ? 
_atom_sites.Cartn_transf_vector[2]      ? 
_atom_sites.Cartn_transf_vector[3]      ? 
_atom_sites.fract_transf_matrix[1][1]   0.01195501 
_atom_sites.fract_transf_matrix[1][2]   0.01155799 
_atom_sites.fract_transf_matrix[1][3]   -0.00252725 
_atom_sites.fract_transf_matrix[2][1]   0.01387122 
_atom_sites.fract_transf_matrix[2][2]   -0.00399656 
_atom_sites.fract_transf_matrix[2][3]   -0.00863303 
_atom_sites.fract_transf_matrix[3][1]   -0.00771408 
_atom_sites.fract_transf_matrix[3][2]   0.00478455 
_atom_sites.fract_transf_matrix[3][3]   -0.01460962 
_atom_sites.fract_transf_vector[1]      0.085050 
_atom_sites.fract_transf_vector[2]      0.024552 
_atom_sites.fract_transf_vector[3]      -0.140327 
_atom_sites.solution_primary            ? 
_atom_sites.solution_secondary          ? 
_atom_sites.solution_hydrogens          ? 
_atom_sites.special_details             ? 
# 
loop_
_atom_type.symbol 
C  
MG 
N  
O  
P  
# 
loop_
_atom_site.group_PDB 
_atom_site.id 
_atom_site.type_symbol 
_atom_site.label_atom_id 
_atom_site.label_alt_id 
_atom_site.label_comp_id 
_atom_site.label_asym_id 
_atom_site.label_entity_id 
_atom_site.label_seq_id 
_atom_site.pdbx_PDB_ins_code 
_atom_site.Cartn_x 
_atom_site.Cartn_y 
_atom_site.Cartn_z 
_atom_site.occupancy 
_atom_site.B_iso_or_equiv 
_atom_site.pdbx_formal_charge 
_atom_site.auth_seq_id 
_atom_site.auth_comp_id 
_atom_site.auth_asym_id 
_atom_site.auth_atom_id 
_atom_site.pdbx_PDB_model_num 
ATOM   1   O  "O5'" . DG A 1 1  ? -24.059 16.428  19.647  1.00 217.45 ? 1   DG A "O5'" 1 
ATOM   2   C  "C5'" . DG A 1 1  ? -23.422 17.721  19.636  1.00 222.85 ? 1   DG A "C5'" 1 
ATOM   3   C  "C4'" . DG A 1 1  ? -24.299 18.737  18.939  1.00 223.01 ? 1   DG A "C4'" 1 
ATOM   4   O  "O4'" . DG A 1 1  ? -24.180 20.010  19.614  1.00 208.25 ? 1   DG A "O4'" 1 
ATOM   5   C  "C3'" . DG A 1 1  ? -23.959 19.005  17.471  1.00 223.47 ? 1   DG A "C3'" 1 
ATOM   6   O  "O3'" . DG A 1 1  ? -24.858 18.335  16.576  1.00 244.00 ? 1   DG A "O3'" 1 
ATOM   7   C  "C2'" . DG A 1 1  ? -24.184 20.497  17.321  1.00 201.71 ? 1   DG A "C2'" 1 
ATOM   8   C  "C1'" . DG A 1 1  ? -23.812 21.018  18.691  1.00 189.30 ? 1   DG A "C1'" 1 
ATOM   9   N  N9    . DG A 1 1  ? -22.393 21.299  18.869  1.00 177.61 ? 1   DG A N9    1 
ATOM   10  C  C8    . DG A 1 1  ? -21.517 20.745  19.775  1.00 176.60 ? 1   DG A C8    1 
ATOM   11  N  N7    . DG A 1 1  ? -20.314 21.242  19.693  1.00 177.14 ? 1   DG A N7    1 
ATOM   12  C  C5    . DG A 1 1  ? -20.401 22.183  18.674  1.00 189.43 ? 1   DG A C5    1 
ATOM   13  C  C6    . DG A 1 1  ? -19.415 23.052  18.138  1.00 191.60 ? 1   DG A C6    1 
ATOM   14  O  O6    . DG A 1 1  ? -18.225 23.159  18.458  1.00 189.62 ? 1   DG A O6    1 
ATOM   15  N  N1    . DG A 1 1  ? -19.935 23.846  17.117  1.00 191.97 ? 1   DG A N1    1 
ATOM   16  C  C2    . DG A 1 1  ? -21.237 23.812  16.674  1.00 205.28 ? 1   DG A C2    1 
ATOM   17  N  N2    . DG A 1 1  ? -21.550 24.649  15.672  1.00 215.88 ? 1   DG A N2    1 
ATOM   18  N  N3    . DG A 1 1  ? -22.164 23.012  17.171  1.00 191.08 ? 1   DG A N3    1 
ATOM   19  C  C4    . DG A 1 1  ? -21.680 22.229  18.159  1.00 186.04 ? 1   DG A C4    1 
ATOM   20  P  P     . DA A 1 2  ? -24.454 16.949  15.876  1.00 229.10 ? 2   DA A P     1 
ATOM   21  O  OP1   . DA A 1 2  ? -25.317 15.882  16.459  1.00 237.04 ? 2   DA A OP1   1 
ATOM   22  O  OP2   . DA A 1 2  ? -22.974 16.812  15.930  1.00 234.71 ? 2   DA A OP2   1 
ATOM   23  O  "O5'" . DA A 1 2  ? -24.926 17.156  14.365  1.00 191.21 ? 2   DA A "O5'" 1 
ATOM   24  C  "C5'" . DA A 1 2  ? -23.992 17.332  13.279  1.00 165.94 ? 2   DA A "C5'" 1 
ATOM   25  C  "C4'" . DA A 1 2  ? -23.702 18.799  13.078  1.00 156.98 ? 2   DA A "C4'" 1 
ATOM   26  O  "O4'" . DA A 1 2  ? -23.202 19.382  14.293  1.00 151.97 ? 2   DA A "O4'" 1 
ATOM   27  C  "C3'" . DA A 1 2  ? -22.613 19.116  12.070  1.00 166.01 ? 2   DA A "C3'" 1 
ATOM   28  O  "O3'" . DA A 1 2  ? -23.105 19.088  10.739  1.00 195.67 ? 2   DA A "O3'" 1 
ATOM   29  C  "C2'" . DA A 1 2  ? -22.239 20.532  12.446  1.00 151.70 ? 2   DA A "C2'" 1 
ATOM   30  C  "C1'" . DA A 1 2  ? -22.423 20.528  13.961  1.00 165.53 ? 2   DA A "C1'" 1 
ATOM   31  N  N9    . DA A 1 2  ? -21.174 20.455  14.709  1.00 180.40 ? 2   DA A N9    1 
ATOM   32  C  C8    . DA A 1 2  ? -20.764 19.520  15.627  1.00 178.75 ? 2   DA A C8    1 
ATOM   33  N  N7    . DA A 1 2  ? -19.581 19.763  16.136  1.00 198.33 ? 2   DA A N7    1 
ATOM   34  C  C5    . DA A 1 2  ? -19.186 20.938  15.513  1.00 221.26 ? 2   DA A C5    1 
ATOM   35  C  C6    . DA A 1 2  ? -18.020 21.718  15.615  1.00 240.87 ? 2   DA A C6    1 
ATOM   36  N  N6    . DA A 1 2  ? -17.000 21.419  16.424  1.00 255.13 ? 2   DA A N6    1 
ATOM   37  N  N1    . DA A 1 2  ? -17.943 22.836  14.857  1.00 233.62 ? 2   DA A N1    1 
ATOM   38  C  C2    . DA A 1 2  ? -18.969 23.136  14.048  1.00 226.58 ? 2   DA A C2    1 
ATOM   39  N  N3    . DA A 1 2  ? -20.114 22.478  13.863  1.00 219.96 ? 2   DA A N3    1 
ATOM   40  C  C4    . DA A 1 2  ? -20.159 21.376  14.632  1.00 208.48 ? 2   DA A C4    1 
ATOM   41  P  P     . DG A 1 3  ? -22.086 18.896  9.534   1.00 220.08 ? 3   DG A P     1 
ATOM   42  O  OP1   . DG A 1 3  ? -22.733 18.017  8.530   1.00 253.18 ? 3   DG A OP1   1 
ATOM   43  O  OP2   . DG A 1 3  ? -20.762 18.538  10.087  1.00 201.80 ? 3   DG A OP2   1 
ATOM   44  O  "O5'" . DG A 1 3  ? -21.944 20.357  8.919   1.00 199.20 ? 3   DG A "O5'" 1 
ATOM   45  C  "C5'" . DG A 1 3  ? -20.947 20.625  7.913   1.00 185.59 ? 3   DG A "C5'" 1 
ATOM   46  C  "C4'" . DG A 1 3  ? -19.858 21.487  8.504   1.00 178.92 ? 3   DG A "C4'" 1 
ATOM   47  O  "O4'" . DG A 1 3  ? -19.760 21.225  9.914   1.00 171.11 ? 3   DG A "O4'" 1 
ATOM   48  C  "C3'" . DG A 1 3  ? -18.453 21.237  7.975   1.00 168.23 ? 3   DG A "C3'" 1 
ATOM   49  O  "O3'" . DG A 1 3  ? -18.199 22.051  6.831   1.00 197.02 ? 3   DG A "O3'" 1 
ATOM   50  C  "C2'" . DG A 1 3  ? -17.569 21.672  9.128   1.00 159.39 ? 3   DG A "C2'" 1 
ATOM   51  C  "C1'" . DG A 1 3  ? -18.491 21.670  10.346  1.00 167.17 ? 3   DG A "C1'" 1 
ATOM   52  N  N9    . DG A 1 3  ? -18.047 20.792  11.419  1.00 162.77 ? 3   DG A N9    1 
ATOM   53  C  C8    . DG A 1 3  ? -18.701 19.713  11.968  1.00 144.75 ? 3   DG A C8    1 
ATOM   54  N  N7    . DG A 1 3  ? -18.027 19.145  12.930  1.00 143.08 ? 3   DG A N7    1 
ATOM   55  C  C5    . DG A 1 3  ? -16.863 19.894  13.023  1.00 162.81 ? 3   DG A C5    1 
ATOM   56  C  C6    . DG A 1 3  ? -15.747 19.760  13.895  1.00 168.22 ? 3   DG A C6    1 
ATOM   57  O  O6    . DG A 1 3  ? -15.561 18.921  14.787  1.00 173.93 ? 3   DG A O6    1 
ATOM   58  N  N1    . DG A 1 3  ? -14.785 20.737  13.648  1.00 161.99 ? 3   DG A N1    1 
ATOM   59  C  C2    . DG A 1 3  ? -14.884 21.719  12.689  1.00 155.20 ? 3   DG A C2    1 
ATOM   60  N  N2    . DG A 1 3  ? -13.851 22.570  12.600  1.00 153.61 ? 3   DG A N2    1 
ATOM   61  N  N3    . DG A 1 3  ? -15.915 21.851  11.871  1.00 152.88 ? 3   DG A N3    1 
ATOM   62  C  C4    . DG A 1 3  ? -16.862 20.916  12.097  1.00 163.63 ? 3   DG A C4    1 
ATOM   63  P  P     . DC A 1 4  ? -17.654 21.385  5.492   1.00 238.35 ? 4   DC A P     1 
ATOM   64  O  OP1   . DC A 1 4  ? -16.978 22.447  4.694   1.00 261.79 ? 4   DC A OP1   1 
ATOM   65  O  OP2   . DC A 1 4  ? -18.777 20.614  4.886   1.00 214.41 ? 4   DC A OP2   1 
ATOM   66  O  "O5'" . DC A 1 4  ? -16.557 20.367  6.043   1.00 247.60 ? 4   DC A "O5'" 1 
ATOM   67  C  "C5'" . DC A 1 4  ? -15.167 20.444  5.666   1.00 233.01 ? 4   DC A "C5'" 1 
ATOM   68  C  "C4'" . DC A 1 4  ? -14.424 21.431  6.539   1.00 216.26 ? 4   DC A "C4'" 1 
ATOM   69  O  "O4'" . DC A 1 4  ? -14.800 21.252  7.919   1.00 198.46 ? 4   DC A "O4'" 1 
ATOM   70  C  "C3'" . DC A 1 4  ? -12.907 21.283  6.478   1.00 198.92 ? 4   DC A "C3'" 1 
ATOM   71  O  "O3'" . DC A 1 4  ? -12.410 22.324  5.637   1.00 208.28 ? 4   DC A "O3'" 1 
ATOM   72  C  "C2'" . DC A 1 4  ? -12.435 21.473  7.909   1.00 187.52 ? 4   DC A "C2'" 1 
ATOM   73  C  "C1'" . DC A 1 4  ? -13.683 21.381  8.783   1.00 187.41 ? 4   DC A "C1'" 1 
ATOM   74  N  N1    . DC A 1 4  ? -13.698 20.241  9.719   1.00 168.29 ? 4   DC A N1    1 
ATOM   75  C  C2    . DC A 1 4  ? -12.728 20.186  10.731  1.00 155.78 ? 4   DC A C2    1 
ATOM   76  O  O2    . DC A 1 4  ? -11.887 21.095  10.807  1.00 157.38 ? 4   DC A O2    1 
ATOM   77  N  N3    . DC A 1 4  ? -12.739 19.149  11.602  1.00 133.51 ? 4   DC A N3    1 
ATOM   78  C  C4    . DC A 1 4  ? -13.661 18.190  11.485  1.00 135.66 ? 4   DC A C4    1 
ATOM   79  N  N4    . DC A 1 4  ? -13.627 17.180  12.357  1.00 131.38 ? 4   DC A N4    1 
ATOM   80  C  C5    . DC A 1 4  ? -14.661 18.224  10.468  1.00 141.68 ? 4   DC A C5    1 
ATOM   81  C  C6    . DC A 1 4  ? -14.641 19.256  9.614   1.00 151.83 ? 4   DC A C6    1 
ATOM   82  P  P     . DA A 1 5  ? -11.296 22.015  4.553   1.00 209.33 ? 5   DA A P     1 
ATOM   83  O  OP1   . DA A 1 5  ? -11.298 23.135  3.571   1.00 218.34 ? 5   DA A OP1   1 
ATOM   84  O  OP2   . DA A 1 5  ? -11.513 20.630  4.067   1.00 204.66 ? 5   DA A OP2   1 
ATOM   85  O  "O5'" . DA A 1 5  ? -9.959  22.090  5.416   1.00 175.88 ? 5   DA A "O5'" 1 
ATOM   86  C  "C5'" . DA A 1 5  ? -8.658  21.937  4.813   1.00 176.37 ? 5   DA A "C5'" 1 
ATOM   87  C  "C4'" . DA A 1 5  ? -7.590  21.870  5.881   1.00 171.66 ? 5   DA A "C4'" 1 
ATOM   88  O  "O4'" . DA A 1 5  ? -8.159  21.412  7.126   1.00 155.72 ? 5   DA A "O4'" 1 
ATOM   89  C  "C3'" . DA A 1 5  ? -6.407  20.945  5.592   1.00 164.72 ? 5   DA A "C3'" 1 
ATOM   90  O  "O3'" . DA A 1 5  ? -5.197  21.559  6.056   1.00 198.09 ? 5   DA A "O3'" 1 
ATOM   91  C  "C2'" . DA A 1 5  ? -6.745  19.674  6.355   1.00 145.54 ? 5   DA A "C2'" 1 
ATOM   92  C  "C1'" . DA A 1 5  ? -7.748  20.089  7.425   1.00 148.09 ? 5   DA A "C1'" 1 
ATOM   93  N  N9    . DA A 1 5  ? -8.951  19.265  7.479   1.00 153.21 ? 5   DA A N9    1 
ATOM   94  C  C8    . DA A 1 5  ? -9.907  19.122  6.503   1.00 153.93 ? 5   DA A C8    1 
ATOM   95  N  N7    . DA A 1 5  ? -10.894 18.329  6.842   1.00 152.43 ? 5   DA A N7    1 
ATOM   96  C  C5    . DA A 1 5  ? -10.573 17.932  8.133   1.00 157.66 ? 5   DA A C5    1 
ATOM   97  C  C6    . DA A 1 5  ? -11.219 17.082  9.050   1.00 152.71 ? 5   DA A C6    1 
ATOM   98  N  N6    . DA A 1 5  ? -12.367 16.453  8.791   1.00 155.27 ? 5   DA A N6    1 
ATOM   99  N  N1    . DA A 1 5  ? -10.639 16.903  10.258  1.00 143.14 ? 5   DA A N1    1 
ATOM   100 C  C2    . DA A 1 5  ? -9.482  17.530  10.514  1.00 159.83 ? 5   DA A C2    1 
ATOM   101 N  N3    . DA A 1 5  ? -8.773  18.346  9.729   1.00 170.50 ? 5   DA A N3    1 
ATOM   102 C  C4    . DA A 1 5  ? -9.382  18.509  8.540   1.00 161.65 ? 5   DA A C4    1 
ATOM   103 P  P     . DG A 1 6  ? -3.804  21.415  5.251   1.00 232.26 ? 6   DG A P     1 
ATOM   104 O  OP1   . DG A 1 6  ? -3.156  22.753  5.196   1.00 236.41 ? 6   DG A OP1   1 
ATOM   105 O  OP2   . DG A 1 6  ? -4.059  20.697  3.975   1.00 242.38 ? 6   DG A OP2   1 
ATOM   106 O  "O5'" . DG A 1 6  ? -2.938  20.517  6.245   1.00 213.82 ? 6   DG A "O5'" 1 
ATOM   107 C  "C5'" . DG A 1 6  ? -3.100  19.085  6.284   1.00 192.14 ? 6   DG A "C5'" 1 
ATOM   108 C  "C4'" . DG A 1 6  ? -3.089  18.564  7.704   1.00 173.78 ? 6   DG A "C4'" 1 
ATOM   109 O  "O4'" . DG A 1 6  ? -4.443  18.263  8.124   1.00 146.54 ? 6   DG A "O4'" 1 
ATOM   110 C  "C3'" . DG A 1 6  ? -2.282  17.269  7.884   1.00 168.22 ? 6   DG A "C3'" 1 
ATOM   111 O  "O3'" . DG A 1 6  ? -1.182  17.382  8.800   1.00 185.85 ? 6   DG A "O3'" 1 
ATOM   112 C  "C2'" . DG A 1 6  ? -3.302  16.250  8.357   1.00 145.04 ? 6   DG A "C2'" 1 
ATOM   113 C  "C1'" . DG A 1 6  ? -4.427  17.082  8.901   1.00 146.39 ? 6   DG A "C1'" 1 
ATOM   114 N  N9    . DG A 1 6  ? -5.718  16.422  8.764   1.00 151.85 ? 6   DG A N9    1 
ATOM   115 C  C8    . DG A 1 6  ? -6.574  16.456  7.688   1.00 148.35 ? 6   DG A C8    1 
ATOM   116 N  N7    . DG A 1 6  ? -7.647  15.732  7.864   1.00 139.05 ? 6   DG A N7    1 
ATOM   117 C  C5    . DG A 1 6  ? -7.485  15.180  9.129   1.00 149.03 ? 6   DG A C5    1 
ATOM   118 C  C6    . DG A 1 6  ? -8.337  14.316  9.879   1.00 134.03 ? 6   DG A C6    1 
ATOM   119 O  O6    . DG A 1 6  ? -9.441  13.852  9.562   1.00 101.01 ? 6   DG A O6    1 
ATOM   120 N  N1    . DG A 1 6  ? -7.783  13.996  11.115  1.00 131.34 ? 6   DG A N1    1 
ATOM   121 C  C2    . DG A 1 6  ? -6.576  14.460  11.585  1.00 153.69 ? 6   DG A C2    1 
ATOM   122 N  N2    . DG A 1 6  ? -6.216  14.044  12.811  1.00 145.06 ? 6   DG A N2    1 
ATOM   123 N  N3    . DG A 1 6  ? -5.778  15.270  10.901  1.00 162.31 ? 6   DG A N3    1 
ATOM   124 C  C4    . DG A 1 6  ? -6.295  15.590  9.693   1.00 160.49 ? 6   DG A C4    1 
ATOM   125 P  P     . DA A 1 7  ? -0.049  16.232  8.852   1.00 191.16 ? 7   DA A P     1 
ATOM   126 O  OP1   . DA A 1 7  ? 1.115   16.748  9.627   1.00 184.89 ? 7   DA A OP1   1 
ATOM   127 O  OP2   . DA A 1 7  ? 0.167   15.730  7.479   1.00 209.26 ? 7   DA A OP2   1 
ATOM   128 O  "O5'" . DA A 1 7  ? -0.774  15.049  9.630   1.00 165.09 ? 7   DA A "O5'" 1 
ATOM   129 C  "C5'" . DA A 1 7  ? -1.087  15.175  11.022  1.00 167.04 ? 7   DA A "C5'" 1 
ATOM   130 C  "C4'" . DA A 1 7  ? -1.255  13.811  11.646  1.00 170.23 ? 7   DA A "C4'" 1 
ATOM   131 O  "O4'" . DA A 1 7  ? -2.625  13.379  11.504  1.00 166.02 ? 7   DA A "O4'" 1 
ATOM   132 C  "C3'" . DA A 1 7  ? -0.410  12.692  11.044  1.00 158.21 ? 7   DA A "C3'" 1 
ATOM   133 O  "O3'" . DA A 1 7  ? -0.128  11.790  12.115  1.00 175.46 ? 7   DA A "O3'" 1 
ATOM   134 C  "C2'" . DA A 1 7  ? -1.351  12.062  10.037  1.00 137.70 ? 7   DA A "C2'" 1 
ATOM   135 C  "C1'" . DA A 1 7  ? -2.683  12.167  10.763  1.00 132.43 ? 7   DA A "C1'" 1 
ATOM   136 N  N9    . DA A 1 7  ? -3.870  12.245  9.918   1.00 113.15 ? 7   DA A N9    1 
ATOM   137 C  C8    . DA A 1 7  ? -4.099  13.138  8.901   1.00 106.72 ? 7   DA A C8    1 
ATOM   138 N  N7    . DA A 1 7  ? -5.283  13.019  8.349   1.00 94.87  ? 7   DA A N7    1 
ATOM   139 C  C5    . DA A 1 7  ? -5.890  12.006  9.080   1.00 107.93 ? 7   DA A C5    1 
ATOM   140 C  C6    . DA A 1 7  ? -7.162  11.399  8.988   1.00 117.35 ? 7   DA A C6    1 
ATOM   141 N  N6    . DA A 1 7  ? -8.085  11.750  8.086   1.00 104.77 ? 7   DA A N6    1 
ATOM   142 N  N1    . DA A 1 7  ? -7.454  10.413  9.871   1.00 110.54 ? 7   DA A N1    1 
ATOM   143 C  C2    . DA A 1 7  ? -6.524  10.065  10.776  1.00 118.11 ? 7   DA A C2    1 
ATOM   144 N  N3    . DA A 1 7  ? -5.290  10.554  10.951  1.00 116.23 ? 7   DA A N3    1 
ATOM   145 C  C4    . DA A 1 7  ? -5.038  11.537  10.066  1.00 104.23 ? 7   DA A C4    1 
ATOM   146 P  P     . DC A 1 8  ? 1.030   10.720  11.992  1.00 195.43 ? 8   DC A P     1 
ATOM   147 O  OP1   . DC A 1 8  ? 1.789   10.729  13.270  1.00 191.70 ? 8   DC A OP1   1 
ATOM   148 O  OP2   . DC A 1 8  ? 1.748   10.964  10.712  1.00 193.05 ? 8   DC A OP2   1 
ATOM   149 O  "O5'" . DC A 1 8  ? 0.216   9.352   11.897  1.00 188.69 ? 8   DC A "O5'" 1 
ATOM   150 C  "C5'" . DC A 1 8  ? -0.396  8.787   13.071  1.00 179.15 ? 8   DC A "C5'" 1 
ATOM   151 C  "C4'" . DC A 1 8  ? -1.475  7.787   12.714  1.00 181.05 ? 8   DC A "C4'" 1 
ATOM   152 O  "O4'" . DC A 1 8  ? -2.474  8.367   11.837  1.00 175.86 ? 8   DC A "O4'" 1 
ATOM   153 C  "C3'" . DC A 1 8  ? -1.007  6.493   12.029  1.00 163.33 ? 8   DC A "C3'" 1 
ATOM   154 O  "O3'" . DC A 1 8  ? -1.433  5.370   12.818  1.00 172.63 ? 8   DC A "O3'" 1 
ATOM   155 C  "C2'" . DC A 1 8  ? -1.703  6.531   10.677  1.00 152.37 ? 8   DC A "C2'" 1 
ATOM   156 C  "C1'" . DC A 1 8  ? -2.948  7.333   10.989  1.00 150.35 ? 8   DC A "C1'" 1 
ATOM   157 N  N1    . DC A 1 8  ? -3.629  7.959   9.832   1.00 129.79 ? 8   DC A N1    1 
ATOM   158 C  C2    . DC A 1 8  ? -4.922  7.537   9.466   1.00 108.75 ? 8   DC A C2    1 
ATOM   159 O  O2    . DC A 1 8  ? -5.466  6.631   10.112  1.00 108.85 ? 8   DC A O2    1 
ATOM   160 N  N3    . DC A 1 8  ? -5.536  8.123   8.409   1.00 90.84  ? 8   DC A N3    1 
ATOM   161 C  C4    . DC A 1 8  ? -4.913  9.095   7.731   1.00 104.37 ? 8   DC A C4    1 
ATOM   162 N  N4    . DC A 1 8  ? -5.558  9.661   6.703   1.00 91.93  ? 8   DC A N4    1 
ATOM   163 C  C5    . DC A 1 8  ? -3.606  9.547   8.088   1.00 110.41 ? 8   DC A C5    1 
ATOM   164 C  C6    . DC A 1 8  ? -3.011  8.962   9.138   1.00 118.25 ? 8   DC A C6    1 
ATOM   165 P  P     . DA A 1 9  ? -1.062  3.865   12.399  1.00 182.60 ? 9   DA A P     1 
ATOM   166 O  OP1   . DA A 1 9  ? -0.691  3.116   13.633  1.00 195.20 ? 9   DA A OP1   1 
ATOM   167 O  OP2   . DA A 1 9  ? -0.094  3.924   11.277  1.00 161.25 ? 9   DA A OP2   1 
ATOM   168 O  "O5'" . DA A 1 9  ? -2.461  3.289   11.905  1.00 138.96 ? 9   DA A "O5'" 1 
ATOM   169 C  "C5'" . DA A 1 9  ? -3.577  3.233   12.804  1.00 136.69 ? 9   DA A "C5'" 1 
ATOM   170 C  "C4'" . DA A 1 9  ? -4.548  2.136   12.427  1.00 139.17 ? 9   DA A "C4'" 1 
ATOM   171 O  "O4'" . DA A 1 9  ? -5.482  2.625   11.441  1.00 134.17 ? 9   DA A "O4'" 1 
ATOM   172 C  "C3'" . DA A 1 9  ? -3.968  0.867   11.816  1.00 128.05 ? 9   DA A "C3'" 1 
ATOM   173 O  "O3'" . DA A 1 9  ? -4.903  -0.168  12.120  1.00 127.23 ? 9   DA A "O3'" 1 
ATOM   174 C  "C2'" . DA A 1 9  ? -3.948  1.196   10.337  1.00 119.58 ? 9   DA A "C2'" 1 
ATOM   175 C  "C1'" . DA A 1 9  ? -5.199  2.056   10.172  1.00 127.97 ? 9   DA A "C1'" 1 
ATOM   176 N  N9    . DA A 1 9  ? -5.017  3.155   9.233   1.00 131.51 ? 9   DA A N9    1 
ATOM   177 C  C8    . DA A 1 9  ? -3.985  4.059   9.232   1.00 127.32 ? 9   DA A C8    1 
ATOM   178 N  N7    . DA A 1 9  ? -4.048  4.932   8.256   1.00 138.12 ? 9   DA A N7    1 
ATOM   179 C  C5    . DA A 1 9  ? -5.213  4.597   7.581   1.00 125.31 ? 9   DA A C5    1 
ATOM   180 C  C6    . DA A 1 9  ? -5.850  5.153   6.452   1.00 102.15 ? 9   DA A C6    1 
ATOM   181 N  N6    . DA A 1 9  ? -5.379  6.212   5.785   1.00 82.79  ? 9   DA A N6    1 
ATOM   182 N  N1    . DA A 1 9  ? -7.003  4.582   6.035   1.00 92.46  ? 9   DA A N1    1 
ATOM   183 C  C2    . DA A 1 9  ? -7.475  3.523   6.712   1.00 115.32 ? 9   DA A C2    1 
ATOM   184 N  N3    . DA A 1 9  ? -6.966  2.909   7.784   1.00 131.44 ? 9   DA A N3    1 
ATOM   185 C  C4    . DA A 1 9  ? -5.822  3.502   8.174   1.00 133.90 ? 9   DA A C4    1 
ATOM   186 P  P     . DA A 1 10 ? -4.803  -1.593  11.420  1.00 154.99 ? 10  DA A P     1 
ATOM   187 O  OP1   . DA A 1 10 ? -5.500  -2.573  12.296  1.00 152.35 ? 10  DA A OP1   1 
ATOM   188 O  OP2   . DA A 1 10 ? -3.382  -1.832  11.060  1.00 187.74 ? 10  DA A OP2   1 
ATOM   189 O  "O5'" . DA A 1 10 ? -5.587  -1.384  10.047  1.00 129.81 ? 10  DA A "O5'" 1 
ATOM   190 C  "C5'" . DA A 1 10 ? -7.010  -1.199  10.043  1.00 141.72 ? 10  DA A "C5'" 1 
ATOM   191 C  "C4'" . DA A 1 10 ? -7.712  -2.082  9.036   1.00 141.36 ? 10  DA A "C4'" 1 
ATOM   192 O  "O4'" . DA A 1 10 ? -7.970  -1.339  7.825   1.00 140.77 ? 10  DA A "O4'" 1 
ATOM   193 C  "C3'" . DA A 1 10 ? -7.010  -3.359  8.588   1.00 133.99 ? 10  DA A "C3'" 1 
ATOM   194 O  "O3'" . DA A 1 10 ? -8.017  -4.336  8.315   1.00 136.94 ? 10  DA A "O3'" 1 
ATOM   195 C  "C2'" . DA A 1 10 ? -6.281  -2.925  7.332   1.00 130.69 ? 10  DA A "C2'" 1 
ATOM   196 C  "C1'" . DA A 1 10 ? -7.149  -1.798  6.771   1.00 128.94 ? 10  DA A "C1'" 1 
ATOM   197 N  N9    . DA A 1 10 ? -6.411  -0.644  6.259   1.00 130.73 ? 10  DA A N9    1 
ATOM   198 C  C8    . DA A 1 10 ? -5.278  -0.063  6.778   1.00 129.68 ? 10  DA A C8    1 
ATOM   199 N  N7    . DA A 1 10 ? -4.834  0.950   6.075   1.00 123.57 ? 10  DA A N7    1 
ATOM   200 C  C5    . DA A 1 10 ? -5.750  1.064   5.039   1.00 112.62 ? 10  DA A C5    1 
ATOM   201 C  C6    . DA A 1 10 ? -5.858  1.968   3.967   1.00 101.17 ? 10  DA A C6    1 
ATOM   202 N  N6    . DA A 1 10 ? -4.997  2.962   3.749   1.00 103.46 ? 10  DA A N6    1 
ATOM   203 N  N1    . DA A 1 10 ? -6.883  1.799   3.102   1.00 89.67  ? 10  DA A N1    1 
ATOM   204 C  C2    . DA A 1 10 ? -7.754  0.805   3.327   1.00 102.73 ? 10  DA A C2    1 
ATOM   205 N  N3    . DA A 1 10 ? -7.773  -0.093  4.313   1.00 109.30 ? 10  DA A N3    1 
ATOM   206 C  C4    . DA A 1 10 ? -6.731  0.094   5.144   1.00 120.22 ? 10  DA A C4    1 
ATOM   207 P  P     . DG A 1 11 ? -7.616  -5.790  7.826   1.00 155.20 ? 11  DG A P     1 
ATOM   208 O  OP1   . DG A 1 11 ? -8.562  -6.753  8.441   1.00 156.33 ? 11  DG A OP1   1 
ATOM   209 O  OP2   . DG A 1 11 ? -6.157  -5.969  8.071   1.00 175.51 ? 11  DG A OP2   1 
ATOM   210 O  "O5'" . DG A 1 11 ? -7.907  -5.700  6.259   1.00 150.75 ? 11  DG A "O5'" 1 
ATOM   211 C  "C5'" . DG A 1 11 ? -9.247  -5.474  5.765   1.00 129.96 ? 11  DG A "C5'" 1 
ATOM   212 C  "C4'" . DG A 1 11 ? -9.279  -5.233  4.268   1.00 124.43 ? 11  DG A "C4'" 1 
ATOM   213 O  "O4'" . DG A 1 11 ? -8.602  -4.007  3.919   1.00 120.32 ? 11  DG A "O4'" 1 
ATOM   214 C  "C3'" . DG A 1 11 ? -8.689  -6.327  3.376   1.00 114.52 ? 11  DG A "C3'" 1 
ATOM   215 O  "O3'" . DG A 1 11 ? -9.728  -6.784  2.504   1.00 127.01 ? 11  DG A "O3'" 1 
ATOM   216 C  "C2'" . DG A 1 11 ? -7.530  -5.653  2.655   1.00 107.80 ? 11  DG A "C2'" 1 
ATOM   217 C  "C1'" . DG A 1 11 ? -7.829  -4.175  2.742   1.00 108.12 ? 11  DG A "C1'" 1 
ATOM   218 N  N9    . DG A 1 11 ? -6.669  -3.289  2.861   1.00 112.14 ? 11  DG A N9    1 
ATOM   219 C  C8    . DG A 1 11 ? -5.708  -3.305  3.846   1.00 96.97  ? 11  DG A C8    1 
ATOM   220 N  N7    . DG A 1 11 ? -4.840  -2.334  3.732   1.00 87.75  ? 11  DG A N7    1 
ATOM   221 C  C5    . DG A 1 11 ? -5.266  -1.619  2.622   1.00 83.00  ? 11  DG A C5    1 
ATOM   222 C  C6    . DG A 1 11 ? -4.729  -0.454  2.018   1.00 84.54  ? 11  DG A C6    1 
ATOM   223 O  O6    . DG A 1 11 ? -3.728  0.195   2.350   1.00 73.00  ? 11  DG A O6    1 
ATOM   224 N  N1    . DG A 1 11 ? -5.481  -0.055  0.917   1.00 88.88  ? 11  DG A N1    1 
ATOM   225 C  C2    . DG A 1 11 ? -6.608  -0.693  0.457   1.00 105.06 ? 11  DG A C2    1 
ATOM   226 N  N2    . DG A 1 11 ? -7.199  -0.159  -0.622  1.00 117.63 ? 11  DG A N2    1 
ATOM   227 N  N3    . DG A 1 11 ? -7.121  -1.780  1.013   1.00 113.01 ? 11  DG A N3    1 
ATOM   228 C  C4    . DG A 1 11 ? -6.406  -2.183  2.084   1.00 103.44 ? 11  DG A C4    1 
ATOM   229 P  P     . DA A 1 12 ? -9.464  -7.950  1.450   1.00 150.90 ? 12  DA A P     1 
ATOM   230 O  OP1   . DA A 1 12 ? -10.780 -8.569  1.117   1.00 141.36 ? 12  DA A OP1   1 
ATOM   231 O  OP2   . DA A 1 12 ? -8.388  -8.819  1.994   1.00 150.57 ? 12  DA A OP2   1 
ATOM   232 O  "O5'" . DA A 1 12 ? -8.938  -7.133  0.181   1.00 153.01 ? 12  DA A "O5'" 1 
ATOM   233 C  "C5'" . DA A 1 12 ? -9.615  -5.916  -0.233  1.00 157.55 ? 12  DA A "C5'" 1 
ATOM   234 C  "C4'" . DA A 1 12 ? -9.004  -5.278  -1.464  1.00 162.71 ? 12  DA A "C4'" 1 
ATOM   235 O  "O4'" . DA A 1 12 ? -8.019  -4.293  -1.062  1.00 145.22 ? 12  DA A "O4'" 1 
ATOM   236 C  "C3'" . DA A 1 12 ? -8.303  -6.204  -2.472  1.00 173.51 ? 12  DA A "C3'" 1 
ATOM   237 O  "O3'" . DA A 1 12 ? -8.669  -5.910  -3.835  1.00 174.11 ? 12  DA A "O3'" 1 
ATOM   238 C  "C2'" . DA A 1 12 ? -6.831  -5.930  -2.223  1.00 163.57 ? 12  DA A "C2'" 1 
ATOM   239 C  "C1'" . DA A 1 12 ? -6.843  -4.464  -1.843  1.00 139.84 ? 12  DA A "C1'" 1 
ATOM   240 N  N9    . DA A 1 12 ? -5.704  -4.056  -1.026  1.00 118.94 ? 12  DA A N9    1 
ATOM   241 C  C8    . DA A 1 12 ? -5.289  -4.636  0.146   1.00 117.51 ? 12  DA A C8    1 
ATOM   242 N  N7    . DA A 1 12 ? -4.235  -4.065  0.675   1.00 109.96 ? 12  DA A N7    1 
ATOM   243 C  C5    . DA A 1 12 ? -3.945  -3.028  -0.197  1.00 97.02  ? 12  DA A C5    1 
ATOM   244 C  C6    . DA A 1 12 ? -2.944  -2.046  -0.192  1.00 98.73  ? 12  DA A C6    1 
ATOM   245 N  N6    . DA A 1 12 ? -2.022  -1.940  0.767   1.00 98.49  ? 12  DA A N6    1 
ATOM   246 N  N1    . DA A 1 12 ? -2.927  -1.158  -1.211  1.00 97.89  ? 12  DA A N1    1 
ATOM   247 C  C2    . DA A 1 12 ? -3.857  -1.268  -2.172  1.00 109.24 ? 12  DA A C2    1 
ATOM   248 N  N3    . DA A 1 12 ? -4.842  -2.160  -2.293  1.00 112.28 ? 12  DA A N3    1 
ATOM   249 C  C4    . DA A 1 12 ? -4.834  -3.017  -1.257  1.00 106.37 ? 12  DA A C4    1 
ATOM   250 P  P     . DC A 1 13 ? -7.983  -6.697  -5.083  1.00 165.44 ? 13  DC A P     1 
ATOM   251 O  OP1   . DC A 1 13 ? -8.974  -6.731  -6.187  1.00 154.41 ? 13  DC A OP1   1 
ATOM   252 O  OP2   . DC A 1 13 ? -7.395  -7.978  -4.580  1.00 122.10 ? 13  DC A OP2   1 
ATOM   253 O  "O5'" . DC A 1 13 ? -6.799  -5.715  -5.513  1.00 152.52 ? 13  DC A "O5'" 1 
ATOM   254 C  "C5'" . DC A 1 13 ? -7.067  -4.333  -5.864  1.00 153.29 ? 13  DC A "C5'" 1 
ATOM   255 C  "C4'" . DC A 1 13 ? -5.826  -3.604  -6.343  1.00 146.33 ? 13  DC A "C4'" 1 
ATOM   256 O  "O4'" . DC A 1 13 ? -4.980  -3.250  -5.221  1.00 128.99 ? 13  DC A "O4'" 1 
ATOM   257 C  "C3'" . DC A 1 13 ? -4.936  -4.365  -7.336  1.00 136.96 ? 13  DC A "C3'" 1 
ATOM   258 O  "O3'" . DC A 1 13 ? -4.739  -3.676  -8.582  1.00 145.68 ? 13  DC A "O3'" 1 
ATOM   259 C  "C2'" . DC A 1 13 ? -3.630  -4.563  -6.585  1.00 116.15 ? 13  DC A "C2'" 1 
ATOM   260 C  "C1'" . DC A 1 13 ? -3.623  -3.444  -5.573  1.00 108.91 ? 13  DC A "C1'" 1 
ATOM   261 N  N1    . DC A 1 13 ? -2.886  -3.786  -4.348  1.00 95.51  ? 13  DC A N1    1 
ATOM   262 C  C2    . DC A 1 13 ? -1.778  -3.017  -3.950  1.00 103.90 ? 13  DC A C2    1 
ATOM   263 O  O2    . DC A 1 13 ? -1.427  -2.054  -4.650  1.00 113.48 ? 13  DC A O2    1 
ATOM   264 N  N3    . DC A 1 13 ? -1.123  -3.345  -2.812  1.00 93.74  ? 13  DC A N3    1 
ATOM   265 C  C4    . DC A 1 13 ? -1.529  -4.391  -2.088  1.00 99.31  ? 13  DC A C4    1 
ATOM   266 N  N4    . DC A 1 13 ? -0.855  -4.684  -0.973  1.00 104.81 ? 13  DC A N4    1 
ATOM   267 C  C5    . DC A 1 13 ? -2.640  -5.193  -2.478  1.00 97.35  ? 13  DC A C5    1 
ATOM   268 C  C6    . DC A 1 13 ? -3.285  -4.858  -3.601  1.00 90.31  ? 13  DC A C6    1 
ATOM   269 P  P     . DT A 1 14 ? -3.827  -4.348  -9.760  1.00 156.28 ? 14  DT A P     1 
ATOM   270 O  OP1   . DT A 1 14 ? -4.369  -3.903  -11.078 1.00 137.01 ? 14  DT A OP1   1 
ATOM   271 O  OP2   . DT A 1 14 ? -3.665  -5.808  -9.476  1.00 119.93 ? 14  DT A OP2   1 
ATOM   272 O  "O5'" . DT A 1 14 ? -2.399  -3.685  -9.511  1.00 127.99 ? 14  DT A "O5'" 1 
ATOM   273 C  "C5'" . DT A 1 14 ? -2.341  -2.325  -9.043  1.00 128.51 ? 14  DT A "C5'" 1 
ATOM   274 C  "C4'" . DT A 1 14 ? -0.937  -1.765  -9.087  1.00 123.22 ? 14  DT A "C4'" 1 
ATOM   275 O  "O4'" . DT A 1 14 ? -0.299  -1.950  -7.800  1.00 104.27 ? 14  DT A "O4'" 1 
ATOM   276 C  "C3'" . DT A 1 14 ? 0.011   -2.374  -10.122 1.00 105.96 ? 14  DT A "C3'" 1 
ATOM   277 O  "O3'" . DT A 1 14 ? 0.883   -1.350  -10.610 1.00 108.83 ? 14  DT A "O3'" 1 
ATOM   278 C  "C2'" . DT A 1 14 ? 0.769   -3.394  -9.305  1.00 107.71 ? 14  DT A "C2'" 1 
ATOM   279 C  "C1'" . DT A 1 14 ? 0.905   -2.671  -7.973  1.00 102.79 ? 14  DT A "C1'" 1 
ATOM   280 N  N1    . DT A 1 14 ? 1.073   -3.541  -6.803  1.00 88.18  ? 14  DT A N1    1 
ATOM   281 C  C2    . DT A 1 14 ? 2.060   -3.255  -5.885  1.00 82.50  ? 14  DT A C2    1 
ATOM   282 O  O2    . DT A 1 14 ? 2.849   -2.330  -6.017  1.00 76.90  ? 14  DT A O2    1 
ATOM   283 N  N3    . DT A 1 14 ? 2.114   -4.113  -4.817  1.00 66.45  ? 14  DT A N3    1 
ATOM   284 C  C4    . DT A 1 14 ? 1.310   -5.206  -4.590  1.00 80.77  ? 14  DT A C4    1 
ATOM   285 O  O4    . DT A 1 14 ? 1.472   -5.881  -3.580  1.00 90.69  ? 14  DT A O4    1 
ATOM   286 C  C5    . DT A 1 14 ? 0.300   -5.449  -5.596  1.00 96.82  ? 14  DT A C5    1 
ATOM   287 C  C7    . DT A 1 14 ? -0.628  -6.609  -5.428  1.00 112.13 ? 14  DT A C7    1 
ATOM   288 C  C6    . DT A 1 14 ? 0.230   -4.612  -6.634  1.00 80.87  ? 14  DT A C6    1 
ATOM   289 P  P     . DG A 1 15 ? 2.042   -1.679  -11.661 1.00 102.95 ? 15  DG A P     1 
ATOM   290 O  OP1   . DG A 1 15 ? 2.437   -0.388  -12.320 1.00 97.18  ? 15  DG A OP1   1 
ATOM   291 O  OP2   . DG A 1 15 ? 1.583   -2.828  -12.479 1.00 92.86  ? 15  DG A OP2   1 
ATOM   292 O  "O5'" . DG A 1 15 ? 3.279   -2.074  -10.732 1.00 81.89  ? 15  DG A "O5'" 1 
ATOM   293 C  "C5'" . DG A 1 15 ? 3.633   -1.235  -9.610  1.00 101.79 ? 15  DG A "C5'" 1 
ATOM   294 C  "C4'" . DG A 1 15 ? 5.066   -0.762  -9.675  1.00 108.91 ? 15  DG A "C4'" 1 
ATOM   295 O  "O4'" . DG A 1 15 ? 5.827   -1.252  -8.544  1.00 105.24 ? 15  DG A "O4'" 1 
ATOM   296 C  "C3'" . DG A 1 15 ? 5.836   -1.259  -10.878 1.00 116.19 ? 15  DG A "C3'" 1 
ATOM   297 O  "O3'" . DG A 1 15 ? 6.879   -0.304  -11.073 1.00 122.74 ? 15  DG A "O3'" 1 
ATOM   298 C  "C2'" . DG A 1 15 ? 6.268   -2.642  -10.416 1.00 112.25 ? 15  DG A "C2'" 1 
ATOM   299 C  "C1'" . DG A 1 15 ? 6.358   -2.520  -8.885  1.00 91.23  ? 15  DG A "C1'" 1 
ATOM   300 N  N9    . DG A 1 15 ? 5.636   -3.537  -8.116  1.00 77.52  ? 15  DG A N9    1 
ATOM   301 C  C8    . DG A 1 15 ? 4.406   -4.098  -8.386  1.00 77.77  ? 15  DG A C8    1 
ATOM   302 N  N7    . DG A 1 15 ? 4.074   -5.039  -7.541  1.00 66.80  ? 15  DG A N7    1 
ATOM   303 C  C5    . DG A 1 15 ? 5.141   -5.094  -6.652  1.00 64.60  ? 15  DG A C5    1 
ATOM   304 C  C6    . DG A 1 15 ? 5.332   -5.896  -5.496  1.00 51.22  ? 15  DG A C6    1 
ATOM   305 O  O6    . DG A 1 15 ? 4.553   -6.719  -4.999  1.00 47.26  ? 15  DG A O6    1 
ATOM   306 N  N1    . DG A 1 15 ? 6.569   -5.652  -4.900  1.00 39.31  ? 15  DG A N1    1 
ATOM   307 C  C2    . DG A 1 15 ? 7.490   -4.729  -5.349  1.00 54.24  ? 15  DG A C2    1 
ATOM   308 N  N2    . DG A 1 15 ? 8.619   -4.612  -4.641  1.00 59.00  ? 15  DG A N2    1 
ATOM   309 N  N3    . DG A 1 15 ? 7.305   -3.948  -6.403  1.00 55.94  ? 15  DG A N3    1 
ATOM   310 C  C4    . DG A 1 15 ? 6.116   -4.179  -6.999  1.00 67.95  ? 15  DG A C4    1 
ATOM   311 P  P     . DC A 1 16 ? 7.998   -0.584  -12.126 1.00 117.41 ? 16  DC A P     1 
ATOM   312 O  OP1   . DC A 1 16 ? 8.600   0.735   -12.487 1.00 111.77 ? 16  DC A OP1   1 
ATOM   313 O  OP2   . DC A 1 16 ? 7.422   -1.490  -13.179 1.00 95.90  ? 16  DC A OP2   1 
ATOM   314 O  "O5'" . DC A 1 16 ? 8.999   -1.500  -11.296 1.00 102.01 ? 16  DC A "O5'" 1 
ATOM   315 C  "C5'" . DC A 1 16 ? 9.696   -0.992  -10.150 1.00 112.35 ? 16  DC A "C5'" 1 
ATOM   316 C  "C4'" . DC A 1 16 ? 10.834  -1.923  -9.807  1.00 120.02 ? 16  DC A "C4'" 1 
ATOM   317 O  "O4'" . DC A 1 16 ? 10.360  -3.023  -9.002  1.00 114.35 ? 16  DC A "O4'" 1 
ATOM   318 C  "C3'" . DC A 1 16 ? 11.503  -2.598  -10.999 1.00 135.24 ? 16  DC A "C3'" 1 
ATOM   319 O  "O3'" . DC A 1 16 ? 12.821  -2.941  -10.586 1.00 139.59 ? 16  DC A "O3'" 1 
ATOM   320 C  "C2'" . DC A 1 16 ? 10.719  -3.888  -11.136 1.00 121.19 ? 16  DC A "C2'" 1 
ATOM   321 C  "C1'" . DC A 1 16 ? 10.644  -4.245  -9.671  1.00 103.90 ? 16  DC A "C1'" 1 
ATOM   322 N  N1    . DC A 1 16 ? 9.633   -5.208  -9.254  1.00 88.04  ? 16  DC A N1    1 
ATOM   323 C  C2    . DC A 1 16 ? 9.838   -5.899  -8.053  1.00 78.95  ? 16  DC A C2    1 
ATOM   324 O  O2    . DC A 1 16 ? 10.908  -5.735  -7.445  1.00 92.39  ? 16  DC A O2    1 
ATOM   325 N  N3    . DC A 1 16 ? 8.884   -6.748  -7.603  1.00 59.78  ? 16  DC A N3    1 
ATOM   326 C  C4    . DC A 1 16 ? 7.745   -6.885  -8.286  1.00 71.11  ? 16  DC A C4    1 
ATOM   327 N  N4    . DC A 1 16 ? 6.826   -7.721  -7.810  1.00 74.89  ? 16  DC A N4    1 
ATOM   328 C  C5    . DC A 1 16 ? 7.505   -6.182  -9.506  1.00 82.65  ? 16  DC A C5    1 
ATOM   329 C  C6    . DC A 1 16 ? 8.459   -5.347  -9.938  1.00 85.19  ? 16  DC A C6    1 
ATOM   330 P  P     . DA A 1 17 ? 13.933  -3.079  -11.656 1.00 128.66 ? 17  DA A P     1 
ATOM   331 O  OP1   . DA A 1 17 ? 14.211  -1.705  -12.183 1.00 124.51 ? 17  DA A OP1   1 
ATOM   332 O  OP2   . DA A 1 17 ? 13.549  -4.203  -12.572 1.00 104.71 ? 17  DA A OP2   1 
ATOM   333 O  "O5'" . DA A 1 17 ? 15.165  -3.574  -10.794 1.00 117.51 ? 17  DA A "O5'" 1 
ATOM   334 C  "C5'" . DA A 1 17 ? 15.591  -2.875  -9.625  1.00 103.02 ? 17  DA A "C5'" 1 
ATOM   335 C  "C4'" . DA A 1 17 ? 16.028  -3.925  -8.639  1.00 107.94 ? 17  DA A "C4'" 1 
ATOM   336 O  "O4'" . DA A 1 17 ? 14.918  -4.821  -8.405  1.00 100.95 ? 17  DA A "O4'" 1 
ATOM   337 C  "C3'" . DA A 1 17 ? 17.176  -4.813  -9.120  1.00 112.09 ? 17  DA A "C3'" 1 
ATOM   338 O  "O3'" . DA A 1 17 ? 18.034  -4.928  -7.966  1.00 124.88 ? 17  DA A "O3'" 1 
ATOM   339 C  "C2'" . DA A 1 17 ? 16.451  -6.030  -9.693  1.00 96.85  ? 17  DA A "C2'" 1 
ATOM   340 C  "C1'" . DA A 1 17 ? 15.245  -6.143  -8.785  1.00 86.03  ? 17  DA A "C1'" 1 
ATOM   341 N  N9    . DA A 1 17 ? 14.037  -6.716  -9.355  1.00 86.88  ? 17  DA A N9    1 
ATOM   342 C  C8    . DA A 1 17 ? 13.362  -6.306  -10.478 1.00 87.16  ? 17  DA A C8    1 
ATOM   343 N  N7    . DA A 1 17 ? 12.240  -6.955  -10.688 1.00 80.57  ? 17  DA A N7    1 
ATOM   344 C  C5    . DA A 1 17 ? 12.145  -7.814  -9.602  1.00 76.66  ? 17  DA A C5    1 
ATOM   345 C  C6    . DA A 1 17 ? 11.178  -8.765  -9.230  1.00 82.26  ? 17  DA A C6    1 
ATOM   346 N  N6    . DA A 1 17 ? 10.081  -9.018  -9.949  1.00 75.45  ? 17  DA A N6    1 
ATOM   347 N  N1    . DA A 1 17 ? 11.384  -9.462  -8.085  1.00 84.08  ? 17  DA A N1    1 
ATOM   348 C  C2    . DA A 1 17 ? 12.494  -9.203  -7.366  1.00 84.86  ? 17  DA A C2    1 
ATOM   349 N  N3    . DA A 1 17 ? 13.466  -8.315  -7.605  1.00 74.34  ? 17  DA A N3    1 
ATOM   350 C  C4    . DA A 1 17 ? 13.228  -7.648  -8.750  1.00 82.60  ? 17  DA A C4    1 
ATOM   351 P  P     . DC A 1 18 ? 19.015  -6.172  -7.778  1.00 129.51 ? 18  DC A P     1 
ATOM   352 O  OP1   . DC A 1 18 ? 19.824  -5.983  -6.547  1.00 135.68 ? 18  DC A OP1   1 
ATOM   353 O  OP2   . DC A 1 18 ? 19.664  -6.424  -9.079  1.00 149.96 ? 18  DC A OP2   1 
ATOM   354 O  "O5'" . DC A 1 18 ? 18.048  -7.387  -7.458  1.00 94.89  ? 18  DC A "O5'" 1 
ATOM   355 C  "C5'" . DC A 1 18 ? 18.478  -8.656  -7.865  1.00 94.69  ? 18  DC A "C5'" 1 
ATOM   356 C  "C4'" . DC A 1 18 ? 17.853  -9.674  -6.958  1.00 113.00 ? 18  DC A "C4'" 1 
ATOM   357 O  "O4'" . DC A 1 18 ? 16.432  -9.754  -7.227  1.00 113.70 ? 18  DC A "O4'" 1 
ATOM   358 C  "C3'" . DC A 1 18 ? 18.413  -11.069 -7.193  1.00 122.08 ? 18  DC A "C3'" 1 
ATOM   359 O  "O3'" . DC A 1 18 ? 18.619  -11.708 -5.942  1.00 136.14 ? 18  DC A "O3'" 1 
ATOM   360 C  "C2'" . DC A 1 18 ? 17.380  -11.708 -8.099  1.00 112.98 ? 18  DC A "C2'" 1 
ATOM   361 C  "C1'" . DC A 1 18 ? 16.075  -11.063 -7.681  1.00 95.31  ? 18  DC A "C1'" 1 
ATOM   362 N  N1    . DC A 1 18 ? 15.094  -10.901 -8.782  1.00 85.54  ? 18  DC A N1    1 
ATOM   363 C  C2    . DC A 1 18 ? 13.988  -11.774 -8.885  1.00 85.34  ? 18  DC A C2    1 
ATOM   364 O  O2    . DC A 1 18 ? 13.860  -12.698 -8.061  1.00 71.48  ? 18  DC A O2    1 
ATOM   365 N  N3    . DC A 1 18 ? 13.084  -11.580 -9.881  1.00 79.80  ? 18  DC A N3    1 
ATOM   366 C  C4    . DC A 1 18 ? 13.266  -10.589 -10.764 1.00 89.92  ? 18  DC A C4    1 
ATOM   367 N  N4    . DC A 1 18 ? 12.360  -10.439 -11.736 1.00 94.05  ? 18  DC A N4    1 
ATOM   368 C  C5    . DC A 1 18 ? 14.377  -9.695  -10.681 1.00 81.25  ? 18  DC A C5    1 
ATOM   369 C  C6    . DC A 1 18 ? 15.247  -9.875  -9.677  1.00 80.70  ? 18  DC A C6    1 
ATOM   370 P  P     . DT A 1 19 ? 19.678  -12.864 -5.819  1.00 150.00 ? 19  DT A P     1 
ATOM   371 O  OP1   . DT A 1 19 ? 20.635  -12.499 -4.747  1.00 155.40 ? 19  DT A OP1   1 
ATOM   372 O  OP2   . DT A 1 19 ? 20.209  -13.140 -7.180  1.00 162.49 ? 19  DT A OP2   1 
ATOM   373 O  "O5'" . DT A 1 19 ? 18.744  -14.074 -5.380  1.00 106.71 ? 19  DT A "O5'" 1 
ATOM   374 C  "C5'" . DT A 1 19 ? 17.744  -14.468 -6.295  1.00 83.78  ? 19  DT A "C5'" 1 
ATOM   375 C  "C4'" . DT A 1 19 ? 16.923  -15.574 -5.702  1.00 98.68  ? 19  DT A "C4'" 1 
ATOM   376 O  "O4'" . DT A 1 19 ? 15.651  -15.589 -6.379  1.00 113.74 ? 19  DT A "O4'" 1 
ATOM   377 C  "C3'" . DT A 1 19 ? 17.493  -16.967 -5.884  1.00 114.43 ? 19  DT A "C3'" 1 
ATOM   378 O  "O3'" . DT A 1 19 ? 17.090  -17.706 -4.720  1.00 142.03 ? 19  DT A "O3'" 1 
ATOM   379 C  "C2'" . DT A 1 19 ? 16.933  -17.373 -7.240  1.00 116.74 ? 19  DT A "C2'" 1 
ATOM   380 C  "C1'" . DT A 1 19 ? 15.625  -16.593 -7.377  1.00 103.21 ? 19  DT A "C1'" 1 
ATOM   381 N  N1    . DT A 1 19 ? 15.342  -15.917 -8.685  1.00 92.54  ? 19  DT A N1    1 
ATOM   382 C  C2    . DT A 1 19 ? 14.166  -16.230 -9.349  1.00 91.87  ? 19  DT A C2    1 
ATOM   383 O  O2    . DT A 1 19 ? 13.367  -17.065 -8.941  1.00 106.23 ? 19  DT A O2    1 
ATOM   384 N  N3    . DT A 1 19 ? 13.967  -15.534 -10.526 1.00 75.61  ? 19  DT A N3    1 
ATOM   385 C  C4    . DT A 1 19 ? 14.796  -14.562 -11.073 1.00 80.40  ? 19  DT A C4    1 
ATOM   386 O  O4    . DT A 1 19 ? 14.491  -14.007 -12.134 1.00 77.57  ? 19  DT A O4    1 
ATOM   387 C  C5    . DT A 1 19 ? 15.988  -14.269 -10.310 1.00 68.93  ? 19  DT A C5    1 
ATOM   388 C  C7    . DT A 1 19 ? 16.942  -13.251 -10.844 1.00 66.66  ? 19  DT A C7    1 
ATOM   389 C  C6    . DT A 1 19 ? 16.197  -14.943 -9.167  1.00 71.62  ? 19  DT A C6    1 
ATOM   390 P  P     . DC A 1 20 ? 17.667  -19.165 -4.422  1.00 175.68 ? 20  DC A P     1 
ATOM   391 O  OP1   . DC A 1 20 ? 17.217  -19.575 -3.065  1.00 186.43 ? 20  DC A OP1   1 
ATOM   392 O  OP2   . DC A 1 20 ? 19.125  -19.159 -4.714  1.00 187.48 ? 20  DC A OP2   1 
ATOM   393 O  "O5'" . DC A 1 20 ? 16.857  -20.047 -5.471  1.00 151.49 ? 20  DC A "O5'" 1 
ATOM   394 C  "C5'" . DC A 1 20 ? 15.423  -19.956 -5.550  1.00 146.34 ? 20  DC A "C5'" 1 
ATOM   395 C  "C4'" . DC A 1 20 ? 14.925  -20.792 -6.701  1.00 157.52 ? 20  DC A "C4'" 1 
ATOM   396 O  "O4'" . DC A 1 20 ? 14.776  -19.977 -7.889  1.00 150.37 ? 20  DC A "O4'" 1 
ATOM   397 C  "C3'" . DC A 1 20 ? 15.861  -21.936 -7.103  1.00 177.15 ? 20  DC A "C3'" 1 
ATOM   398 O  "O3'" . DC A 1 20 ? 15.065  -23.055 -7.469  1.00 208.17 ? 20  DC A "O3'" 1 
ATOM   399 C  "C2'" . DC A 1 20 ? 16.553  -21.399 -8.339  1.00 163.14 ? 20  DC A "C2'" 1 
ATOM   400 C  "C1'" . DC A 1 20 ? 15.381  -20.672 -8.972  1.00 157.85 ? 20  DC A "C1'" 1 
ATOM   401 N  N1    . DC A 1 20 ? 15.673  -19.699 -10.048 1.00 144.78 ? 20  DC A N1    1 
ATOM   402 C  C2    . DC A 1 20 ? 14.722  -19.498 -11.071 1.00 140.46 ? 20  DC A C2    1 
ATOM   403 O  O2    . DC A 1 20 ? 13.656  -20.140 -11.040 1.00 133.00 ? 20  DC A O2    1 
ATOM   404 N  N3    . DC A 1 20 ? 14.991  -18.604 -12.056 1.00 120.57 ? 20  DC A N3    1 
ATOM   405 C  C4    . DC A 1 20 ? 16.144  -17.922 -12.043 1.00 118.29 ? 20  DC A C4    1 
ATOM   406 N  N4    . DC A 1 20 ? 16.369  -17.044 -13.027 1.00 103.77 ? 20  DC A N4    1 
ATOM   407 C  C5    . DC A 1 20 ? 17.122  -18.110 -11.019 1.00 116.36 ? 20  DC A C5    1 
ATOM   408 C  C6    . DC A 1 20 ? 16.852  -19.005 -10.058 1.00 125.18 ? 20  DC A C6    1 
ATOM   409 P  P     . DA A 1 21 ? 15.424  -24.496 -6.937  1.00 219.55 ? 21  DA A P     1 
ATOM   410 O  OP1   . DA A 1 21 ? 15.214  -24.502 -5.465  1.00 224.00 ? 21  DA A OP1   1 
ATOM   411 O  OP2   . DA A 1 21 ? 16.758  -24.855 -7.485  1.00 209.69 ? 21  DA A OP2   1 
ATOM   412 O  "O5'" . DA A 1 21 ? 14.276  -25.378 -7.603  1.00 214.12 ? 21  DA A "O5'" 1 
ATOM   413 C  "C5'" . DA A 1 21 ? 12.888  -24.992 -7.481  1.00 215.73 ? 21  DA A "C5'" 1 
ATOM   414 C  "C4'" . DA A 1 21 ? 12.284  -24.678 -8.832  1.00 218.92 ? 21  DA A "C4'" 1 
ATOM   415 O  "O4'" . DA A 1 21 ? 13.091  -23.714 -9.551  1.00 206.30 ? 21  DA A "O4'" 1 
ATOM   416 C  "C3'" . DA A 1 21 ? 12.129  -25.878 -9.772  1.00 217.55 ? 21  DA A "C3'" 1 
ATOM   417 O  "O3'" . DA A 1 21 ? 10.859  -25.835 -10.430 1.00 248.54 ? 21  DA A "O3'" 1 
ATOM   418 C  "C2'" . DA A 1 21 ? 13.229  -25.672 -10.795 1.00 199.06 ? 21  DA A "C2'" 1 
ATOM   419 C  "C1'" . DA A 1 21 ? 13.248  -24.164 -10.884 1.00 187.87 ? 21  DA A "C1'" 1 
ATOM   420 N  N9    . DA A 1 21 ? 14.490  -23.604 -11.404 1.00 169.55 ? 21  DA A N9    1 
ATOM   421 C  C8    . DA A 1 21 ? 15.751  -23.683 -10.867 1.00 161.52 ? 21  DA A C8    1 
ATOM   422 N  N7    . DA A 1 21 ? 16.668  -23.071 -11.578 1.00 160.30 ? 21  DA A N7    1 
ATOM   423 C  C5    . DA A 1 21 ? 15.963  -22.557 -12.658 1.00 167.40 ? 21  DA A C5    1 
ATOM   424 C  C6    . DA A 1 21 ? 16.361  -21.795 -13.773 1.00 160.92 ? 21  DA A C6    1 
ATOM   425 N  N6    . DA A 1 21 ? 17.621  -21.413 -13.998 1.00 154.32 ? 21  DA A N6    1 
ATOM   426 N  N1    . DA A 1 21 ? 15.406  -21.436 -14.662 1.00 155.47 ? 21  DA A N1    1 
ATOM   427 C  C2    . DA A 1 21 ? 14.142  -21.831 -14.442 1.00 160.42 ? 21  DA A C2    1 
ATOM   428 N  N3    . DA A 1 21 ? 13.647  -22.547 -13.432 1.00 155.58 ? 21  DA A N3    1 
ATOM   429 C  C4    . DA A 1 21 ? 14.620  -22.879 -12.564 1.00 167.35 ? 21  DA A C4    1 
ATOM   430 P  P     . DA B 2 1  ? 6.734   -3.019  3.988   1.00 114.96 ? 1   DA B P     1 
ATOM   431 O  OP1   . DA B 2 1  ? 7.224   -2.095  5.047   1.00 114.79 ? 1   DA B OP1   1 
ATOM   432 O  OP2   . DA B 2 1  ? 5.972   -4.251  4.361   1.00 86.50  ? 1   DA B OP2   1 
ATOM   433 O  "O5'" . DA B 2 1  ? 8.119   -3.428  3.325   1.00 81.59  ? 1   DA B "O5'" 1 
ATOM   434 C  "C5'" . DA B 2 1  ? 9.155   -2.457  3.156   1.00 83.51  ? 1   DA B "C5'" 1 
ATOM   435 C  "C4'" . DA B 2 1  ? 9.372   -2.200  1.682   1.00 93.53  ? 1   DA B "C4'" 1 
ATOM   436 O  "O4'" . DA B 2 1  ? 9.156   -3.418  0.944   1.00 79.86  ? 1   DA B "O4'" 1 
ATOM   437 C  "C3'" . DA B 2 1  ? 8.455   -1.173  1.017   1.00 88.89  ? 1   DA B "C3'" 1 
ATOM   438 O  "O3'" . DA B 2 1  ? 8.961   0.160   1.062   1.00 78.58  ? 1   DA B "O3'" 1 
ATOM   439 C  "C2'" . DA B 2 1  ? 8.390   -1.624  -0.423  1.00 74.52  ? 1   DA B "C2'" 1 
ATOM   440 C  "C1'" . DA B 2 1  ? 8.528   -3.122  -0.292  1.00 69.37  ? 1   DA B "C1'" 1 
ATOM   441 N  N9    . DA B 2 1  ? 7.285   -3.847  -0.321  1.00 63.12  ? 1   DA B N9    1 
ATOM   442 C  C8    . DA B 2 1  ? 6.848   -4.827  0.536   1.00 76.95  ? 1   DA B C8    1 
ATOM   443 N  N7    . DA B 2 1  ? 5.710   -5.371  0.181   1.00 73.11  ? 1   DA B N7    1 
ATOM   444 C  C5    . DA B 2 1  ? 5.385   -4.712  -0.995  1.00 64.21  ? 1   DA B C5    1 
ATOM   445 C  C6    . DA B 2 1  ? 4.297   -4.829  -1.863  1.00 55.57  ? 1   DA B C6    1 
ATOM   446 N  N6    . DA B 2 1  ? 3.284   -5.666  -1.651  1.00 54.61  ? 1   DA B N6    1 
ATOM   447 N  N1    . DA B 2 1  ? 4.253   -4.006  -2.932  1.00 54.04  ? 1   DA B N1    1 
ATOM   448 C  C2    . DA B 2 1  ? 5.262   -3.143  -3.119  1.00 59.51  ? 1   DA B C2    1 
ATOM   449 N  N3    . DA B 2 1  ? 6.348   -2.944  -2.373  1.00 55.99  ? 1   DA B N3    1 
ATOM   450 C  C4    . DA B 2 1  ? 6.346   -3.771  -1.315  1.00 62.79  ? 1   DA B C4    1 
ATOM   451 P  P     . DG B 2 2  ? 8.308   1.124   2.122   1.00 113.76 ? 2   DG B P     1 
ATOM   452 O  OP1   . DG B 2 2  ? 9.443   1.785   2.875   1.00 103.09 ? 2   DG B OP1   1 
ATOM   453 O  OP2   . DG B 2 2  ? 7.219   0.337   2.839   1.00 68.35  ? 2   DG B OP2   1 
ATOM   454 O  "O5'" . DG B 2 2  ? 7.452   2.138   1.234   1.00 80.04  ? 2   DG B "O5'" 1 
ATOM   455 C  "C5'" . DG B 2 2  ? 7.912   2.664   -0.022  1.00 79.89  ? 2   DG B "C5'" 1 
ATOM   456 C  "C4'" . DG B 2 2  ? 7.060   2.075   -1.115  1.00 75.32  ? 2   DG B "C4'" 1 
ATOM   457 O  "O4'" . DG B 2 2  ? 6.489   0.878   -0.595  1.00 71.97  ? 2   DG B "O4'" 1 
ATOM   458 C  "C3'" . DG B 2 2  ? 5.843   2.906   -1.493  1.00 87.12  ? 2   DG B "C3'" 1 
ATOM   459 O  "O3'" . DG B 2 2  ? 6.082   3.743   -2.616  1.00 115.33 ? 2   DG B "O3'" 1 
ATOM   460 C  "C2'" . DG B 2 2  ? 4.774   1.875   -1.828  1.00 78.95  ? 2   DG B "C2'" 1 
ATOM   461 C  "C1'" . DG B 2 2  ? 5.429   0.565   -1.465  1.00 79.57  ? 2   DG B "C1'" 1 
ATOM   462 N  N9    . DG B 2 2  ? 4.577   -0.419  -0.817  1.00 82.31  ? 2   DG B N9    1 
ATOM   463 C  C8    . DG B 2 2  ? 4.783   -1.100  0.367   1.00 91.29  ? 2   DG B C8    1 
ATOM   464 N  N7    . DG B 2 2  ? 3.850   -1.978  0.623   1.00 65.47  ? 2   DG B N7    1 
ATOM   465 C  C5    . DG B 2 2  ? 2.999   -1.894  -0.469  1.00 66.81  ? 2   DG B C5    1 
ATOM   466 C  C6    . DG B 2 2  ? 1.799   -2.580  -0.737  1.00 71.99  ? 2   DG B C6    1 
ATOM   467 O  O6    . DG B 2 2  ? 1.242   -3.446  -0.051  1.00 72.05  ? 2   DG B O6    1 
ATOM   468 N  N1    . DG B 2 2  ? 1.231   -2.171  -1.945  1.00 70.62  ? 2   DG B N1    1 
ATOM   469 C  C2    . DG B 2 2  ? 1.747   -1.203  -2.774  1.00 69.36  ? 2   DG B C2    1 
ATOM   470 N  N2    . DG B 2 2  ? 1.045   -0.951  -3.888  1.00 70.33  ? 2   DG B N2    1 
ATOM   471 N  N3    . DG B 2 2  ? 2.870   -0.542  -2.530  1.00 54.61  ? 2   DG B N3    1 
ATOM   472 C  C4    . DG B 2 2  ? 3.438   -0.938  -1.368  1.00 69.97  ? 2   DG B C4    1 
ATOM   473 P  P     . DT B 2 3  ? 5.207   5.066   -2.809  1.00 140.05 ? 3   DT B P     1 
ATOM   474 O  OP1   . DT B 2 3  ? 5.865   5.902   -3.841  1.00 143.11 ? 3   DT B OP1   1 
ATOM   475 O  OP2   . DT B 2 3  ? 4.890   5.633   -1.473  1.00 143.10 ? 3   DT B OP2   1 
ATOM   476 O  "O5'" . DT B 2 3  ? 3.837   4.545   -3.414  1.00 119.10 ? 3   DT B "O5'" 1 
ATOM   477 C  "C5'" . DT B 2 3  ? 3.080   5.442   -4.224  1.00 101.53 ? 3   DT B "C5'" 1 
ATOM   478 C  "C4'" . DT B 2 3  ? 1.975   4.654   -4.867  1.00 96.03  ? 3   DT B "C4'" 1 
ATOM   479 O  "O4'" . DT B 2 3  ? 1.841   3.415   -4.137  1.00 81.15  ? 3   DT B "O4'" 1 
ATOM   480 C  "C3'" . DT B 2 3  ? 0.611   5.328   -4.817  1.00 81.50  ? 3   DT B "C3'" 1 
ATOM   481 O  "O3'" . DT B 2 3  ? 0.012   5.182   -6.096  1.00 91.41  ? 3   DT B "O3'" 1 
ATOM   482 C  "C2'" . DT B 2 3  ? -0.135  4.501   -3.801  1.00 81.78  ? 3   DT B "C2'" 1 
ATOM   483 C  "C1'" . DT B 2 3  ? 0.478   3.156   -3.990  1.00 74.81  ? 3   DT B "C1'" 1 
ATOM   484 N  N1    . DT B 2 3  ? 0.310   2.293   -2.823  1.00 87.69  ? 3   DT B N1    1 
ATOM   485 C  C2    . DT B 2 3  ? -0.786  1.458   -2.813  1.00 95.37  ? 3   DT B C2    1 
ATOM   486 O  O2    . DT B 2 3  ? -1.597  1.413   -3.725  1.00 94.23  ? 3   DT B O2    1 
ATOM   487 N  N3    . DT B 2 3  ? -0.896  0.673   -1.690  1.00 95.69  ? 3   DT B N3    1 
ATOM   488 C  C4    . DT B 2 3  ? -0.056  0.663   -0.590  1.00 91.55  ? 3   DT B C4    1 
ATOM   489 O  O4    . DT B 2 3  ? -0.289  -0.089  0.356   1.00 81.40  ? 3   DT B O4    1 
ATOM   490 C  C5    . DT B 2 3  ? 1.065   1.573   -0.662  1.00 93.90  ? 3   DT B C5    1 
ATOM   491 C  C7    . DT B 2 3  ? 2.013   1.641   0.492   1.00 98.71  ? 3   DT B C7    1 
ATOM   492 C  C6    . DT B 2 3  ? 1.191   2.336   -1.760  1.00 89.96  ? 3   DT B C6    1 
ATOM   493 P  P     . DC B 2 4  ? -0.733  6.408   -6.781  1.00 90.46  ? 4   DC B P     1 
ATOM   494 O  OP1   . DC B 2 4  ? -0.267  6.506   -8.189  1.00 132.69 ? 4   DC B OP1   1 
ATOM   495 O  OP2   . DC B 2 4  ? -0.531  7.597   -5.932  1.00 87.56  ? 4   DC B OP2   1 
ATOM   496 O  "O5'" . DC B 2 4  ? -2.222  5.839   -6.812  1.00 86.12  ? 4   DC B "O5'" 1 
ATOM   497 C  "C5'" . DC B 2 4  ? -2.630  4.925   -5.778  1.00 78.36  ? 4   DC B "C5'" 1 
ATOM   498 C  "C4'" . DC B 2 4  ? -3.934  4.221   -6.063  1.00 84.22  ? 4   DC B "C4'" 1 
ATOM   499 O  "O4'" . DC B 2 4  ? -4.072  3.159   -5.103  1.00 91.20  ? 4   DC B "O4'" 1 
ATOM   500 C  "C3'" . DC B 2 4  ? -5.227  5.016   -5.930  1.00 83.34  ? 4   DC B "C3'" 1 
ATOM   501 O  "O3'" . DC B 2 4  ? -6.202  4.382   -6.759  1.00 74.74  ? 4   DC B "O3'" 1 
ATOM   502 C  "C2'" . DC B 2 4  ? -5.603  4.840   -4.470  1.00 76.44  ? 4   DC B "C2'" 1 
ATOM   503 C  "C1'" . DC B 2 4  ? -5.101  3.453   -4.160  1.00 80.01  ? 4   DC B "C1'" 1 
ATOM   504 N  N1    . DC B 2 4  ? -4.511  3.280   -2.830  1.00 88.06  ? 4   DC B N1    1 
ATOM   505 C  C2    . DC B 2 4  ? -5.142  2.429   -1.921  1.00 101.99 ? 4   DC B C2    1 
ATOM   506 O  O2    . DC B 2 4  ? -6.229  1.921   -2.230  1.00 119.59 ? 4   DC B O2    1 
ATOM   507 N  N3    . DC B 2 4  ? -4.564  2.199   -0.718  1.00 96.45  ? 4   DC B N3    1 
ATOM   508 C  C4    . DC B 2 4  ? -3.387  2.759   -0.427  1.00 98.36  ? 4   DC B C4    1 
ATOM   509 N  N4    . DC B 2 4  ? -2.858  2.508   0.772   1.00 110.98 ? 4   DC B N4    1 
ATOM   510 C  C5    . DC B 2 4  ? -2.704  3.605   -1.353  1.00 83.23  ? 4   DC B C5    1 
ATOM   511 C  C6    . DC B 2 4  ? -3.284  3.813   -2.542  1.00 79.41  ? 4   DC B C6    1 
ATOM   512 P  P     . DT B 2 5  ? -7.576  5.102   -6.999  1.00 89.26  ? 5   DT B P     1 
ATOM   513 O  OP1   . DT B 2 5  ? -8.331  4.393   -8.095  1.00 92.72  ? 5   DT B OP1   1 
ATOM   514 O  OP2   . DT B 2 5  ? -7.274  6.582   -7.140  1.00 68.73  ? 5   DT B OP2   1 
ATOM   515 O  "O5'" . DT B 2 5  ? -8.382  4.644   -5.709  1.00 67.02  ? 5   DT B "O5'" 1 
ATOM   516 C  "C5'" . DT B 2 5  ? -9.556  3.815   -5.875  1.00 67.48  ? 5   DT B "C5'" 1 
ATOM   517 C  "C4'" . DT B 2 5  ? -10.015 3.392   -4.506  1.00 62.09  ? 5   DT B "C4'" 1 
ATOM   518 O  "O4'" . DT B 2 5  ? -8.940  3.730   -3.597  1.00 70.63  ? 5   DT B "O4'" 1 
ATOM   519 C  "C3'" . DT B 2 5  ? -11.237 4.130   -3.964  1.00 58.71  ? 5   DT B "C3'" 1 
ATOM   520 O  "O3'" . DT B 2 5  ? -12.288 3.241   -3.602  1.00 60.78  ? 5   DT B "O3'" 1 
ATOM   521 C  "C2'" . DT B 2 5  ? -10.714 4.798   -2.701  1.00 72.01  ? 5   DT B "C2'" 1 
ATOM   522 C  "C1'" . DT B 2 5  ? -9.586  3.871   -2.373  1.00 69.09  ? 5   DT B "C1'" 1 
ATOM   523 N  N1    . DT B 2 5  ? -8.589  4.216   -1.343  1.00 69.07  ? 5   DT B N1    1 
ATOM   524 C  C2    . DT B 2 5  ? -8.625  3.463   -0.188  1.00 78.02  ? 5   DT B C2    1 
ATOM   525 O  O2    . DT B 2 5  ? -9.464  2.607   0.018   1.00 96.52  ? 5   DT B O2    1 
ATOM   526 N  N3    . DT B 2 5  ? -7.641  3.750   0.721   1.00 72.09  ? 5   DT B N3    1 
ATOM   527 C  C4    . DT B 2 5  ? -6.607  4.644   0.566   1.00 88.21  ? 5   DT B C4    1 
ATOM   528 O  O4    . DT B 2 5  ? -5.778  4.780   1.461   1.00 88.40  ? 5   DT B O4    1 
ATOM   529 C  C5    . DT B 2 5  ? -6.596  5.364   -0.693  1.00 95.13  ? 5   DT B C5    1 
ATOM   530 C  C7    . DT B 2 5  ? -5.531  6.387   -0.929  1.00 97.77  ? 5   DT B C7    1 
ATOM   531 C  C6    . DT B 2 5  ? -7.561  5.095   -1.586  1.00 75.12  ? 5   DT B C6    1 
ATOM   532 O  "O5'" . DT C 3 1  ? 28.507  -17.380 -20.899 1.00 266.57 ? 1   DT C "O5'" 1 
ATOM   533 C  "C5'" . DT C 3 1  ? 27.301  -17.411 -20.096 1.00 230.37 ? 1   DT C "C5'" 1 
ATOM   534 C  "C4'" . DT C 3 1  ? 26.131  -17.855 -20.943 1.00 211.94 ? 1   DT C "C4'" 1 
ATOM   535 O  "O4'" . DT C 3 1  ? 25.714  -19.168 -20.508 1.00 185.20 ? 1   DT C "O4'" 1 
ATOM   536 C  "C3'" . DT C 3 1  ? 24.878  -16.964 -20.891 1.00 199.31 ? 1   DT C "C3'" 1 
ATOM   537 O  "O3'" . DT C 3 1  ? 24.438  -16.558 -22.193 1.00 223.14 ? 1   DT C "O3'" 1 
ATOM   538 C  "C2'" . DT C 3 1  ? 23.800  -17.868 -20.327 1.00 179.02 ? 1   DT C "C2'" 1 
ATOM   539 C  "C1'" . DT C 3 1  ? 24.316  -19.243 -20.677 1.00 178.73 ? 1   DT C "C1'" 1 
ATOM   540 N  N1    . DT C 3 1  ? 23.799  -20.278 -19.784 1.00 162.27 ? 1   DT C N1    1 
ATOM   541 C  C2    . DT C 3 1  ? 22.571  -20.818 -20.093 1.00 180.82 ? 1   DT C C2    1 
ATOM   542 O  O2    . DT C 3 1  ? 21.926  -20.489 -21.076 1.00 183.83 ? 1   DT C O2    1 
ATOM   543 N  N3    . DT C 3 1  ? 22.119  -21.759 -19.200 1.00 192.56 ? 1   DT C N3    1 
ATOM   544 C  C4    . DT C 3 1  ? 22.752  -22.189 -18.048 1.00 186.29 ? 1   DT C C4    1 
ATOM   545 O  O4    . DT C 3 1  ? 22.219  -23.038 -17.337 1.00 175.58 ? 1   DT C O4    1 
ATOM   546 C  C5    . DT C 3 1  ? 24.031  -21.565 -17.779 1.00 172.47 ? 1   DT C C5    1 
ATOM   547 C  C7    . DT C 3 1  ? 24.792  -21.966 -16.555 1.00 182.77 ? 1   DT C C7    1 
ATOM   548 C  C6    . DT C 3 1  ? 24.483  -20.653 -18.648 1.00 151.89 ? 1   DT C C6    1 
ATOM   549 P  P     . DC C 3 2  ? 23.487  -15.271 -22.381 1.00 247.99 ? 2   DC C P     1 
ATOM   550 O  OP1   . DC C 3 2  ? 23.702  -14.738 -23.756 1.00 286.52 ? 2   DC C OP1   1 
ATOM   551 O  OP2   . DC C 3 2  ? 23.692  -14.373 -21.220 1.00 245.44 ? 2   DC C OP2   1 
ATOM   552 O  "O5'" . DC C 3 2  ? 22.010  -15.871 -22.314 1.00 198.20 ? 2   DC C "O5'" 1 
ATOM   553 C  "C5'" . DC C 3 2  ? 20.875  -15.023 -22.610 1.00 182.67 ? 2   DC C "C5'" 1 
ATOM   554 C  "C4'" . DC C 3 2  ? 19.730  -15.828 -23.177 1.00 169.99 ? 2   DC C "C4'" 1 
ATOM   555 O  "O4'" . DC C 3 2  ? 19.837  -17.187 -22.691 1.00 155.87 ? 2   DC C "O4'" 1 
ATOM   556 C  "C3'" . DC C 3 2  ? 18.351  -15.345 -22.736 1.00 170.50 ? 2   DC C "C3'" 1 
ATOM   557 O  "O3'" . DC C 3 2  ? 17.340  -15.675 -23.689 1.00 196.12 ? 2   DC C "O3'" 1 
ATOM   558 C  "C2'" . DC C 3 2  ? 18.115  -16.157 -21.482 1.00 161.89 ? 2   DC C "C2'" 1 
ATOM   559 C  "C1'" . DC C 3 2  ? 18.706  -17.491 -21.890 1.00 161.33 ? 2   DC C "C1'" 1 
ATOM   560 N  N1    . DC C 3 2  ? 19.165  -18.265 -20.738 1.00 164.96 ? 2   DC C N1    1 
ATOM   561 C  C2    . DC C 3 2  ? 18.388  -19.337 -20.289 1.00 170.97 ? 2   DC C C2    1 
ATOM   562 O  O2    . DC C 3 2  ? 17.355  -19.631 -20.911 1.00 160.21 ? 2   DC C O2    1 
ATOM   563 N  N3    . DC C 3 2  ? 18.790  -20.036 -19.200 1.00 184.89 ? 2   DC C N3    1 
ATOM   564 C  C4    . DC C 3 2  ? 19.902  -19.677 -18.552 1.00 184.41 ? 2   DC C C4    1 
ATOM   565 N  N4    . DC C 3 2  ? 20.262  -20.391 -17.481 1.00 177.98 ? 2   DC C N4    1 
ATOM   566 C  C5    . DC C 3 2  ? 20.702  -18.575 -18.979 1.00 175.02 ? 2   DC C C5    1 
ATOM   567 C  C6    . DC C 3 2  ? 20.299  -17.903 -20.064 1.00 163.49 ? 2   DC C C6    1 
ATOM   568 P  P     . DT C 3 3  ? 15.905  -14.969 -23.613 1.00 217.75 ? 3   DT C P     1 
ATOM   569 O  OP1   . DT C 3 3  ? 15.788  -14.074 -24.791 1.00 248.62 ? 3   DT C OP1   1 
ATOM   570 O  OP2   . DT C 3 3  ? 15.734  -14.395 -22.261 1.00 229.26 ? 3   DT C OP2   1 
ATOM   571 O  "O5'" . DT C 3 3  ? 14.880  -16.182 -23.767 1.00 188.87 ? 3   DT C "O5'" 1 
ATOM   572 C  "C5'" . DT C 3 3  ? 14.958  -17.373 -22.951 1.00 186.68 ? 3   DT C "C5'" 1 
ATOM   573 C  "C4'" . DT C 3 3  ? 13.739  -17.509 -22.067 1.00 190.29 ? 3   DT C "C4'" 1 
ATOM   574 O  "O4'" . DT C 3 3  ? 14.102  -18.246 -20.872 1.00 182.51 ? 3   DT C "O4'" 1 
ATOM   575 C  "C3'" . DT C 3 3  ? 13.153  -16.194 -21.558 1.00 196.06 ? 3   DT C "C3'" 1 
ATOM   576 O  "O3'" . DT C 3 3  ? 11.767  -16.365 -21.246 1.00 213.32 ? 3   DT C "O3'" 1 
ATOM   577 C  "C2'" . DT C 3 3  ? 13.916  -15.995 -20.267 1.00 193.16 ? 3   DT C "C2'" 1 
ATOM   578 C  "C1'" . DT C 3 3  ? 13.875  -17.420 -19.738 1.00 189.38 ? 3   DT C "C1'" 1 
ATOM   579 N  N1    . DT C 3 3  ? 14.849  -17.794 -18.687 1.00 192.41 ? 3   DT C N1    1 
ATOM   580 C  C2    . DT C 3 3  ? 14.550  -18.897 -17.916 1.00 195.22 ? 3   DT C C2    1 
ATOM   581 O  O2    . DT C 3 3  ? 13.548  -19.578 -18.080 1.00 189.17 ? 3   DT C O2    1 
ATOM   582 N  N3    . DT C 3 3  ? 15.482  -19.189 -16.947 1.00 185.56 ? 3   DT C N3    1 
ATOM   583 C  C4    . DT C 3 3  ? 16.650  -18.498 -16.677 1.00 174.48 ? 3   DT C C4    1 
ATOM   584 O  O4    . DT C 3 3  ? 17.392  -18.883 -15.777 1.00 135.52 ? 3   DT C O4    1 
ATOM   585 C  C5    . DT C 3 3  ? 16.895  -17.346 -17.521 1.00 181.95 ? 3   DT C C5    1 
ATOM   586 C  C7    . DT C 3 3  ? 18.134  -16.537 -17.307 1.00 177.59 ? 3   DT C C7    1 
ATOM   587 C  C6    . DT C 3 3  ? 15.993  -17.055 -18.468 1.00 185.12 ? 3   DT C C6    1 
ATOM   588 P  P     . DG C 3 4  ? 10.646  -15.780 -22.213 1.00 230.39 ? 4   DG C P     1 
ATOM   589 O  OP1   . DG C 3 4  ? 10.916  -16.293 -23.581 1.00 227.19 ? 4   DG C OP1   1 
ATOM   590 O  OP2   . DG C 3 4  ? 10.558  -14.316 -21.980 1.00 229.23 ? 4   DG C OP2   1 
ATOM   591 O  "O5'" . DG C 3 4  ? 9.310   -16.442 -21.650 1.00 218.85 ? 4   DG C "O5'" 1 
ATOM   592 C  "C5'" . DG C 3 4  ? 9.241   -17.848 -21.339 1.00 207.81 ? 4   DG C "C5'" 1 
ATOM   593 C  "C4'" . DG C 3 4  ? 8.713   -18.063 -19.939 1.00 199.56 ? 4   DG C "C4'" 1 
ATOM   594 O  "O4'" . DG C 3 4  ? 9.794   -18.077 -18.971 1.00 196.38 ? 4   DG C "O4'" 1 
ATOM   595 C  "C3'" . DG C 3 4  ? 7.727   -17.007 -19.442 1.00 183.81 ? 4   DG C "C3'" 1 
ATOM   596 O  "O3'" . DG C 3 4  ? 6.778   -17.693 -18.645 1.00 186.45 ? 4   DG C "O3'" 1 
ATOM   597 C  "C2'" . DG C 3 4  ? 8.587   -16.121 -18.563 1.00 178.40 ? 4   DG C "C2'" 1 
ATOM   598 C  "C1'" . DG C 3 4  ? 9.511   -17.145 -17.936 1.00 180.95 ? 4   DG C "C1'" 1 
ATOM   599 N  N9    . DG C 3 4  ? 10.781  -16.617 -17.442 1.00 190.64 ? 4   DG C N9    1 
ATOM   600 C  C8    . DG C 3 4  ? 11.467  -15.518 -17.904 1.00 192.45 ? 4   DG C C8    1 
ATOM   601 N  N7    . DG C 3 4  ? 12.578  -15.296 -17.256 1.00 171.49 ? 4   DG C N7    1 
ATOM   602 C  C5    . DG C 3 4  ? 12.631  -16.309 -16.309 1.00 166.40 ? 4   DG C C5    1 
ATOM   603 C  C6    . DG C 3 4  ? 13.606  -16.587 -15.317 1.00 143.73 ? 4   DG C C6    1 
ATOM   604 O  O6    . DG C 3 4  ? 14.653  -15.974 -15.074 1.00 122.30 ? 4   DG C O6    1 
ATOM   605 N  N1    . DG C 3 4  ? 13.265  -17.710 -14.563 1.00 142.59 ? 4   DG C N1    1 
ATOM   606 C  C2    . DG C 3 4  ? 12.130  -18.466 -14.743 1.00 174.00 ? 4   DG C C2    1 
ATOM   607 N  N2    . DG C 3 4  ? 11.974  -19.512 -13.914 1.00 186.37 ? 4   DG C N2    1 
ATOM   608 N  N3    . DG C 3 4  ? 11.213  -18.218 -15.667 1.00 182.06 ? 4   DG C N3    1 
ATOM   609 C  C4    . DG C 3 4  ? 11.526  -17.131 -16.407 1.00 187.51 ? 4   DG C C4    1 
ATOM   610 P  P     . DA C 3 5  ? 5.440   -16.988 -18.206 1.00 198.16 ? 5   DA C P     1 
ATOM   611 O  OP1   . DA C 3 5  ? 4.345   -17.553 -19.034 1.00 223.10 ? 5   DA C OP1   1 
ATOM   612 O  OP2   . DA C 3 5  ? 5.655   -15.523 -18.215 1.00 222.89 ? 5   DA C OP2   1 
ATOM   613 O  "O5'" . DA C 3 5  ? 5.298   -17.497 -16.703 1.00 186.75 ? 5   DA C "O5'" 1 
ATOM   614 C  "C5'" . DA C 3 5  ? 5.316   -18.912 -16.423 1.00 189.12 ? 5   DA C "C5'" 1 
ATOM   615 C  "C4'" . DA C 3 5  ? 5.657   -19.176 -14.976 1.00 177.61 ? 5   DA C "C4'" 1 
ATOM   616 O  "O4'" . DA C 3 5  ? 6.999   -18.720 -14.701 1.00 171.38 ? 5   DA C "O4'" 1 
ATOM   617 C  "C3'" . DA C 3 5  ? 4.760   -18.460 -13.968 1.00 158.42 ? 5   DA C "C3'" 1 
ATOM   618 O  "O3'" . DA C 3 5  ? 4.661   -19.211 -12.763 1.00 166.90 ? 5   DA C "O3'" 1 
ATOM   619 C  "C2'" . DA C 3 5  ? 5.564   -17.241 -13.601 1.00 146.95 ? 5   DA C "C2'" 1 
ATOM   620 C  "C1'" . DA C 3 5  ? 6.959   -17.820 -13.609 1.00 155.56 ? 5   DA C "C1'" 1 
ATOM   621 N  N9    . DA C 3 5  ? 7.992   -16.821 -13.820 1.00 168.80 ? 5   DA C N9    1 
ATOM   622 C  C8    . DA C 3 5  ? 8.013   -15.800 -14.741 1.00 169.72 ? 5   DA C C8    1 
ATOM   623 N  N7    . DA C 3 5  ? 9.081   -15.043 -14.665 1.00 165.53 ? 5   DA C N7    1 
ATOM   624 C  C5    . DA C 3 5  ? 9.815   -15.605 -13.630 1.00 166.25 ? 5   DA C C5    1 
ATOM   625 C  C6    . DA C 3 5  ? 11.056  -15.269 -13.059 1.00 145.48 ? 5   DA C C6    1 
ATOM   626 N  N6    . DA C 3 5  ? 11.805  -14.244 -13.473 1.00 141.03 ? 5   DA C N6    1 
ATOM   627 N  N1    . DA C 3 5  ? 11.508  -16.036 -12.040 1.00 130.67 ? 5   DA C N1    1 
ATOM   628 C  C2    . DA C 3 5  ? 10.753  -17.069 -11.629 1.00 139.21 ? 5   DA C C2    1 
ATOM   629 N  N3    . DA C 3 5  ? 9.572   -17.483 -12.086 1.00 157.38 ? 5   DA C N3    1 
ATOM   630 C  C4    . DA C 3 5  ? 9.155   -16.701 -13.100 1.00 174.31 ? 5   DA C C4    1 
ATOM   631 P  P     . DG C 3 6  ? 3.244   -19.438 -12.093 1.00 201.41 ? 6   DG C P     1 
ATOM   632 O  OP1   . DG C 3 6  ? 2.848   -20.853 -12.303 1.00 232.84 ? 6   DG C OP1   1 
ATOM   633 O  OP2   . DG C 3 6  ? 2.341   -18.333 -12.523 1.00 192.38 ? 6   DG C OP2   1 
ATOM   634 O  "O5'" . DG C 3 6  ? 3.573   -19.278 -10.550 1.00 175.81 ? 6   DG C "O5'" 1 
ATOM   635 C  "C5'" . DG C 3 6  ? 4.014   -18.012 -10.077 1.00 153.28 ? 6   DG C "C5'" 1 
ATOM   636 C  "C4'" . DG C 3 6  ? 5.350   -18.165 -9.396  1.00 140.32 ? 6   DG C "C4'" 1 
ATOM   637 O  "O4'" . DG C 3 6  ? 6.380   -17.539 -10.189 1.00 134.05 ? 6   DG C "O4'" 1 
ATOM   638 C  "C3'" . DG C 3 6  ? 5.377   -17.498 -8.024  1.00 125.01 ? 6   DG C "C3'" 1 
ATOM   639 O  "O3'" . DG C 3 6  ? 5.683   -18.452 -7.024  1.00 125.47 ? 6   DG C "O3'" 1 
ATOM   640 C  "C2'" . DG C 3 6  ? 6.422   -16.406 -8.122  1.00 115.41 ? 6   DG C "C2'" 1 
ATOM   641 C  "C1'" . DG C 3 6  ? 7.222   -16.764 -9.349  1.00 123.50 ? 6   DG C "C1'" 1 
ATOM   642 N  N9    . DG C 3 6  ? 7.674   -15.596 -10.098 1.00 122.74 ? 6   DG C N9    1 
ATOM   643 C  C8    . DG C 3 6  ? 7.085   -14.980 -11.178 1.00 128.53 ? 6   DG C C8    1 
ATOM   644 N  N7    . DG C 3 6  ? 7.755   -13.941 -11.605 1.00 108.79 ? 6   DG C N7    1 
ATOM   645 C  C5    . DG C 3 6  ? 8.855   -13.874 -10.761 1.00 106.81 ? 6   DG C C5    1 
ATOM   646 C  C6    . DG C 3 6  ? 9.946   -12.964 -10.741 1.00 101.78 ? 6   DG C C6    1 
ATOM   647 O  O6    . DG C 3 6  ? 10.168  -12.010 -11.500 1.00 82.85  ? 6   DG C O6    1 
ATOM   648 N  N1    . DG C 3 6  ? 10.840  -13.258 -9.710  1.00 94.44  ? 6   DG C N1    1 
ATOM   649 C  C2    . DG C 3 6  ? 10.698  -14.296 -8.807  1.00 101.44 ? 6   DG C C2    1 
ATOM   650 N  N2    . DG C 3 6  ? 11.660  -14.419 -7.875  1.00 89.29  ? 6   DG C N2    1 
ATOM   651 N  N3    . DG C 3 6  ? 9.682   -15.148 -8.816  1.00 90.46  ? 6   DG C N3    1 
ATOM   652 C  C4    . DG C 3 6  ? 8.811   -14.884 -9.817  1.00 111.40 ? 6   DG C C4    1 
ATOM   653 P  P     . DT C 3 7  ? 5.244   -18.140 -5.554  1.00 133.17 ? 7   DT C P     1 
ATOM   654 O  OP1   . DT C 3 7  ? 5.408   -19.367 -4.727  1.00 157.55 ? 7   DT C OP1   1 
ATOM   655 O  OP2   . DT C 3 7  ? 3.941   -17.441 -5.606  1.00 152.67 ? 7   DT C OP2   1 
ATOM   656 O  "O5'" . DT C 3 7  ? 6.345   -17.104 -5.080  1.00 132.39 ? 7   DT C "O5'" 1 
ATOM   657 C  "C5'" . DT C 3 7  ? 7.330   -17.535 -4.139  1.00 118.56 ? 7   DT C "C5'" 1 
ATOM   658 C  "C4'" . DT C 3 7  ? 8.299   -16.406 -3.904  1.00 103.84 ? 7   DT C "C4'" 1 
ATOM   659 O  "O4'" . DT C 3 7  ? 8.235   -15.480 -5.002  1.00 96.67  ? 7   DT C "O4'" 1 
ATOM   660 C  "C3'" . DT C 3 7  ? 8.019   -15.575 -2.658  1.00 99.80  ? 7   DT C "C3'" 1 
ATOM   661 O  "O3'" . DT C 3 7  ? 9.078   -15.873 -1.746  1.00 95.16  ? 7   DT C "O3'" 1 
ATOM   662 C  "C2'" . DT C 3 7  ? 7.896   -14.152 -3.192  1.00 92.88  ? 7   DT C "C2'" 1 
ATOM   663 C  "C1'" . DT C 3 7  ? 8.676   -14.263 -4.480  1.00 83.90  ? 7   DT C "C1'" 1 
ATOM   664 N  N1    . DT C 3 7  ? 8.556   -13.250 -5.553  1.00 78.98  ? 7   DT C N1    1 
ATOM   665 C  C2    . DT C 3 7  ? 9.549   -12.290 -5.640  1.00 90.91  ? 7   DT C C2    1 
ATOM   666 O  O2    . DT C 3 7  ? 10.441  -12.174 -4.810  1.00 86.27  ? 7   DT C O2    1 
ATOM   667 N  N3    . DT C 3 7  ? 9.424   -11.429 -6.714  1.00 87.82  ? 7   DT C N3    1 
ATOM   668 C  C4    . DT C 3 7  ? 8.457   -11.467 -7.708  1.00 76.28  ? 7   DT C C4    1 
ATOM   669 O  O4    . DT C 3 7  ? 8.480   -10.641 -8.626  1.00 62.48  ? 7   DT C O4    1 
ATOM   670 C  C5    . DT C 3 7  ? 7.476   -12.523 -7.572  1.00 67.25  ? 7   DT C C5    1 
ATOM   671 C  C7    . DT C 3 7  ? 6.384   -12.624 -8.589  1.00 76.01  ? 7   DT C C7    1 
ATOM   672 C  C6    . DT C 3 7  ? 7.580   -13.359 -6.526  1.00 70.17  ? 7   DT C C6    1 
ATOM   673 P  P     . DG C 3 8  ? 8.927   -15.476 -0.196  1.00 142.49 ? 8   DG C P     1 
ATOM   674 O  OP1   . DG C 3 8  ? 9.629   -16.527 0.607   1.00 120.17 ? 8   DG C OP1   1 
ATOM   675 O  OP2   . DG C 3 8  ? 7.473   -15.147 0.102   1.00 122.20 ? 8   DG C OP2   1 
ATOM   676 O  "O5'" . DG C 3 8  ? 9.752   -14.110 -0.144  1.00 117.13 ? 8   DG C "O5'" 1 
ATOM   677 C  "C5'" . DG C 3 8  ? 10.750  -13.824 -1.147  1.00 94.38  ? 8   DG C "C5'" 1 
ATOM   678 C  "C4'" . DG C 3 8  ? 11.723  -12.754 -0.710  1.00 82.16  ? 8   DG C "C4'" 1 
ATOM   679 O  "O4'" . DG C 3 8  ? 11.717  -11.663 -1.648  1.00 87.81  ? 8   DG C "O4'" 1 
ATOM   680 C  "C3'" . DG C 3 8  ? 11.540  -12.074 0.631   1.00 70.90  ? 8   DG C "C3'" 1 
ATOM   681 O  "O3'" . DG C 3 8  ? 12.799  -11.473 0.923   1.00 71.88  ? 8   DG C "O3'" 1 
ATOM   682 C  "C2'" . DG C 3 8  ? 10.624  -10.912 0.297   1.00 72.75  ? 8   DG C "C2'" 1 
ATOM   683 C  "C1'" . DG C 3 8  ? 10.939  -10.593 -1.158  1.00 62.76  ? 8   DG C "C1'" 1 
ATOM   684 N  N9    . DG C 3 8  ? 9.776   -10.517 -2.016  1.00 52.93  ? 8   DG C N9    1 
ATOM   685 C  C8    . DG C 3 8  ? 8.716   -11.392 -2.056  1.00 52.86  ? 8   DG C C8    1 
ATOM   686 N  N7    . DG C 3 8  ? 7.851   -11.105 -2.990  1.00 49.55  ? 8   DG C N7    1 
ATOM   687 C  C5    . DG C 3 8  ? 8.405   -10.007 -3.636  1.00 49.40  ? 8   DG C C5    1 
ATOM   688 C  C6    . DG C 3 8  ? 7.933   -9.265  -4.747  1.00 48.64  ? 8   DG C C6    1 
ATOM   689 O  O6    . DG C 3 8  ? 6.891   -9.438  -5.399  1.00 46.57  ? 8   DG C O6    1 
ATOM   690 N  N1    . DG C 3 8  ? 8.827   -8.259  -5.107  1.00 41.72  ? 8   DG C N1    1 
ATOM   691 C  C2    . DG C 3 8  ? 10.009  -7.993  -4.462  1.00 46.79  ? 8   DG C C2    1 
ATOM   692 N  N2    . DG C 3 8  ? 10.737  -6.982  -4.948  1.00 48.14  ? 8   DG C N2    1 
ATOM   693 N  N3    . DG C 3 8  ? 10.449  -8.671  -3.414  1.00 46.73  ? 8   DG C N3    1 
ATOM   694 C  C4    . DG C 3 8  ? 9.609   -9.658  -3.065  1.00 43.56  ? 8   DG C C4    1 
ATOM   695 P  P     . DC C 3 9  ? 13.064  -10.837 2.351   1.00 106.36 ? 9   DC C P     1 
ATOM   696 O  OP1   . DC C 3 9  ? 14.407  -11.299 2.816   1.00 103.50 ? 9   DC C OP1   1 
ATOM   697 O  OP2   . DC C 3 9  ? 11.868  -11.103 3.181   1.00 114.22 ? 9   DC C OP2   1 
ATOM   698 O  "O5'" . DC C 3 9  ? 12.979  -9.255  2.139   1.00 97.86  ? 9   DC C "O5'" 1 
ATOM   699 C  "C5'" . DC C 3 9  ? 13.021  -8.640  0.837   1.00 114.73 ? 9   DC C "C5'" 1 
ATOM   700 C  "C4'" . DC C 3 9  ? 12.027  -7.506  0.707   1.00 104.81 ? 9   DC C "C4'" 1 
ATOM   701 O  "O4'" . DC C 3 9  ? 11.014  -7.753  -0.267  1.00 95.42  ? 9   DC C "O4'" 1 
ATOM   702 C  "C3'" . DC C 3 9  ? 11.230  -7.128  1.939   1.00 88.90  ? 9   DC C "C3'" 1 
ATOM   703 O  "O3'" . DC C 3 9  ? 12.043  -6.213  2.655   1.00 80.92  ? 9   DC C "O3'" 1 
ATOM   704 C  "C2'" . DC C 3 9  ? 10.021  -6.417  1.361   1.00 73.48  ? 9   DC C "C2'" 1 
ATOM   705 C  "C1'" . DC C 3 9  ? 10.130  -6.672  -0.125  1.00 70.05  ? 9   DC C "C1'" 1 
ATOM   706 N  N1    . DC C 3 9  ? 8.887   -7.067  -0.754  1.00 68.22  ? 9   DC C N1    1 
ATOM   707 C  C2    . DC C 3 9  ? 8.416   -6.330  -1.840  1.00 58.95  ? 9   DC C C2    1 
ATOM   708 O  O2    . DC C 3 9  ? 9.048   -5.334  -2.194  1.00 56.38  ? 9   DC C O2    1 
ATOM   709 N  N3    . DC C 3 9  ? 7.270   -6.705  -2.456  1.00 51.43  ? 9   DC C N3    1 
ATOM   710 C  C4    . DC C 3 9  ? 6.610   -7.782  -2.022  1.00 64.91  ? 9   DC C C4    1 
ATOM   711 N  N4    . DC C 3 9  ? 5.489   -8.127  -2.653  1.00 72.03  ? 9   DC C N4    1 
ATOM   712 C  C5    . DC C 3 9  ? 7.082   -8.568  -0.926  1.00 66.07  ? 9   DC C C5    1 
ATOM   713 C  C6    . DC C 3 9  ? 8.227   -8.190  -0.342  1.00 70.92  ? 9   DC C C6    1 
ATOM   714 P  P     . DT D 4 1  ? -13.979 8.241   -1.759  1.00 92.36  ? 10  DT D P     1 
ATOM   715 O  OP1   . DT D 4 1  ? -14.426 7.636   -3.029  1.00 96.95  ? 10  DT D OP1   1 
ATOM   716 O  OP2   . DT D 4 1  ? -12.557 8.698   -1.623  1.00 64.12  ? 10  DT D OP2   1 
ATOM   717 O  "O5'" . DT D 4 1  ? -14.139 7.230   -0.555  1.00 77.73  ? 10  DT D "O5'" 1 
ATOM   718 C  "C5'" . DT D 4 1  ? -12.953 6.661   -0.032  1.00 72.95  ? 10  DT D "C5'" 1 
ATOM   719 C  "C4'" . DT D 4 1  ? -13.244 5.229   0.308   1.00 86.23  ? 10  DT D "C4'" 1 
ATOM   720 O  "O4'" . DT D 4 1  ? -12.034 4.481   0.157   1.00 87.22  ? 10  DT D "O4'" 1 
ATOM   721 C  "C3'" . DT D 4 1  ? -13.674 5.037   1.756   1.00 105.19 ? 10  DT D "C3'" 1 
ATOM   722 O  "O3'" . DT D 4 1  ? -15.079 4.871   1.794   1.00 117.44 ? 10  DT D "O3'" 1 
ATOM   723 C  "C2'" . DT D 4 1  ? -12.947 3.786   2.184   1.00 100.47 ? 10  DT D "C2'" 1 
ATOM   724 C  "C1'" . DT D 4 1  ? -11.662 3.940   1.409   1.00 99.33  ? 10  DT D "C1'" 1 
ATOM   725 N  N1    . DT D 4 1  ? -10.605 4.806   1.987   1.00 97.94  ? 10  DT D N1    1 
ATOM   726 C  C2    . DT D 4 1  ? -9.978  4.385   3.144   1.00 99.74  ? 10  DT D C2    1 
ATOM   727 O  O2    . DT D 4 1  ? -10.300 3.375   3.752   1.00 107.95 ? 10  DT D O2    1 
ATOM   728 N  N3    . DT D 4 1  ? -8.962  5.201   3.574   1.00 88.81  ? 10  DT D N3    1 
ATOM   729 C  C4    . DT D 4 1  ? -8.511  6.357   2.972   1.00 92.21  ? 10  DT D C4    1 
ATOM   730 O  O4    . DT D 4 1  ? -7.588  6.984   3.479   1.00 81.68  ? 10  DT D O4    1 
ATOM   731 C  C5    . DT D 4 1  ? -9.201  6.730   1.751   1.00 96.81  ? 10  DT D C5    1 
ATOM   732 C  C7    . DT D 4 1  ? -8.792  7.977   1.032   1.00 101.24 ? 10  DT D C7    1 
ATOM   733 C  C6    . DT D 4 1  ? -10.185 5.936   1.317   1.00 86.52  ? 10  DT D C6    1 
ATOM   734 P  P     . DG D 4 2  ? -15.919 5.848   2.679   1.00 114.64 ? 11  DG D P     1 
ATOM   735 O  OP1   . DG D 4 2  ? -17.345 5.526   2.418   1.00 125.72 ? 11  DG D OP1   1 
ATOM   736 O  OP2   . DG D 4 2  ? -15.376 7.227   2.505   1.00 94.86  ? 11  DG D OP2   1 
ATOM   737 O  "O5'" . DG D 4 2  ? -15.426 5.513   4.150   1.00 93.80  ? 11  DG D "O5'" 1 
ATOM   738 C  "C5'" . DG D 4 2  ? -15.675 4.227   4.746   1.00 98.89  ? 11  DG D "C5'" 1 
ATOM   739 C  "C4'" . DG D 4 2  ? -14.718 4.071   5.901   1.00 108.84 ? 11  DG D "C4'" 1 
ATOM   740 O  "O4'" . DG D 4 2  ? -13.453 4.605   5.473   1.00 94.45  ? 11  DG D "O4'" 1 
ATOM   741 C  "C3'" . DG D 4 2  ? -15.096 4.890   7.135   1.00 122.05 ? 11  DG D "C3'" 1 
ATOM   742 O  "O3'" . DG D 4 2  ? -15.704 4.086   8.148   1.00 139.77 ? 11  DG D "O3'" 1 
ATOM   743 C  "C2'" . DG D 4 2  ? -13.784 5.506   7.608   1.00 111.50 ? 11  DG D "C2'" 1 
ATOM   744 C  "C1'" . DG D 4 2  ? -12.743 5.061   6.598   1.00 89.58  ? 11  DG D "C1'" 1 
ATOM   745 N  N9    . DG D 4 2  ? -11.839 6.105   6.138   1.00 89.26  ? 11  DG D N9    1 
ATOM   746 C  C8    . DG D 4 2  ? -11.988 6.881   5.011   1.00 109.70 ? 11  DG D C8    1 
ATOM   747 N  N7    . DG D 4 2  ? -11.000 7.720   4.830   1.00 94.75  ? 11  DG D N7    1 
ATOM   748 C  C5    . DG D 4 2  ? -10.142 7.474   5.892   1.00 75.42  ? 11  DG D C5    1 
ATOM   749 C  C6    . DG D 4 2  ? -8.887  8.047   6.201   1.00 66.59  ? 11  DG D C6    1 
ATOM   750 O  O6    . DG D 4 2  ? -8.294  8.958   5.608   1.00 62.61  ? 11  DG D O6    1 
ATOM   751 N  N1    . DG D 4 2  ? -8.336  7.491   7.358   1.00 67.36  ? 11  DG D N1    1 
ATOM   752 C  C2    . DG D 4 2  ? -8.930  6.506   8.123   1.00 85.58  ? 11  DG D C2    1 
ATOM   753 N  N2    . DG D 4 2  ? -8.248  6.101   9.210   1.00 93.19  ? 11  DG D N2    1 
ATOM   754 N  N3    . DG D 4 2  ? -10.103 5.953   7.835   1.00 74.88  ? 11  DG D N3    1 
ATOM   755 C  C4    . DG D 4 2  ? -10.645 6.477   6.711   1.00 85.38  ? 11  DG D C4    1 
ATOM   756 P  P     . DT D 4 3  ? -16.391 4.781   9.404   1.00 139.37 ? 12  DT D P     1 
ATOM   757 O  OP1   . DT D 4 3  ? -17.312 3.796   10.034  1.00 141.52 ? 12  DT D OP1   1 
ATOM   758 O  OP2   . DT D 4 3  ? -16.852 6.131   9.004   1.00 148.23 ? 12  DT D OP2   1 
ATOM   759 O  "O5'" . DT D 4 3  ? -15.172 5.085   10.367  1.00 127.63 ? 12  DT D "O5'" 1 
ATOM   760 C  "C5'" . DT D 4 3  ? -14.746 4.090   11.292  1.00 128.24 ? 12  DT D "C5'" 1 
ATOM   761 C  "C4'" . DT D 4 3  ? -13.473 4.584   11.928  1.00 139.48 ? 12  DT D "C4'" 1 
ATOM   762 O  "O4'" . DT D 4 3  ? -12.758 5.391   10.957  1.00 114.07 ? 12  DT D "O4'" 1 
ATOM   763 C  "C3'" . DT D 4 3  ? -13.671 5.485   13.157  1.00 152.35 ? 12  DT D "C3'" 1 
ATOM   764 O  "O3'" . DT D 4 3  ? -12.951 4.915   14.270  1.00 172.58 ? 12  DT D "O3'" 1 
ATOM   765 C  "C2'" . DT D 4 3  ? -13.156 6.833   12.672  1.00 130.14 ? 12  DT D "C2'" 1 
ATOM   766 C  "C1'" . DT D 4 3  ? -12.092 6.373   11.702  1.00 107.07 ? 12  DT D "C1'" 1 
ATOM   767 N  N1    . DT D 4 3  ? -11.584 7.404   10.779  1.00 98.53  ? 12  DT D N1    1 
ATOM   768 C  C2    . DT D 4 3  ? -10.314 7.909   10.989  1.00 97.51  ? 12  DT D C2    1 
ATOM   769 O  O2    . DT D 4 3  ? -9.569  7.502   11.866  1.00 117.66 ? 12  DT D O2    1 
ATOM   770 N  N3    . DT D 4 3  ? -9.941  8.910   10.122  1.00 78.74  ? 12  DT D N3    1 
ATOM   771 C  C4    . DT D 4 3  ? -10.695 9.445   9.093   1.00 81.55  ? 12  DT D C4    1 
ATOM   772 O  O4    . DT D 4 3  ? -10.235 10.365  8.407   1.00 67.97  ? 12  DT D O4    1 
ATOM   773 C  C5    . DT D 4 3  ? -12.019 8.871   8.935   1.00 89.84  ? 12  DT D C5    1 
ATOM   774 C  C7    . DT D 4 3  ? -12.914 9.399   7.859   1.00 104.27 ? 12  DT D C7    1 
ATOM   775 C  C6    . DT D 4 3  ? -12.392 7.895   9.778   1.00 92.25  ? 12  DT D C6    1 
ATOM   776 P  P     . DC D 4 4  ? -13.380 5.209   15.801  1.00 159.73 ? 13  DC D P     1 
ATOM   777 O  OP1   . DC D 4 4  ? -13.462 3.915   16.534  1.00 160.28 ? 13  DC D OP1   1 
ATOM   778 O  OP2   . DC D 4 4  ? -14.540 6.135   15.785  1.00 167.38 ? 13  DC D OP2   1 
ATOM   779 O  "O5'" . DC D 4 4  ? -12.125 6.000   16.360  1.00 125.00 ? 13  DC D "O5'" 1 
ATOM   780 C  "C5'" . DC D 4 4  ? -11.698 7.125   15.612  1.00 123.66 ? 13  DC D "C5'" 1 
ATOM   781 C  "C4'" . DC D 4 4  ? -10.465 7.722   16.228  1.00 151.94 ? 13  DC D "C4'" 1 
ATOM   782 O  "O4'" . DC D 4 4  ? -9.743  8.395   15.175  1.00 162.86 ? 13  DC D "O4'" 1 
ATOM   783 C  "C3'" . DC D 4 4  ? -10.744 8.772   17.295  1.00 181.20 ? 13  DC D "C3'" 1 
ATOM   784 O  "O3'" . DC D 4 4  ? -9.745  8.673   18.315  1.00 214.48 ? 13  DC D "O3'" 1 
ATOM   785 C  "C2'" . DC D 4 4  ? -10.708 10.079  16.522  1.00 179.18 ? 13  DC D "C2'" 1 
ATOM   786 C  "C1'" . DC D 4 4  ? -9.745  9.799   15.373  1.00 158.66 ? 13  DC D "C1'" 1 
ATOM   787 N  N1    . DC D 4 4  ? -10.132 10.435  14.100  1.00 134.05 ? 13  DC D N1    1 
ATOM   788 C  C2    . DC D 4 4  ? -9.268  11.381  13.516  1.00 120.07 ? 13  DC D C2    1 
ATOM   789 O  O2    . DC D 4 4  ? -8.190  11.640  14.078  1.00 110.45 ? 13  DC D O2    1 
ATOM   790 N  N3    . DC D 4 4  ? -9.633  11.984  12.359  1.00 102.70 ? 13  DC D N3    1 
ATOM   791 C  C4    . DC D 4 4  ? -10.804 11.677  11.786  1.00 116.35 ? 13  DC D C4    1 
ATOM   792 N  N4    . DC D 4 4  ? -11.124 12.301  10.646  1.00 110.34 ? 13  DC D N4    1 
ATOM   793 C  C5    . DC D 4 4  ? -11.699 10.715  12.357  1.00 100.13 ? 13  DC D C5    1 
ATOM   794 C  C6    . DC D 4 4  ? -11.323 10.121  13.499  1.00 106.54 ? 13  DC D C6    1 
ATOM   795 P  P     . DT D 4 5  ? -9.942  9.408   19.716  1.00 211.33 ? 14  DT D P     1 
ATOM   796 O  OP1   . DT D 4 5  ? -9.068  8.726   20.704  1.00 211.75 ? 14  DT D OP1   1 
ATOM   797 O  OP2   . DT D 4 5  ? -11.398 9.504   19.982  1.00 222.87 ? 14  DT D OP2   1 
ATOM   798 O  "O5'" . DT D 4 5  ? -9.341  10.859  19.438  1.00 193.20 ? 14  DT D "O5'" 1 
ATOM   799 C  "C5'" . DT D 4 5  ? -7.940  11.016  19.161  1.00 184.52 ? 14  DT D "C5'" 1 
ATOM   800 C  "C4'" . DT D 4 5  ? -7.616  12.449  18.816  1.00 188.15 ? 14  DT D "C4'" 1 
ATOM   801 O  "O4'" . DT D 4 5  ? -8.107  12.768  17.488  1.00 178.18 ? 14  DT D "O4'" 1 
ATOM   802 C  "C3'" . DT D 4 5  ? -8.212  13.512  19.752  1.00 198.77 ? 14  DT D "C3'" 1 
ATOM   803 O  "O3'" . DT D 4 5  ? -7.176  14.453  20.083  1.00 234.68 ? 14  DT D "O3'" 1 
ATOM   804 C  "C2'" . DT D 4 5  ? -9.284  14.151  18.887  1.00 185.28 ? 14  DT D "C2'" 1 
ATOM   805 C  "C1'" . DT D 4 5  ? -8.561  14.101  17.562  1.00 173.10 ? 14  DT D "C1'" 1 
ATOM   806 N  N1    . DT D 4 5  ? -9.342  14.414  16.346  1.00 151.38 ? 14  DT D N1    1 
ATOM   807 C  C2    . DT D 4 5  ? -8.833  15.361  15.476  1.00 143.33 ? 14  DT D C2    1 
ATOM   808 O  O2    . DT D 4 5  ? -7.759  15.918  15.646  1.00 150.15 ? 14  DT D O2    1 
ATOM   809 N  N3    . DT D 4 5  ? -9.628  15.622  14.384  1.00 129.06 ? 14  DT D N3    1 
ATOM   810 C  C4    . DT D 4 5  ? -10.855 15.056  14.089  1.00 130.29 ? 14  DT D C4    1 
ATOM   811 O  O4    . DT D 4 5  ? -11.459 15.401  13.071  1.00 116.88 ? 14  DT D O4    1 
ATOM   812 C  C5    . DT D 4 5  ? -11.331 14.075  15.049  1.00 123.41 ? 14  DT D C5    1 
ATOM   813 C  C7    . DT D 4 5  ? -12.645 13.399  14.810  1.00 100.15 ? 14  DT D C7    1 
ATOM   814 C  C6    . DT D 4 5  ? -10.562 13.812  16.117  1.00 130.79 ? 14  DT D C6    1 
ATOM   815 P  P     . DG D 4 6  ? -7.374  15.579  21.225  1.00 243.20 ? 15  DG D P     1 
ATOM   816 O  OP1   . DG D 4 6  ? -7.391  14.900  22.548  1.00 253.74 ? 15  DG D OP1   1 
ATOM   817 O  OP2   . DG D 4 6  ? -8.503  16.456  20.842  1.00 196.74 ? 15  DG D OP2   1 
ATOM   818 O  "O5'" . DG D 4 6  ? -6.040  16.448  21.111  1.00 231.74 ? 15  DG D "O5'" 1 
ATOM   819 C  "C5'" . DG D 4 6  ? -5.385  16.716  19.845  1.00 217.07 ? 15  DG D "C5'" 1 
ATOM   820 C  "C4'" . DG D 4 6  ? -5.918  17.972  19.189  1.00 205.76 ? 15  DG D "C4'" 1 
ATOM   821 O  "O4'" . DG D 4 6  ? -6.970  17.637  18.256  1.00 188.25 ? 15  DG D "O4'" 1 
ATOM   822 C  "C3'" . DG D 4 6  ? -6.510  19.033  20.129  1.00 205.39 ? 15  DG D "C3'" 1 
ATOM   823 O  "O3'" . DG D 4 6  ? -5.613  20.129  20.399  1.00 223.07 ? 15  DG D "O3'" 1 
ATOM   824 C  "C2'" . DG D 4 6  ? -7.843  19.404  19.493  1.00 188.76 ? 15  DG D "C2'" 1 
ATOM   825 C  "C1'" . DG D 4 6  ? -7.794  18.774  18.114  1.00 173.42 ? 15  DG D "C1'" 1 
ATOM   826 N  N9    . DG D 4 6  ? -9.090  18.338  17.605  1.00 152.33 ? 15  DG D N9    1 
ATOM   827 C  C8    . DG D 4 6  ? -10.030 17.582  18.265  1.00 147.18 ? 15  DG D C8    1 
ATOM   828 N  N7    . DG D 4 6  ? -11.106 17.367  17.557  1.00 150.34 ? 15  DG D N7    1 
ATOM   829 C  C5    . DG D 4 6  ? -10.865 18.025  16.358  1.00 148.29 ? 15  DG D C5    1 
ATOM   830 C  C6    . DG D 4 6  ? -11.679 18.153  15.197  1.00 129.74 ? 15  DG D C6    1 
ATOM   831 O  O6    . DG D 4 6  ? -12.802 17.675  14.985  1.00 90.70  ? 15  DG D O6    1 
ATOM   832 N  N1    . DG D 4 6  ? -11.051 18.912  14.212  1.00 120.37 ? 15  DG D N1    1 
ATOM   833 C  C2    . DG D 4 6  ? -9.801  19.476  14.327  1.00 126.93 ? 15  DG D C2    1 
ATOM   834 N  N2    . DG D 4 6  ? -9.364  20.172  13.267  1.00 126.13 ? 15  DG D N2    1 
ATOM   835 N  N3    . DG D 4 6  ? -9.034  19.365  15.403  1.00 137.61 ? 15  DG D N3    1 
ATOM   836 C  C4    . DG D 4 6  ? -9.623  18.626  16.370  1.00 149.23 ? 15  DG D C4    1 
ATOM   837 P  P     . DC D 4 7  ? -5.353  21.314  19.332  1.00 228.52 ? 16  DC D P     1 
ATOM   838 O  OP1   . DC D 4 7  ? -5.382  20.740  17.964  1.00 236.36 ? 16  DC D OP1   1 
ATOM   839 O  OP2   . DC D 4 7  ? -4.165  22.086  19.784  1.00 223.63 ? 16  DC D OP2   1 
ATOM   840 O  "O5'" . DC D 4 7  ? -6.615  22.270  19.509  1.00 200.01 ? 16  DC D "O5'" 1 
ATOM   841 C  "C5'" . DC D 4 7  ? -6.634  23.581  18.912  1.00 195.53 ? 16  DC D "C5'" 1 
ATOM   842 C  "C4'" . DC D 4 7  ? -6.670  23.491  17.403  1.00 190.95 ? 16  DC D "C4'" 1 
ATOM   843 O  "O4'" . DC D 4 7  ? -7.604  22.461  16.998  1.00 167.23 ? 16  DC D "O4'" 1 
ATOM   844 C  "C3'" . DC D 4 7  ? -7.115  24.775  16.696  1.00 192.44 ? 16  DC D "C3'" 1 
ATOM   845 O  "O3'" . DC D 4 7  ? -6.340  25.037  15.520  1.00 205.25 ? 16  DC D "O3'" 1 
ATOM   846 C  "C2'" . DC D 4 7  ? -8.566  24.505  16.344  1.00 179.40 ? 16  DC D "C2'" 1 
ATOM   847 C  "C1'" . DC D 4 7  ? -8.569  23.006  16.108  1.00 170.68 ? 16  DC D "C1'" 1 
ATOM   848 N  N1    . DC D 4 7  ? -9.859  22.351  16.372  1.00 163.29 ? 16  DC D N1    1 
ATOM   849 C  C2    . DC D 4 7  ? -10.932 22.602  15.507  1.00 171.61 ? 16  DC D C2    1 
ATOM   850 O  O2    . DC D 4 7  ? -10.763 23.377  14.552  1.00 180.09 ? 16  DC D O2    1 
ATOM   851 N  N3    . DC D 4 7  ? -12.122 21.993  15.733  1.00 156.61 ? 16  DC D N3    1 
ATOM   852 C  C4    . DC D 4 7  ? -12.263 21.171  16.779  1.00 150.47 ? 16  DC D C4    1 
ATOM   853 N  N4    . DC D 4 7  ? -13.456 20.601  16.972  1.00 139.09 ? 16  DC D N4    1 
ATOM   854 C  C5    . DC D 4 7  ? -11.192 20.913  17.683  1.00 157.06 ? 16  DC D C5    1 
ATOM   855 C  C6    . DC D 4 7  ? -10.018 21.514  17.443  1.00 152.43 ? 16  DC D C6    1 
HETATM 856 MG MG    . MG E 5 .  ? 3.107   -4.238  3.406   1.00 74.19  ? 101 MG B MG    1 
HETATM 857 MG MG    . MG F 5 .  ? -9.534  11.231  3.191   1.00 68.77  ? 101 MG D MG    1 
# 
loop_
_pdbx_poly_seq_scheme.asym_id 
_pdbx_poly_seq_scheme.entity_id 
_pdbx_poly_seq_scheme.seq_id 
_pdbx_poly_seq_scheme.mon_id 
_pdbx_poly_seq_scheme.ndb_seq_num 
_pdbx_poly_seq_scheme.pdb_seq_num 
_pdbx_poly_seq_scheme.auth_seq_num 
_pdbx_poly_seq_scheme.pdb_mon_id 
_pdbx_poly_seq_scheme.auth_mon_id 
_pdbx_poly_seq_scheme.pdb_strand_id 
_pdbx_poly_seq_scheme.pdb_ins_code 
_pdbx_poly_seq_scheme.hetero 
A 1 1  DG 1  1  1  DG DG A . n 
A 1 2  DA 2  2  2  DA DA A . n 
A 1 3  DG 3  3  3  DG DG A . n 
A 1 4  DC 4  4  4  DC DC A . n 
A 1 5  DA 5  5  5  DA DA A . n 
A 1 6  DG 6  6  6  DG DG A . n 
A 1 7  DA 7  7  7  DA DA A . n 
A 1 8  DC 8  8  8  DC DC A . n 
A 1 9  DA 9  9  9  DA DA A . n 
A 1 10 DA 10 10 10 DA DA A . n 
A 1 11 DG 11 11 11 DG DG A . n 
A 1 12 DA 12 12 12 DA DA A . n 
A 1 13 DC 13 13 13 DC DC A . n 
A 1 14 DT 14 14 14 DT DT A . n 
A 1 15 DG 15 15 15 DG DG A . n 
A 1 16 DC 16 16 16 DC DC A . n 
A 1 17 DA 17 17 17 DA DA A . n 
A 1 18 DC 18 18 18 DC DC A . n 
A 1 19 DT 19 19 19 DT DT A . n 
A 1 20 DC 20 20 20 DC DC A . n 
A 1 21 DA 21 21 21 DA DA A . n 
B 2 1  DA 1  1  1  DA DA B . n 
B 2 2  DG 2  2  2  DG DG B . n 
B 2 3  DT 3  3  3  DT DT B . n 
B 2 4  DC 4  4  4  DC DC B . n 
B 2 5  DT 5  5  5  DT DT B . n 
C 3 1  DT 1  1  1  DT DT C . n 
C 3 2  DC 2  2  2  DC DC C . n 
C 3 3  DT 3  3  3  DT DT C . n 
C 3 4  DG 4  4  4  DG DG C . n 
C 3 5  DA 5  5  5  DA DA C . n 
C 3 6  DG 6  6  6  DG DG C . n 
C 3 7  DT 7  7  7  DT DT C . n 
C 3 8  DG 8  8  8  DG DG C . n 
C 3 9  DC 9  9  9  DC DC C . n 
D 4 1  DT 1  10 10 DT DT D . n 
D 4 2  DG 2  11 11 DG DG D . n 
D 4 3  DT 3  12 12 DT DT D . n 
D 4 4  DC 4  13 13 DC DC D . n 
D 4 5  DT 5  14 14 DT DT D . n 
D 4 6  DG 6  15 15 DG DG D . n 
D 4 7  DC 7  16 16 DC DC D . n 
# 
loop_
_pdbx_nonpoly_scheme.asym_id 
_pdbx_nonpoly_scheme.entity_id 
_pdbx_nonpoly_scheme.mon_id 
_pdbx_nonpoly_scheme.ndb_seq_num 
_pdbx_nonpoly_scheme.pdb_seq_num 
_pdbx_nonpoly_scheme.auth_seq_num 
_pdbx_nonpoly_scheme.pdb_mon_id 
_pdbx_nonpoly_scheme.auth_mon_id 
_pdbx_nonpoly_scheme.pdb_strand_id 
_pdbx_nonpoly_scheme.pdb_ins_code 
E 5 MG 1 101 2 MG MG B . 
F 5 MG 1 101 3 MG MG D . 
# 
_pdbx_struct_assembly.id                   1 
_pdbx_struct_assembly.details              author_defined_assembly 
_pdbx_struct_assembly.method_details       ? 
_pdbx_struct_assembly.oligomeric_details   tetrameric 
_pdbx_struct_assembly.oligomeric_count     4 
# 
_pdbx_struct_assembly_gen.assembly_id       1 
_pdbx_struct_assembly_gen.oper_expression   1 
_pdbx_struct_assembly_gen.asym_id_list      A,B,C,D,E,F 
# 
_pdbx_struct_oper_list.id                   1 
_pdbx_struct_oper_list.type                 'identity operation' 
_pdbx_struct_oper_list.name                 1_555 
_pdbx_struct_oper_list.symmetry_operation   x,y,z 
_pdbx_struct_oper_list.matrix[1][1]         1.0000000000 
_pdbx_struct_oper_list.matrix[1][2]         0.0000000000 
_pdbx_struct_oper_list.matrix[1][3]         0.0000000000 
_pdbx_struct_oper_list.vector[1]            0.0000000000 
_pdbx_struct_oper_list.matrix[2][1]         0.0000000000 
_pdbx_struct_oper_list.matrix[2][2]         1.0000000000 
_pdbx_struct_oper_list.matrix[2][3]         0.0000000000 
_pdbx_struct_oper_list.vector[2]            0.0000000000 
_pdbx_struct_oper_list.matrix[3][1]         0.0000000000 
_pdbx_struct_oper_list.matrix[3][2]         0.0000000000 
_pdbx_struct_oper_list.matrix[3][3]         1.0000000000 
_pdbx_struct_oper_list.vector[3]            0.0000000000 
# 
loop_
_pdbx_audit_revision_history.ordinal 
_pdbx_audit_revision_history.data_content_type 
_pdbx_audit_revision_history.major_revision 
_pdbx_audit_revision_history.minor_revision 
_pdbx_audit_revision_history.revision_date 
1 'Structure model' 1 0 2021-07-14 
2 'Structure model' 1 1 2022-07-06 
3 'Structure model' 1 2 2023-10-18 
# 
_pdbx_audit_revision_details.ordinal             1 
_pdbx_audit_revision_details.revision_ordinal    1 
_pdbx_audit_revision_details.data_content_type   'Structure model' 
_pdbx_audit_revision_details.provider            repository 
_pdbx_audit_revision_details.type                'Initial release' 
_pdbx_audit_revision_details.description         ? 
_pdbx_audit_revision_details.details             ? 
# 
loop_
_pdbx_audit_revision_group.ordinal 
_pdbx_audit_revision_group.revision_ordinal 
_pdbx_audit_revision_group.data_content_type 
_pdbx_audit_revision_group.group 
1 2 'Structure model' 'Database references'    
2 3 'Structure model' 'Data collection'        
3 3 'Structure model' 'Refinement description' 
# 
loop_
_pdbx_audit_revision_category.ordinal 
_pdbx_audit_revision_category.revision_ordinal 
_pdbx_audit_revision_category.data_content_type 
_pdbx_audit_revision_category.category 
1 2 'Structure model' citation                      
2 2 'Structure model' citation_author               
3 2 'Structure model' database_2                    
4 3 'Structure model' chem_comp_atom                
5 3 'Structure model' chem_comp_bond                
6 3 'Structure model' pdbx_initial_refinement_model 
# 
loop_
_pdbx_audit_revision_item.ordinal 
_pdbx_audit_revision_item.revision_ordinal 
_pdbx_audit_revision_item.data_content_type 
_pdbx_audit_revision_item.item 
1  2 'Structure model' '_citation.country'                   
2  2 'Structure model' '_citation.journal_abbrev'            
3  2 'Structure model' '_citation.journal_id_CSD'            
4  2 'Structure model' '_citation.journal_id_ISSN'           
5  2 'Structure model' '_citation.journal_volume'            
6  2 'Structure model' '_citation.page_first'                
7  2 'Structure model' '_citation.page_last'                 
8  2 'Structure model' '_citation.pdbx_database_id_DOI'      
9  2 'Structure model' '_citation.pdbx_database_id_PubMed'   
10 2 'Structure model' '_citation.title'                     
11 2 'Structure model' '_citation.year'                      
12 2 'Structure model' '_database_2.pdbx_DOI'                
13 2 'Structure model' '_database_2.pdbx_database_accession' 
# 
loop_
_software.citation_id 
_software.classification 
_software.compiler_name 
_software.compiler_version 
_software.contact_author 
_software.contact_author_email 
_software.date 
_software.description 
_software.dependencies 
_software.hardware 
_software.language 
_software.location 
_software.mods 
_software.name 
_software.os 
_software.os_version 
_software.type 
_software.version 
_software.pdbx_ordinal 
? 'data reduction'  ? ? ? ? ? ? ? ? ? ? ? HKL-2000    ? ? ? .           1 
? 'data scaling'    ? ? ? ? ? ? ? ? ? ? ? HKL-2000    ? ? ? .           2 
? refinement        ? ? ? ? ? ? ? ? ? ? ? PHENIX      ? ? ? 1.11.1_2575 3 
? 'data extraction' ? ? ? ? ? ? ? ? ? ? ? PDB_EXTRACT ? ? ? 3.25        4 
? phasing           ? ? ? ? ? ? ? ? ? ? ? PHASER      ? ? ? .           5 
# 
_pdbx_entry_details.entry_id                 6WT1 
_pdbx_entry_details.has_ligand_of_interest   N 
_pdbx_entry_details.compound_details         ? 
_pdbx_entry_details.source_details           ? 
_pdbx_entry_details.nonpolymer_details       ? 
_pdbx_entry_details.sequence_details         ? 
# 
_pdbx_validate_symm_contact.id                1 
_pdbx_validate_symm_contact.PDB_model_num     1 
_pdbx_validate_symm_contact.auth_atom_id_1    "O3'" 
_pdbx_validate_symm_contact.auth_asym_id_1    C 
_pdbx_validate_symm_contact.auth_comp_id_1    DC 
_pdbx_validate_symm_contact.auth_seq_id_1     9 
_pdbx_validate_symm_contact.PDB_ins_code_1    ? 
_pdbx_validate_symm_contact.label_alt_id_1    ? 
_pdbx_validate_symm_contact.site_symmetry_1   1_555 
_pdbx_validate_symm_contact.auth_atom_id_2    OP2 
_pdbx_validate_symm_contact.auth_asym_id_2    D 
_pdbx_validate_symm_contact.auth_comp_id_2    DT 
_pdbx_validate_symm_contact.auth_seq_id_2     10 
_pdbx_validate_symm_contact.PDB_ins_code_2    ? 
_pdbx_validate_symm_contact.label_alt_id_2    ? 
_pdbx_validate_symm_contact.site_symmetry_2   2_554 
_pdbx_validate_symm_contact.dist              1.38 
# 
loop_
_pdbx_validate_rmsd_angle.id 
_pdbx_validate_rmsd_angle.PDB_model_num 
_pdbx_validate_rmsd_angle.auth_atom_id_1 
_pdbx_validate_rmsd_angle.auth_asym_id_1 
_pdbx_validate_rmsd_angle.auth_comp_id_1 
_pdbx_validate_rmsd_angle.auth_seq_id_1 
_pdbx_validate_rmsd_angle.PDB_ins_code_1 
_pdbx_validate_rmsd_angle.label_alt_id_1 
_pdbx_validate_rmsd_angle.auth_atom_id_2 
_pdbx_validate_rmsd_angle.auth_asym_id_2 
_pdbx_validate_rmsd_angle.auth_comp_id_2 
_pdbx_validate_rmsd_angle.auth_seq_id_2 
_pdbx_validate_rmsd_angle.PDB_ins_code_2 
_pdbx_validate_rmsd_angle.label_alt_id_2 
_pdbx_validate_rmsd_angle.auth_atom_id_3 
_pdbx_validate_rmsd_angle.auth_asym_id_3 
_pdbx_validate_rmsd_angle.auth_comp_id_3 
_pdbx_validate_rmsd_angle.auth_seq_id_3 
_pdbx_validate_rmsd_angle.PDB_ins_code_3 
_pdbx_validate_rmsd_angle.label_alt_id_3 
_pdbx_validate_rmsd_angle.angle_value 
_pdbx_validate_rmsd_angle.angle_target_value 
_pdbx_validate_rmsd_angle.angle_deviation 
_pdbx_validate_rmsd_angle.angle_standard_deviation 
_pdbx_validate_rmsd_angle.linker_flag 
1 1 "O5'" B DA 1 ? ? P     B DA 1 ? ? OP1   B DA 1 ? ? 99.74  105.70 -5.96 0.90 N 
2 1 "C1'" B DT 5 ? ? "O4'" B DT 5 ? ? "C4'" B DT 5 ? ? 103.36 110.10 -6.74 1.00 N 
# 
loop_
_chem_comp_atom.comp_id 
_chem_comp_atom.atom_id 
_chem_comp_atom.type_symbol 
_chem_comp_atom.pdbx_aromatic_flag 
_chem_comp_atom.pdbx_stereo_config 
_chem_comp_atom.pdbx_ordinal 
DA OP3    O  N N 1   
DA P      P  N N 2   
DA OP1    O  N N 3   
DA OP2    O  N N 4   
DA "O5'"  O  N N 5   
DA "C5'"  C  N N 6   
DA "C4'"  C  N R 7   
DA "O4'"  O  N N 8   
DA "C3'"  C  N S 9   
DA "O3'"  O  N N 10  
DA "C2'"  C  N N 11  
DA "C1'"  C  N R 12  
DA N9     N  Y N 13  
DA C8     C  Y N 14  
DA N7     N  Y N 15  
DA C5     C  Y N 16  
DA C6     C  Y N 17  
DA N6     N  N N 18  
DA N1     N  Y N 19  
DA C2     C  Y N 20  
DA N3     N  Y N 21  
DA C4     C  Y N 22  
DA HOP3   H  N N 23  
DA HOP2   H  N N 24  
DA "H5'"  H  N N 25  
DA "H5''" H  N N 26  
DA "H4'"  H  N N 27  
DA "H3'"  H  N N 28  
DA "HO3'" H  N N 29  
DA "H2'"  H  N N 30  
DA "H2''" H  N N 31  
DA "H1'"  H  N N 32  
DA H8     H  N N 33  
DA H61    H  N N 34  
DA H62    H  N N 35  
DA H2     H  N N 36  
DC OP3    O  N N 37  
DC P      P  N N 38  
DC OP1    O  N N 39  
DC OP2    O  N N 40  
DC "O5'"  O  N N 41  
DC "C5'"  C  N N 42  
DC "C4'"  C  N R 43  
DC "O4'"  O  N N 44  
DC "C3'"  C  N S 45  
DC "O3'"  O  N N 46  
DC "C2'"  C  N N 47  
DC "C1'"  C  N R 48  
DC N1     N  N N 49  
DC C2     C  N N 50  
DC O2     O  N N 51  
DC N3     N  N N 52  
DC C4     C  N N 53  
DC N4     N  N N 54  
DC C5     C  N N 55  
DC C6     C  N N 56  
DC HOP3   H  N N 57  
DC HOP2   H  N N 58  
DC "H5'"  H  N N 59  
DC "H5''" H  N N 60  
DC "H4'"  H  N N 61  
DC "H3'"  H  N N 62  
DC "HO3'" H  N N 63  
DC "H2'"  H  N N 64  
DC "H2''" H  N N 65  
DC "H1'"  H  N N 66  
DC H41    H  N N 67  
DC H42    H  N N 68  
DC H5     H  N N 69  
DC H6     H  N N 70  
DG OP3    O  N N 71  
DG P      P  N N 72  
DG OP1    O  N N 73  
DG OP2    O  N N 74  
DG "O5'"  O  N N 75  
DG "C5'"  C  N N 76  
DG "C4'"  C  N R 77  
DG "O4'"  O  N N 78  
DG "C3'"  C  N S 79  
DG "O3'"  O  N N 80  
DG "C2'"  C  N N 81  
DG "C1'"  C  N R 82  
DG N9     N  Y N 83  
DG C8     C  Y N 84  
DG N7     N  Y N 85  
DG C5     C  Y N 86  
DG C6     C  N N 87  
DG O6     O  N N 88  
DG N1     N  N N 89  
DG C2     C  N N 90  
DG N2     N  N N 91  
DG N3     N  N N 92  
DG C4     C  Y N 93  
DG HOP3   H  N N 94  
DG HOP2   H  N N 95  
DG "H5'"  H  N N 96  
DG "H5''" H  N N 97  
DG "H4'"  H  N N 98  
DG "H3'"  H  N N 99  
DG "HO3'" H  N N 100 
DG "H2'"  H  N N 101 
DG "H2''" H  N N 102 
DG "H1'"  H  N N 103 
DG H8     H  N N 104 
DG H1     H  N N 105 
DG H21    H  N N 106 
DG H22    H  N N 107 
DT OP3    O  N N 108 
DT P      P  N N 109 
DT OP1    O  N N 110 
DT OP2    O  N N 111 
DT "O5'"  O  N N 112 
DT "C5'"  C  N N 113 
DT "C4'"  C  N R 114 
DT "O4'"  O  N N 115 
DT "C3'"  C  N S 116 
DT "O3'"  O  N N 117 
DT "C2'"  C  N N 118 
DT "C1'"  C  N R 119 
DT N1     N  N N 120 
DT C2     C  N N 121 
DT O2     O  N N 122 
DT N3     N  N N 123 
DT C4     C  N N 124 
DT O4     O  N N 125 
DT C5     C  N N 126 
DT C7     C  N N 127 
DT C6     C  N N 128 
DT HOP3   H  N N 129 
DT HOP2   H  N N 130 
DT "H5'"  H  N N 131 
DT "H5''" H  N N 132 
DT "H4'"  H  N N 133 
DT "H3'"  H  N N 134 
DT "HO3'" H  N N 135 
DT "H2'"  H  N N 136 
DT "H2''" H  N N 137 
DT "H1'"  H  N N 138 
DT H3     H  N N 139 
DT H71    H  N N 140 
DT H72    H  N N 141 
DT H73    H  N N 142 
DT H6     H  N N 143 
MG MG     MG N N 144 
# 
loop_
_chem_comp_bond.comp_id 
_chem_comp_bond.atom_id_1 
_chem_comp_bond.atom_id_2 
_chem_comp_bond.value_order 
_chem_comp_bond.pdbx_aromatic_flag 
_chem_comp_bond.pdbx_stereo_config 
_chem_comp_bond.pdbx_ordinal 
DA OP3   P      sing N N 1   
DA OP3   HOP3   sing N N 2   
DA P     OP1    doub N N 3   
DA P     OP2    sing N N 4   
DA P     "O5'"  sing N N 5   
DA OP2   HOP2   sing N N 6   
DA "O5'" "C5'"  sing N N 7   
DA "C5'" "C4'"  sing N N 8   
DA "C5'" "H5'"  sing N N 9   
DA "C5'" "H5''" sing N N 10  
DA "C4'" "O4'"  sing N N 11  
DA "C4'" "C3'"  sing N N 12  
DA "C4'" "H4'"  sing N N 13  
DA "O4'" "C1'"  sing N N 14  
DA "C3'" "O3'"  sing N N 15  
DA "C3'" "C2'"  sing N N 16  
DA "C3'" "H3'"  sing N N 17  
DA "O3'" "HO3'" sing N N 18  
DA "C2'" "C1'"  sing N N 19  
DA "C2'" "H2'"  sing N N 20  
DA "C2'" "H2''" sing N N 21  
DA "C1'" N9     sing N N 22  
DA "C1'" "H1'"  sing N N 23  
DA N9    C8     sing Y N 24  
DA N9    C4     sing Y N 25  
DA C8    N7     doub Y N 26  
DA C8    H8     sing N N 27  
DA N7    C5     sing Y N 28  
DA C5    C6     sing Y N 29  
DA C5    C4     doub Y N 30  
DA C6    N6     sing N N 31  
DA C6    N1     doub Y N 32  
DA N6    H61    sing N N 33  
DA N6    H62    sing N N 34  
DA N1    C2     sing Y N 35  
DA C2    N3     doub Y N 36  
DA C2    H2     sing N N 37  
DA N3    C4     sing Y N 38  
DC OP3   P      sing N N 39  
DC OP3   HOP3   sing N N 40  
DC P     OP1    doub N N 41  
DC P     OP2    sing N N 42  
DC P     "O5'"  sing N N 43  
DC OP2   HOP2   sing N N 44  
DC "O5'" "C5'"  sing N N 45  
DC "C5'" "C4'"  sing N N 46  
DC "C5'" "H5'"  sing N N 47  
DC "C5'" "H5''" sing N N 48  
DC "C4'" "O4'"  sing N N 49  
DC "C4'" "C3'"  sing N N 50  
DC "C4'" "H4'"  sing N N 51  
DC "O4'" "C1'"  sing N N 52  
DC "C3'" "O3'"  sing N N 53  
DC "C3'" "C2'"  sing N N 54  
DC "C3'" "H3'"  sing N N 55  
DC "O3'" "HO3'" sing N N 56  
DC "C2'" "C1'"  sing N N 57  
DC "C2'" "H2'"  sing N N 58  
DC "C2'" "H2''" sing N N 59  
DC "C1'" N1     sing N N 60  
DC "C1'" "H1'"  sing N N 61  
DC N1    C2     sing N N 62  
DC N1    C6     sing N N 63  
DC C2    O2     doub N N 64  
DC C2    N3     sing N N 65  
DC N3    C4     doub N N 66  
DC C4    N4     sing N N 67  
DC C4    C5     sing N N 68  
DC N4    H41    sing N N 69  
DC N4    H42    sing N N 70  
DC C5    C6     doub N N 71  
DC C5    H5     sing N N 72  
DC C6    H6     sing N N 73  
DG OP3   P      sing N N 74  
DG OP3   HOP3   sing N N 75  
DG P     OP1    doub N N 76  
DG P     OP2    sing N N 77  
DG P     "O5'"  sing N N 78  
DG OP2   HOP2   sing N N 79  
DG "O5'" "C5'"  sing N N 80  
DG "C5'" "C4'"  sing N N 81  
DG "C5'" "H5'"  sing N N 82  
DG "C5'" "H5''" sing N N 83  
DG "C4'" "O4'"  sing N N 84  
DG "C4'" "C3'"  sing N N 85  
DG "C4'" "H4'"  sing N N 86  
DG "O4'" "C1'"  sing N N 87  
DG "C3'" "O3'"  sing N N 88  
DG "C3'" "C2'"  sing N N 89  
DG "C3'" "H3'"  sing N N 90  
DG "O3'" "HO3'" sing N N 91  
DG "C2'" "C1'"  sing N N 92  
DG "C2'" "H2'"  sing N N 93  
DG "C2'" "H2''" sing N N 94  
DG "C1'" N9     sing N N 95  
DG "C1'" "H1'"  sing N N 96  
DG N9    C8     sing Y N 97  
DG N9    C4     sing Y N 98  
DG C8    N7     doub Y N 99  
DG C8    H8     sing N N 100 
DG N7    C5     sing Y N 101 
DG C5    C6     sing N N 102 
DG C5    C4     doub Y N 103 
DG C6    O6     doub N N 104 
DG C6    N1     sing N N 105 
DG N1    C2     sing N N 106 
DG N1    H1     sing N N 107 
DG C2    N2     sing N N 108 
DG C2    N3     doub N N 109 
DG N2    H21    sing N N 110 
DG N2    H22    sing N N 111 
DG N3    C4     sing N N 112 
DT OP3   P      sing N N 113 
DT OP3   HOP3   sing N N 114 
DT P     OP1    doub N N 115 
DT P     OP2    sing N N 116 
DT P     "O5'"  sing N N 117 
DT OP2   HOP2   sing N N 118 
DT "O5'" "C5'"  sing N N 119 
DT "C5'" "C4'"  sing N N 120 
DT "C5'" "H5'"  sing N N 121 
DT "C5'" "H5''" sing N N 122 
DT "C4'" "O4'"  sing N N 123 
DT "C4'" "C3'"  sing N N 124 
DT "C4'" "H4'"  sing N N 125 
DT "O4'" "C1'"  sing N N 126 
DT "C3'" "O3'"  sing N N 127 
DT "C3'" "C2'"  sing N N 128 
DT "C3'" "H3'"  sing N N 129 
DT "O3'" "HO3'" sing N N 130 
DT "C2'" "C1'"  sing N N 131 
DT "C2'" "H2'"  sing N N 132 
DT "C2'" "H2''" sing N N 133 
DT "C1'" N1     sing N N 134 
DT "C1'" "H1'"  sing N N 135 
DT N1    C2     sing N N 136 
DT N1    C6     sing N N 137 
DT C2    O2     doub N N 138 
DT C2    N3     sing N N 139 
DT N3    C4     sing N N 140 
DT N3    H3     sing N N 141 
DT C4    O4     doub N N 142 
DT C4    C5     sing N N 143 
DT C5    C7     sing N N 144 
DT C5    C6     doub N N 145 
DT C7    H71    sing N N 146 
DT C7    H72    sing N N 147 
DT C7    H73    sing N N 148 
DT C6    H6     sing N N 149 
# 
loop_
_ndb_struct_conf_na.entry_id 
_ndb_struct_conf_na.feature 
6WT1 'double helix'        
6WT1 'a-form double helix' 
6WT1 'b-form double helix' 
# 
loop_
_ndb_struct_na_base_pair.model_number 
_ndb_struct_na_base_pair.i_label_asym_id 
_ndb_struct_na_base_pair.i_label_comp_id 
_ndb_struct_na_base_pair.i_label_seq_id 
_ndb_struct_na_base_pair.i_symmetry 
_ndb_struct_na_base_pair.j_label_asym_id 
_ndb_struct_na_base_pair.j_label_comp_id 
_ndb_struct_na_base_pair.j_label_seq_id 
_ndb_struct_na_base_pair.j_symmetry 
_ndb_struct_na_base_pair.shear 
_ndb_struct_na_base_pair.stretch 
_ndb_struct_na_base_pair.stagger 
_ndb_struct_na_base_pair.buckle 
_ndb_struct_na_base_pair.propeller 
_ndb_struct_na_base_pair.opening 
_ndb_struct_na_base_pair.pair_number 
_ndb_struct_na_base_pair.pair_name 
_ndb_struct_na_base_pair.i_auth_asym_id 
_ndb_struct_na_base_pair.i_auth_seq_id 
_ndb_struct_na_base_pair.i_PDB_ins_code 
_ndb_struct_na_base_pair.j_auth_asym_id 
_ndb_struct_na_base_pair.j_auth_seq_id 
_ndb_struct_na_base_pair.j_PDB_ins_code 
_ndb_struct_na_base_pair.hbond_type_28 
_ndb_struct_na_base_pair.hbond_type_12 
1 A DG 3  1_555 D DC 7 1_555 1.068  0.284  1.358  5.057   -13.553 -10.857 1  A_DG3:DC16_D A 3  ? D 16 ? 19 1 
1 A DC 4  1_555 D DG 6 1_555 -0.204 -0.004 0.549  -9.148  -23.661 -15.082 2  A_DC4:DG15_D A 4  ? D 15 ? 19 1 
1 A DG 6  1_555 D DC 4 1_555 -0.232 -0.153 0.013  6.011   -4.733  -11.822 3  A_DG6:DC13_D A 6  ? D 13 ? 19 1 
1 A DA 7  1_555 D DT 3 1_555 0.733  -0.094 0.043  0.411   0.920   -11.153 4  A_DA7:DT12_D A 7  ? D 12 ? 20 1 
1 A DC 8  1_555 D DG 2 1_555 -0.262 0.066  0.095  4.623   2.644   -1.169  5  A_DC8:DG11_D A 8  ? D 11 ? 19 1 
1 A DA 9  1_555 D DT 1 1_555 0.566  0.263  0.280  6.120   -7.095  -1.140  6  A_DA9:DT10_D A 9  ? D 10 ? 20 1 
1 A DA 10 1_555 B DT 5 1_555 0.419  0.150  0.720  10.296  1.645   -5.966  7  A_DA10:DT5_B A 10 ? B 5  ? 20 1 
1 A DG 11 1_555 B DC 4 1_555 -0.012 -0.045 0.535  18.586  0.907   -0.232  8  A_DG11:DC4_B A 11 ? B 4  ? 19 1 
1 A DA 12 1_555 B DT 3 1_555 0.458  -0.220 -0.035 6.951   -4.211  -7.692  9  A_DA12:DT3_B A 12 ? B 3  ? 20 1 
1 A DC 13 1_555 B DG 2 1_555 -0.165 -0.267 -0.174 5.346   -5.776  -4.658  10 A_DC13:DG2_B A 13 ? B 2  ? 19 1 
1 A DT 14 1_555 B DA 1 1_555 -0.261 -0.156 -0.236 6.853   -7.798  -7.647  11 A_DT14:DA1_B A 14 ? B 1  ? 20 1 
1 A DG 15 1_555 C DC 9 1_555 0.034  -0.233 0.448  3.590   8.850   3.970   12 A_DG15:DC9_C A 15 ? C 9  ? 19 1 
1 A DC 16 1_555 C DG 8 1_555 -0.393 -0.073 0.227  8.530   5.416   1.270   13 A_DC16:DG8_C A 16 ? C 8  ? 19 1 
1 A DA 17 1_555 C DT 7 1_555 0.871  0.030  0.576  7.279   0.716   -15.040 14 A_DA17:DT7_C A 17 ? C 7  ? 20 1 
1 A DC 18 1_555 C DG 6 1_555 0.348  -0.298 0.314  -0.889  -1.749  -3.107  15 A_DC18:DG6_C A 18 ? C 6  ? 19 1 
1 A DT 19 1_555 C DA 5 1_555 -0.176 -0.013 0.132  -5.299  -8.999  -1.220  16 A_DT19:DA5_C A 19 ? C 5  ? 20 1 
1 A DC 20 1_555 C DG 4 1_555 -0.414 0.126  0.027  -5.022  -9.385  -8.044  17 A_DC20:DG4_C A 20 ? C 4  ? 19 1 
1 A DA 21 1_555 C DT 3 1_555 0.649  0.239  0.096  -17.738 -18.126 -8.155  18 A_DA21:DT3_C A 21 ? C 3  ? 20 1 
# 
loop_
_ndb_struct_na_base_pair_step.model_number 
_ndb_struct_na_base_pair_step.i_label_asym_id_1 
_ndb_struct_na_base_pair_step.i_label_comp_id_1 
_ndb_struct_na_base_pair_step.i_label_seq_id_1 
_ndb_struct_na_base_pair_step.i_symmetry_1 
_ndb_struct_na_base_pair_step.j_label_asym_id_1 
_ndb_struct_na_base_pair_step.j_label_comp_id_1 
_ndb_struct_na_base_pair_step.j_label_seq_id_1 
_ndb_struct_na_base_pair_step.j_symmetry_1 
_ndb_struct_na_base_pair_step.i_label_asym_id_2 
_ndb_struct_na_base_pair_step.i_label_comp_id_2 
_ndb_struct_na_base_pair_step.i_label_seq_id_2 
_ndb_struct_na_base_pair_step.i_symmetry_2 
_ndb_struct_na_base_pair_step.j_label_asym_id_2 
_ndb_struct_na_base_pair_step.j_label_comp_id_2 
_ndb_struct_na_base_pair_step.j_label_seq_id_2 
_ndb_struct_na_base_pair_step.j_symmetry_2 
_ndb_struct_na_base_pair_step.shift 
_ndb_struct_na_base_pair_step.slide 
_ndb_struct_na_base_pair_step.rise 
_ndb_struct_na_base_pair_step.tilt 
_ndb_struct_na_base_pair_step.roll 
_ndb_struct_na_base_pair_step.twist 
_ndb_struct_na_base_pair_step.x_displacement 
_ndb_struct_na_base_pair_step.y_displacement 
_ndb_struct_na_base_pair_step.helical_rise 
_ndb_struct_na_base_pair_step.inclination 
_ndb_struct_na_base_pair_step.tip 
_ndb_struct_na_base_pair_step.helical_twist 
_ndb_struct_na_base_pair_step.step_number 
_ndb_struct_na_base_pair_step.step_name 
_ndb_struct_na_base_pair_step.i_auth_asym_id_1 
_ndb_struct_na_base_pair_step.i_auth_seq_id_1 
_ndb_struct_na_base_pair_step.i_PDB_ins_code_1 
_ndb_struct_na_base_pair_step.j_auth_asym_id_1 
_ndb_struct_na_base_pair_step.j_auth_seq_id_1 
_ndb_struct_na_base_pair_step.j_PDB_ins_code_1 
_ndb_struct_na_base_pair_step.i_auth_asym_id_2 
_ndb_struct_na_base_pair_step.i_auth_seq_id_2 
_ndb_struct_na_base_pair_step.i_PDB_ins_code_2 
_ndb_struct_na_base_pair_step.j_auth_asym_id_2 
_ndb_struct_na_base_pair_step.j_auth_seq_id_2 
_ndb_struct_na_base_pair_step.j_PDB_ins_code_2 
1 A DG 3  1_555 D DC 7 1_555 A DC 4  1_555 D DG 6 1_555 -0.050 -1.545 3.453 10.829 -2.050 27.924 -2.534 2.490  3.307 -4.054  
-21.414 29.980 1  AA_DG3DC4:DG15DC16_DD A 3  ? D 16 ? A 4  ? D 15 ? 
1 A DC 4  1_555 D DG 6 1_555 A DG 6  1_555 D DC 4 1_555 0.155  -0.610 6.377 3.988  4.414  66.524 -0.893 0.165  6.330 4.015   
-3.628  66.759 2  AA_DC4DG6:DC13DG15_DD A 4  ? D 15 ? A 6  ? D 13 ? 
1 A DG 6  1_555 D DC 4 1_555 A DA 7  1_555 D DT 3 1_555 -0.197 -1.231 3.336 -2.448 11.774 42.394 -2.727 0.037  2.917 15.901  3.306 
43.991 3  AA_DG6DA7:DT12DC13_DD A 6  ? D 13 ? A 7  ? D 12 ? 
1 A DA 7  1_555 D DT 3 1_555 A DC 8  1_555 D DG 2 1_555 0.461  -0.970 3.240 -4.012 -3.117 28.369 -1.254 -1.821 3.231 -6.296  8.103 
28.811 4  AA_DA7DC8:DG11DT12_DD A 7  ? D 12 ? A 8  ? D 11 ? 
1 A DC 8  1_555 D DG 2 1_555 A DA 9  1_555 D DT 1 1_555 -1.239 -0.871 3.056 -7.442 8.064  39.862 -2.055 1.002  3.006 11.565  
10.672  41.285 5  AA_DC8DA9:DT10DG11_DD A 8  ? D 11 ? A 9  ? D 10 ? 
1 A DA 9  1_555 D DT 1 1_555 A DA 10 1_555 B DT 5 1_555 -1.382 -1.208 3.145 -5.302 -4.912 28.292 -1.294 1.553  3.496 -9.848  
10.629  29.182 6  AA_DA9DA10:DT5DT10_BD A 9  ? D 10 ? A 10 ? B 5  ? 
1 A DA 10 1_555 B DT 5 1_555 A DG 11 1_555 B DC 4 1_555 0.215  -0.357 3.171 -0.495 -2.470 29.224 -0.188 -0.529 3.186 -4.885  0.979 
29.330 7  AA_DA10DG11:DC4DT5_BB A 10 ? B 5  ? A 11 ? B 4  ? 
1 A DG 11 1_555 B DC 4 1_555 A DA 12 1_555 B DT 3 1_555 0.134  -0.933 3.533 2.271  2.852  38.697 -1.774 0.095  3.461 4.292   
-3.418  38.861 8  AA_DG11DA12:DT3DC4_BB A 11 ? B 4  ? A 12 ? B 3  ? 
1 A DA 12 1_555 B DT 3 1_555 A DC 13 1_555 B DG 2 1_555 0.848  -1.333 3.261 -0.148 -2.001 37.306 -1.815 -1.343 3.322 -3.125  0.231 
37.358 9  AA_DA12DC13:DG2DT3_BB A 12 ? B 3  ? A 13 ? B 2  ? 
1 A DC 13 1_555 B DG 2 1_555 A DT 14 1_555 B DA 1 1_555 -0.431 -1.116 3.376 -0.254 -1.090 31.011 -1.868 0.756  3.416 -2.038  0.474 
31.031 10 AA_DC13DT14:DA1DG2_BB A 13 ? B 2  ? A 14 ? B 1  ? 
1 A DT 14 1_555 B DA 1 1_555 A DG 15 1_555 C DC 9 1_555 -0.535 -0.807 3.237 -6.887 1.929  31.113 -1.819 -0.279 3.224 3.537   
12.631  31.905 11 AA_DT14DG15:DC9DA1_CB A 14 ? B 1  ? A 15 ? C 9  ? 
1 A DG 15 1_555 C DC 9 1_555 A DC 16 1_555 C DG 8 1_555 -0.764 -0.505 3.259 3.022  3.158  20.855 -2.621 3.268  3.010 8.602   
-8.231  21.303 12 AA_DG15DC16:DG8DC9_CC A 15 ? C 9  ? A 16 ? C 8  ? 
1 A DC 16 1_555 C DG 8 1_555 A DA 17 1_555 C DT 7 1_555 -0.537 0.929  3.335 -1.343 -5.829 50.399 1.497  0.532  3.228 -6.817  1.570 
50.730 13 AA_DC16DA17:DT7DG8_CC A 16 ? C 8  ? A 17 ? C 7  ? 
1 A DA 17 1_555 C DT 7 1_555 A DC 18 1_555 C DG 6 1_555 0.751  -1.492 3.479 -1.847 5.096  33.846 -3.353 -1.572 3.183 8.684   3.148 
34.264 14 AA_DA17DC18:DG6DT7_CC A 17 ? C 7  ? A 18 ? C 6  ? 
1 A DC 18 1_555 C DG 6 1_555 A DT 19 1_555 C DA 5 1_555 -0.845 -0.823 3.411 2.721  -2.896 31.707 -0.947 2.049  3.389 -5.275  
-4.955  31.949 15 AA_DC18DT19:DA5DG6_CC A 18 ? C 6  ? A 19 ? C 5  ? 
1 A DT 19 1_555 C DA 5 1_555 A DC 20 1_555 C DG 4 1_555 0.240  0.184  3.385 1.296  -0.280 31.346 0.395  -0.191 3.390 -0.518  
-2.397  31.373 16 AA_DT19DC20:DG4DA5_CC A 19 ? C 5  ? A 20 ? C 4  ? 
1 A DC 20 1_555 C DG 4 1_555 A DA 21 1_555 C DT 3 1_555 -0.069 1.438  3.746 -0.642 -8.227 44.187 2.707  0.026  3.440 -10.825 0.845 
44.913 17 AA_DC20DA21:DT3DG4_CC A 20 ? C 4  ? A 21 ? C 3  ? 
# 
loop_
_pdbx_audit_support.funding_organization 
_pdbx_audit_support.country 
_pdbx_audit_support.grant_number 
_pdbx_audit_support.ordinal 
'National Science Foundation (NSF, United States)'                                         'United States' 1360635     1 
'National Institutes of Health/National Institute of General Medical Sciences (NIH/NIGMS)' 'United States' R01GM104960 2 
'National Science Foundation (NSF, United States)'                                         'United States' NSF2004250  3 
# 
_pdbx_entity_nonpoly.entity_id   5 
_pdbx_entity_nonpoly.name        'MAGNESIUM ION' 
_pdbx_entity_nonpoly.comp_id     MG 
# 
_pdbx_initial_refinement_model.id               1 
_pdbx_initial_refinement_model.entity_id_list   ? 
_pdbx_initial_refinement_model.type             'experimental model' 
_pdbx_initial_refinement_model.source_name      PDB 
_pdbx_initial_refinement_model.accession_code   5KEK 
_pdbx_initial_refinement_model.details          ? 
# 
_pdbx_struct_assembly_auth_evidence.id                     1 
_pdbx_struct_assembly_auth_evidence.assembly_id            1 
_pdbx_struct_assembly_auth_evidence.experimental_support   none 
_pdbx_struct_assembly_auth_evidence.details                ? 
# 
